data_9G78
#
_entry.id   9G78
#
_cell.length_a   1.00
_cell.length_b   1.00
_cell.length_c   1.00
_cell.angle_alpha   90.00
_cell.angle_beta   90.00
_cell.angle_gamma   90.00
#
_symmetry.space_group_name_H-M   'P 1'
#
loop_
_entity.id
_entity.type
_entity.pdbx_description
1 polymer 'Gamma-aminobutyric acid receptor subunit rho-1'
2 non-polymer 2-acetamido-2-deoxy-beta-D-glucopyranose
3 non-polymer Pregnanolone
4 non-polymer N-OCTANE
5 non-polymer DODECANE
6 non-polymer DECANE
7 non-polymer HEXANE
8 water water
#
_entity_poly.entity_id   1
_entity_poly.type   'polypeptide(L)'
_entity_poly.pdbx_seq_one_letter_code
;MLAVPNMRFGIFLLWWGWVLATESRMHWPGREVHEMSKKGRPQRQRREVHEDAHKQVSPILRRSPDITKSPLTKSEQLLR
IDDHDFSMRPGFGGPAIPVGVDVQVESLDSISEVDMDFTMTLYLRHYWKDERLSFPSTNNLSMTFDGRLVKKIWVPDMFF
VHSKRSFIHDTTTDNVMLRVQPDGKVLYSLRVTVTAMCNMDFSRFPLDTQTCSLEIESYAYTEDDLMLYWKKGNDSLKTD
ERISLSQFLIQEFHTTTKLAFYSSTGWYNRLYINFTLRRHIFFFLLQTYFPATLMVMLSWVSFWIDRRAVPARVPLGITT
VLTMSTIITGVNASMPRVSYIKAVDIYLWVSFVFVFLSVLEYAAVNYLTTVQERKEQKLREKLPCTSGLPPPRTAMLDGN
YSDGEVNDLDNYMPENGEKPDRMMVQLTLASERSSPQRKSQRSSYVSMRIDTHAIDKYSRIIFPAAYILFNLIYWSIFS
;
_entity_poly.pdbx_strand_id   A,B,C,D,E
#
loop_
_chem_comp.id
_chem_comp.type
_chem_comp.name
_chem_comp.formula
D10 non-polymer DECANE 'C10 H22'
D12 non-polymer DODECANE 'C12 H26'
HEX non-polymer HEXANE 'C6 H14'
NAG D-saccharide, beta linking 2-acetamido-2-deoxy-beta-D-glucopyranose 'C8 H15 N O6'
OCT non-polymer N-OCTANE 'C8 H18'
P9N non-polymer Pregnanolone 'C21 H34 O2'
#
# COMPACT_ATOMS: atom_id res chain seq x y z
N LYS A 74 -37.34 -1.54 38.57
CA LYS A 74 -36.36 -0.97 37.65
C LYS A 74 -35.15 -0.46 38.42
N SER A 75 -33.96 -0.87 37.97
CA SER A 75 -32.74 -0.49 38.68
C SER A 75 -32.45 0.99 38.51
N GLU A 76 -32.88 1.59 37.39
CA GLU A 76 -32.62 3.01 37.19
C GLU A 76 -33.52 3.89 38.03
N GLN A 77 -34.53 3.33 38.70
CA GLN A 77 -35.37 4.10 39.60
C GLN A 77 -34.82 4.17 41.01
N LEU A 78 -33.87 3.30 41.36
CA LEU A 78 -33.20 3.42 42.65
C LEU A 78 -32.36 4.68 42.71
N LEU A 79 -31.71 5.03 41.60
CA LEU A 79 -30.99 6.28 41.47
C LEU A 79 -31.94 7.35 40.96
N ARG A 80 -31.99 8.49 41.64
CA ARG A 80 -32.97 9.53 41.32
C ARG A 80 -32.42 10.30 40.13
N ILE A 81 -32.61 9.70 38.95
CA ILE A 81 -32.02 10.27 37.73
C ILE A 81 -32.72 11.57 37.35
N ASP A 82 -34.05 11.59 37.45
CA ASP A 82 -34.89 12.73 37.09
C ASP A 82 -34.91 13.82 38.16
N ASP A 83 -34.36 13.55 39.34
CA ASP A 83 -34.36 14.53 40.42
C ASP A 83 -33.08 15.34 40.51
N HIS A 84 -32.12 15.11 39.61
CA HIS A 84 -30.93 15.96 39.61
C HIS A 84 -30.61 16.41 38.19
N ASP A 85 -29.85 17.51 38.10
CA ASP A 85 -29.31 18.01 36.84
C ASP A 85 -27.89 17.46 36.65
N PHE A 86 -27.74 16.52 35.73
CA PHE A 86 -26.48 15.87 35.44
C PHE A 86 -25.70 16.56 34.34
N SER A 87 -26.04 17.81 34.02
CA SER A 87 -25.17 18.60 33.14
C SER A 87 -24.08 19.35 33.88
N MET A 88 -24.09 19.35 35.21
CA MET A 88 -23.02 20.01 35.95
C MET A 88 -22.18 18.98 36.69
N ARG A 89 -20.93 19.36 36.97
CA ARG A 89 -20.02 18.48 37.70
C ARG A 89 -20.46 18.37 39.16
N PRO A 90 -20.13 17.26 39.82
CA PRO A 90 -20.39 17.16 41.27
C PRO A 90 -19.61 18.23 42.04
N GLY A 91 -20.23 18.74 43.10
CA GLY A 91 -19.63 19.80 43.88
C GLY A 91 -19.51 21.12 43.15
N PHE A 92 -20.46 21.43 42.29
CA PHE A 92 -20.42 22.68 41.52
C PHE A 92 -20.54 23.88 42.47
N GLY A 93 -19.75 24.93 42.18
CA GLY A 93 -19.53 26.11 43.00
C GLY A 93 -18.55 25.93 44.14
N GLY A 94 -17.92 24.76 44.28
CA GLY A 94 -17.02 24.47 45.36
C GLY A 94 -15.63 24.09 44.92
N PRO A 95 -14.92 23.38 45.79
CA PRO A 95 -13.59 22.86 45.44
C PRO A 95 -13.65 21.85 44.30
N ALA A 96 -12.51 21.69 43.63
CA ALA A 96 -12.46 20.82 42.47
C ALA A 96 -12.54 19.37 42.91
N ILE A 97 -13.17 18.57 42.05
CA ILE A 97 -13.46 17.17 42.33
C ILE A 97 -12.28 16.34 41.83
N PRO A 98 -11.62 15.56 42.69
CA PRO A 98 -10.46 14.78 42.24
C PRO A 98 -10.89 13.56 41.46
N VAL A 99 -10.08 13.21 40.46
CA VAL A 99 -10.35 12.04 39.62
C VAL A 99 -9.07 11.25 39.46
N GLY A 100 -9.14 9.95 39.76
CA GLY A 100 -8.01 9.05 39.61
C GLY A 100 -8.09 8.29 38.29
N VAL A 101 -6.93 7.96 37.73
CA VAL A 101 -6.84 7.29 36.44
C VAL A 101 -5.88 6.12 36.55
N ASP A 102 -6.28 4.98 35.99
CA ASP A 102 -5.49 3.77 35.98
C ASP A 102 -5.36 3.26 34.54
N VAL A 103 -4.16 2.87 34.12
CA VAL A 103 -3.91 2.52 32.72
C VAL A 103 -3.26 1.15 32.65
N GLN A 104 -3.79 0.27 31.82
CA GLN A 104 -3.20 -1.04 31.56
C GLN A 104 -2.99 -1.16 30.06
N VAL A 105 -1.74 -1.35 29.64
CA VAL A 105 -1.38 -1.45 28.23
C VAL A 105 -1.51 -2.91 27.80
N GLU A 106 -2.24 -3.13 26.71
CA GLU A 106 -2.51 -4.48 26.24
C GLU A 106 -1.50 -4.92 25.17
N SER A 107 -1.26 -4.09 24.16
CA SER A 107 -0.29 -4.44 23.12
C SER A 107 0.07 -3.20 22.33
N LEU A 108 1.16 -3.30 21.58
CA LEU A 108 1.57 -2.30 20.59
C LEU A 108 1.37 -2.87 19.19
N ASP A 109 0.63 -2.13 18.36
CA ASP A 109 0.09 -2.68 17.12
C ASP A 109 1.06 -2.42 15.97
N SER A 110 1.46 -1.16 15.77
CA SER A 110 2.38 -0.99 14.66
C SER A 110 3.12 0.32 14.89
N ILE A 111 4.17 0.55 14.10
CA ILE A 111 4.92 1.80 14.15
C ILE A 111 5.31 2.19 12.74
N SER A 112 5.18 3.48 12.41
CA SER A 112 5.49 3.98 11.08
C SER A 112 6.65 4.96 11.18
N GLU A 113 7.78 4.63 10.54
CA GLU A 113 8.93 5.52 10.64
C GLU A 113 8.79 6.73 9.72
N VAL A 114 8.15 6.53 8.56
CA VAL A 114 8.02 7.62 7.59
C VAL A 114 7.06 8.68 8.11
N ASP A 115 5.91 8.27 8.63
CA ASP A 115 4.92 9.21 9.13
C ASP A 115 5.14 9.57 10.60
N MET A 116 6.03 8.87 11.31
CA MET A 116 6.36 9.16 12.70
C MET A 116 5.13 9.10 13.61
N ASP A 117 4.58 7.89 13.74
CA ASP A 117 3.47 7.65 14.66
C ASP A 117 3.48 6.19 15.09
N PHE A 118 2.69 5.89 16.13
CA PHE A 118 2.60 4.54 16.66
C PHE A 118 1.16 4.29 17.11
N THR A 119 0.81 3.01 17.23
CA THR A 119 -0.52 2.59 17.63
C THR A 119 -0.44 1.72 18.88
N MET A 120 -1.39 1.94 19.79
CA MET A 120 -1.44 1.31 21.09
C MET A 120 -2.90 1.00 21.44
N THR A 121 -3.09 -0.11 22.13
CA THR A 121 -4.39 -0.53 22.65
C THR A 121 -4.28 -0.69 24.16
N LEU A 122 -5.20 -0.09 24.90
CA LEU A 122 -5.08 -0.04 26.35
C LEU A 122 -6.45 0.00 27.00
N TYR A 123 -6.45 -0.20 28.33
CA TYR A 123 -7.62 -0.06 29.18
C TYR A 123 -7.57 1.26 29.93
N LEU A 124 -8.66 2.03 29.92
CA LEU A 124 -8.73 3.29 30.65
C LEU A 124 -9.76 3.19 31.75
N ARG A 125 -9.35 3.52 32.99
CA ARG A 125 -10.24 3.42 34.15
C ARG A 125 -10.25 4.75 34.90
N HIS A 126 -11.43 5.11 35.42
CA HIS A 126 -11.61 6.36 36.15
C HIS A 126 -12.23 6.08 37.52
N TYR A 127 -11.84 6.90 38.51
CA TYR A 127 -12.34 6.78 39.87
C TYR A 127 -12.76 8.15 40.39
N TRP A 128 -14.01 8.24 40.86
CA TRP A 128 -14.49 9.47 41.49
C TRP A 128 -15.71 9.11 42.33
N LYS A 129 -16.16 10.09 43.13
CA LYS A 129 -17.29 9.92 44.03
C LYS A 129 -18.36 10.95 43.72
N ASP A 130 -19.62 10.51 43.72
CA ASP A 130 -20.77 11.36 43.46
C ASP A 130 -21.85 11.00 44.45
N GLU A 131 -22.22 11.94 45.32
CA GLU A 131 -23.22 11.61 46.31
C GLU A 131 -24.62 11.52 45.73
N ARG A 132 -24.85 12.08 44.54
CA ARG A 132 -26.19 12.07 43.96
C ARG A 132 -26.59 10.68 43.48
N LEU A 133 -25.63 9.78 43.35
CA LEU A 133 -25.86 8.40 42.91
C LEU A 133 -26.01 7.42 44.05
N SER A 134 -26.01 7.90 45.31
CA SER A 134 -26.22 7.02 46.44
C SER A 134 -27.65 6.49 46.47
N PHE A 135 -27.79 5.23 46.86
CA PHE A 135 -29.04 4.48 46.91
C PHE A 135 -29.05 3.67 48.20
N PRO A 136 -30.20 3.55 48.85
CA PRO A 136 -30.30 2.68 50.02
C PRO A 136 -30.14 1.20 49.66
N SER A 137 -29.62 0.45 50.62
CA SER A 137 -29.40 -0.98 50.43
C SER A 137 -29.34 -1.68 51.79
N THR A 138 -29.83 -2.91 51.84
CA THR A 138 -29.77 -3.72 53.04
C THR A 138 -28.48 -4.55 53.14
N ASN A 139 -27.57 -4.40 52.17
CA ASN A 139 -26.32 -5.14 52.12
C ASN A 139 -25.26 -4.25 51.49
N ASN A 140 -24.13 -4.85 51.11
CA ASN A 140 -23.00 -4.12 50.55
C ASN A 140 -22.72 -4.52 49.09
N LEU A 141 -23.78 -4.87 48.34
CA LEU A 141 -23.64 -5.31 46.96
C LEU A 141 -23.78 -4.10 46.04
N SER A 142 -22.99 -4.08 44.97
CA SER A 142 -23.03 -2.99 44.00
C SER A 142 -23.82 -3.38 42.76
N MET A 143 -24.19 -2.37 41.97
CA MET A 143 -24.91 -2.56 40.71
C MET A 143 -24.01 -2.25 39.54
N THR A 144 -24.16 -3.03 38.47
CA THR A 144 -23.35 -2.90 37.27
C THR A 144 -24.21 -2.47 36.10
N PHE A 145 -23.77 -1.46 35.35
CA PHE A 145 -24.50 -0.97 34.20
C PHE A 145 -23.58 -0.89 32.99
N ASP A 146 -24.19 -0.90 31.80
CA ASP A 146 -23.44 -0.86 30.56
C ASP A 146 -23.38 0.58 30.07
N GLY A 147 -22.93 0.77 28.82
CA GLY A 147 -22.72 2.10 28.27
C GLY A 147 -23.97 2.90 28.06
N ARG A 148 -25.14 2.28 28.21
CA ARG A 148 -26.36 3.01 27.92
C ARG A 148 -26.69 3.99 29.03
N LEU A 149 -26.09 3.79 30.20
CA LEU A 149 -26.32 4.68 31.33
C LEU A 149 -25.44 5.92 31.27
N VAL A 150 -24.43 5.91 30.39
CA VAL A 150 -23.46 7.00 30.35
C VAL A 150 -24.12 8.30 29.90
N LYS A 151 -25.08 8.20 28.99
CA LYS A 151 -25.75 9.39 28.48
C LYS A 151 -26.67 10.05 29.50
N LYS A 152 -26.94 9.40 30.63
CA LYS A 152 -27.86 9.92 31.63
C LYS A 152 -27.16 10.49 32.85
N ILE A 153 -25.85 10.27 32.99
CA ILE A 153 -25.09 10.73 34.15
C ILE A 153 -23.88 11.51 33.65
N TRP A 154 -23.19 12.17 34.59
CA TRP A 154 -22.00 12.95 34.30
C TRP A 154 -20.76 12.06 34.33
N VAL A 155 -19.94 12.14 33.28
CA VAL A 155 -18.67 11.41 33.20
C VAL A 155 -17.55 12.36 32.79
N PRO A 156 -16.31 12.11 33.21
CA PRO A 156 -15.18 12.95 32.78
C PRO A 156 -14.97 12.87 31.28
N ASP A 157 -14.64 14.02 30.68
CA ASP A 157 -14.39 14.12 29.24
C ASP A 157 -12.89 14.08 28.95
N MET A 158 -12.29 12.92 29.16
CA MET A 158 -10.88 12.71 28.87
C MET A 158 -10.65 12.57 27.36
N PHE A 159 -9.48 13.03 26.92
CA PHE A 159 -9.09 12.91 25.52
C PHE A 159 -7.57 12.82 25.45
N PHE A 160 -7.07 12.32 24.31
CA PHE A 160 -5.64 12.10 24.10
C PHE A 160 -5.06 13.28 23.32
N VAL A 161 -3.98 13.86 23.83
CA VAL A 161 -3.33 14.99 23.19
C VAL A 161 -2.37 14.50 22.11
N HIS A 162 -2.29 15.25 21.02
CA HIS A 162 -1.40 14.94 19.90
C HIS A 162 -1.72 13.58 19.29
N SER A 163 -3.00 13.26 19.18
CA SER A 163 -3.45 12.03 18.57
C SER A 163 -3.97 12.28 17.16
N LYS A 164 -3.89 11.25 16.32
CA LYS A 164 -4.30 11.32 14.93
C LYS A 164 -5.64 10.67 14.66
N ARG A 165 -5.92 9.53 15.29
CA ARG A 165 -7.18 8.82 15.12
C ARG A 165 -7.34 7.83 16.26
N SER A 166 -8.59 7.57 16.64
CA SER A 166 -8.89 6.67 17.73
C SER A 166 -10.36 6.25 17.65
N PHE A 167 -10.67 5.12 18.27
CA PHE A 167 -12.03 4.61 18.28
C PHE A 167 -12.19 3.66 19.46
N ILE A 168 -13.44 3.36 19.80
CA ILE A 168 -13.78 2.47 20.90
C ILE A 168 -14.39 1.19 20.33
N HIS A 169 -13.87 0.04 20.76
CA HIS A 169 -14.37 -1.26 20.31
C HIS A 169 -15.87 -1.42 20.61
N ASP A 170 -16.63 -1.95 19.65
CA ASP A 170 -18.06 -2.21 19.87
C ASP A 170 -18.47 -3.61 19.44
N THR A 171 -17.62 -4.60 19.68
CA THR A 171 -17.96 -5.99 19.39
C THR A 171 -17.88 -6.82 20.66
N THR A 172 -18.97 -7.51 21.01
CA THR A 172 -20.20 -7.51 20.21
C THR A 172 -21.10 -6.33 20.58
N THR A 173 -20.73 -5.66 21.67
CA THR A 173 -21.40 -4.44 22.12
C THR A 173 -20.32 -3.47 22.59
N ASP A 174 -20.75 -2.26 22.95
CA ASP A 174 -19.82 -1.24 23.44
C ASP A 174 -19.09 -1.74 24.68
N ASN A 175 -17.76 -1.63 24.65
CA ASN A 175 -16.89 -2.07 25.72
C ASN A 175 -16.83 -0.99 26.81
N VAL A 176 -17.98 -0.74 27.43
CA VAL A 176 -18.12 0.27 28.47
C VAL A 176 -18.79 -0.38 29.67
N MET A 177 -18.21 -0.17 30.85
CA MET A 177 -18.73 -0.76 32.08
C MET A 177 -18.77 0.31 33.17
N LEU A 178 -19.85 0.28 33.95
CA LEU A 178 -20.05 1.21 35.05
C LEU A 178 -20.45 0.43 36.29
N ARG A 179 -19.79 0.72 37.41
CA ARG A 179 -20.10 0.10 38.69
C ARG A 179 -20.31 1.19 39.72
N VAL A 180 -21.41 1.11 40.46
CA VAL A 180 -21.82 2.15 41.40
C VAL A 180 -21.88 1.55 42.80
N GLN A 181 -21.19 2.19 43.74
CA GLN A 181 -21.16 1.63 45.08
C GLN A 181 -22.32 2.22 45.85
N PRO A 182 -22.70 1.64 46.99
CA PRO A 182 -23.85 2.19 47.71
C PRO A 182 -23.66 3.60 48.24
N ASP A 183 -22.45 3.99 48.60
CA ASP A 183 -22.18 5.37 49.08
C ASP A 183 -22.01 6.38 47.95
N GLY A 184 -21.92 5.91 46.72
CA GLY A 184 -21.74 6.77 45.56
C GLY A 184 -20.39 6.72 44.84
N LYS A 185 -19.52 5.77 45.18
CA LYS A 185 -18.27 5.60 44.44
C LYS A 185 -18.53 4.92 43.10
N VAL A 186 -17.91 5.45 42.05
CA VAL A 186 -18.17 5.03 40.68
C VAL A 186 -16.87 4.57 40.03
N LEU A 187 -16.94 3.45 39.30
CA LEU A 187 -15.84 2.95 38.49
C LEU A 187 -16.25 3.00 37.02
N TYR A 188 -15.44 3.64 36.20
CA TYR A 188 -15.73 3.80 34.77
C TYR A 188 -14.57 3.26 33.96
N SER A 189 -14.83 2.24 33.14
CA SER A 189 -13.78 1.57 32.38
C SER A 189 -14.20 1.44 30.92
N LEU A 190 -13.23 1.54 30.01
CA LEU A 190 -13.46 1.37 28.58
C LEU A 190 -12.18 0.89 27.92
N ARG A 191 -12.34 0.26 26.77
CA ARG A 191 -11.26 -0.23 25.91
C ARG A 191 -11.16 0.63 24.66
N VAL A 192 -9.97 1.18 24.42
CA VAL A 192 -9.75 2.12 23.33
C VAL A 192 -8.44 1.81 22.61
N THR A 193 -8.40 2.12 21.32
CA THR A 193 -7.19 2.09 20.51
C THR A 193 -6.89 3.49 19.98
N VAL A 194 -5.65 3.95 20.18
CA VAL A 194 -5.26 5.31 19.87
C VAL A 194 -3.96 5.31 19.08
N THR A 195 -3.87 6.21 18.10
CA THR A 195 -2.65 6.47 17.34
C THR A 195 -2.13 7.87 17.66
N ALA A 196 -0.85 7.96 18.02
CA ALA A 196 -0.26 9.20 18.49
C ALA A 196 1.04 9.50 17.74
N MET A 197 1.41 10.77 17.68
CA MET A 197 2.58 11.16 16.91
C MET A 197 3.84 11.02 17.75
N CYS A 198 4.98 10.93 17.08
CA CYS A 198 6.23 10.83 17.81
C CYS A 198 7.36 11.29 16.90
N ASN A 199 7.92 12.46 17.20
CA ASN A 199 9.01 12.98 16.38
C ASN A 199 10.26 12.11 16.55
N MET A 200 10.89 11.77 15.44
CA MET A 200 12.07 10.91 15.45
C MET A 200 13.24 11.60 14.76
N ASP A 201 14.45 11.21 15.16
CA ASP A 201 15.69 11.72 14.57
C ASP A 201 16.54 10.54 14.15
N PHE A 202 16.88 10.47 12.86
CA PHE A 202 17.62 9.36 12.30
C PHE A 202 19.05 9.75 11.95
N SER A 203 19.61 10.75 12.63
CA SER A 203 20.95 11.20 12.31
C SER A 203 21.98 10.13 12.65
N ARG A 204 21.74 9.38 13.73
CA ARG A 204 22.67 8.36 14.19
C ARG A 204 22.27 6.96 13.75
N PHE A 205 21.40 6.83 12.75
CA PHE A 205 21.00 5.52 12.25
C PHE A 205 22.24 4.74 11.80
N PRO A 206 22.31 3.43 12.08
CA PRO A 206 21.31 2.65 12.80
C PRO A 206 21.54 2.57 14.30
N LEU A 207 22.38 3.45 14.83
CA LEU A 207 22.71 3.46 16.25
C LEU A 207 21.88 4.50 17.02
N ASP A 208 20.70 4.82 16.53
CA ASP A 208 19.89 5.87 17.14
C ASP A 208 19.02 5.31 18.25
N THR A 209 18.60 6.22 19.13
CA THR A 209 17.70 5.89 20.22
C THR A 209 16.53 6.86 20.19
N GLN A 210 15.32 6.33 20.34
CA GLN A 210 14.10 7.11 20.24
C GLN A 210 13.29 7.01 21.52
N THR A 211 12.63 8.12 21.88
CA THR A 211 11.75 8.20 23.03
C THR A 211 10.36 8.63 22.58
N CYS A 212 9.34 7.99 23.16
CA CYS A 212 7.95 8.25 22.82
C CYS A 212 7.16 8.54 24.08
N SER A 213 5.99 9.14 23.91
CA SER A 213 5.13 9.55 25.02
C SER A 213 3.66 9.55 24.59
N LEU A 214 2.79 9.23 25.53
CA LEU A 214 1.35 9.27 25.36
C LEU A 214 0.76 10.18 26.44
N GLU A 215 -0.11 11.09 26.04
CA GLU A 215 -0.57 12.16 26.91
C GLU A 215 -2.08 12.11 27.09
N ILE A 216 -2.52 12.35 28.33
CA ILE A 216 -3.94 12.36 28.67
C ILE A 216 -4.27 13.67 29.36
N GLU A 217 -5.34 14.32 28.93
CA GLU A 217 -5.71 15.61 29.49
C GLU A 217 -7.22 15.82 29.36
N SER A 218 -7.77 16.61 30.29
CA SER A 218 -9.18 16.98 30.25
C SER A 218 -9.41 18.08 29.22
N TYR A 219 -10.52 17.97 28.49
CA TYR A 219 -10.76 18.85 27.35
C TYR A 219 -11.35 20.19 27.78
N ALA A 220 -12.39 20.17 28.62
CA ALA A 220 -13.14 21.38 28.91
C ALA A 220 -13.02 21.89 30.34
N TYR A 221 -12.41 21.13 31.25
CA TYR A 221 -12.34 21.50 32.66
C TYR A 221 -10.90 21.82 33.05
N THR A 222 -10.71 23.01 33.62
CA THR A 222 -9.40 23.42 34.09
C THR A 222 -9.12 22.78 35.46
N GLU A 223 -7.99 23.16 36.03
CA GLU A 223 -7.54 22.64 37.31
C GLU A 223 -8.38 23.17 38.47
N ASP A 224 -9.11 24.26 38.24
CA ASP A 224 -9.97 24.80 39.27
C ASP A 224 -11.26 24.00 39.47
N ASP A 225 -11.66 23.21 38.47
CA ASP A 225 -12.88 22.43 38.54
C ASP A 225 -12.64 20.93 38.56
N LEU A 226 -11.58 20.45 37.89
CA LEU A 226 -11.26 19.03 37.83
C LEU A 226 -9.79 18.86 38.17
N MET A 227 -9.50 17.96 39.11
CA MET A 227 -8.13 17.67 39.53
C MET A 227 -7.79 16.25 39.08
N LEU A 228 -6.86 16.13 38.14
CA LEU A 228 -6.46 14.84 37.58
C LEU A 228 -5.12 14.41 38.15
N TYR A 229 -5.02 13.14 38.54
CA TYR A 229 -3.80 12.61 39.13
C TYR A 229 -3.79 11.09 38.97
N TRP A 230 -2.60 10.51 39.10
CA TRP A 230 -2.45 9.05 39.09
C TRP A 230 -2.92 8.49 40.43
N LYS A 231 -3.80 7.49 40.39
CA LYS A 231 -4.42 7.01 41.62
C LYS A 231 -3.38 6.39 42.58
N LYS A 232 -2.45 5.60 42.07
CA LYS A 232 -1.46 4.94 42.91
C LYS A 232 -0.03 5.27 42.48
N GLY A 233 0.18 6.48 41.98
CA GLY A 233 1.55 6.89 41.70
C GLY A 233 2.11 6.11 40.54
N ASN A 234 3.31 5.57 40.73
CA ASN A 234 3.97 4.78 39.70
C ASN A 234 3.41 3.37 39.59
N ASP A 235 2.51 2.96 40.48
CA ASP A 235 1.96 1.62 40.42
C ASP A 235 0.70 1.55 39.57
N SER A 236 0.26 2.67 39.00
CA SER A 236 -0.97 2.67 38.22
C SER A 236 -0.78 2.26 36.78
N LEU A 237 0.45 1.90 36.37
CA LEU A 237 0.72 1.50 35.00
C LEU A 237 1.11 0.03 34.99
N LYS A 238 0.40 -0.76 34.18
CA LYS A 238 0.69 -2.18 34.04
C LYS A 238 0.86 -2.52 32.57
N THR A 239 1.84 -3.37 32.25
CA THR A 239 2.02 -3.75 30.85
C THR A 239 1.94 -5.26 30.71
N ASP A 240 1.55 -5.72 29.51
CA ASP A 240 1.47 -7.14 29.21
C ASP A 240 2.86 -7.76 29.19
N GLU A 241 2.93 -9.04 29.58
CA GLU A 241 4.21 -9.73 29.60
C GLU A 241 4.74 -10.04 28.20
N ARG A 242 3.88 -10.00 27.19
CA ARG A 242 4.27 -10.39 25.84
C ARG A 242 4.21 -9.23 24.86
N ILE A 243 4.40 -8.00 25.34
CA ILE A 243 4.41 -6.84 24.45
C ILE A 243 5.75 -6.82 23.71
N SER A 244 5.69 -6.68 22.39
CA SER A 244 6.90 -6.71 21.59
C SER A 244 6.65 -6.06 20.24
N LEU A 245 7.75 -5.71 19.56
CA LEU A 245 7.71 -5.12 18.23
C LEU A 245 8.64 -5.91 17.33
N SER A 246 8.35 -5.87 16.03
CA SER A 246 9.11 -6.69 15.08
C SER A 246 10.56 -6.23 14.97
N GLN A 247 10.79 -4.92 14.86
CA GLN A 247 12.13 -4.39 14.60
C GLN A 247 12.64 -3.47 15.70
N PHE A 248 11.97 -3.44 16.85
CA PHE A 248 12.39 -2.56 17.94
C PHE A 248 12.38 -3.31 19.26
N LEU A 249 13.18 -2.84 20.21
CA LEU A 249 13.19 -3.32 21.58
C LEU A 249 12.58 -2.28 22.50
N ILE A 250 11.71 -2.71 23.40
CA ILE A 250 10.92 -1.82 24.24
C ILE A 250 11.39 -1.97 25.68
N GLN A 251 11.57 -0.84 26.37
CA GLN A 251 12.07 -0.83 27.75
C GLN A 251 11.69 0.47 28.43
N GLU A 252 11.80 0.46 29.76
CA GLU A 252 11.77 1.67 30.58
C GLU A 252 10.41 2.37 30.52
N PHE A 253 9.39 1.67 31.01
CA PHE A 253 8.07 2.27 31.14
C PHE A 253 7.98 3.02 32.47
N HIS A 254 7.55 4.28 32.43
CA HIS A 254 7.36 5.08 33.62
C HIS A 254 6.39 6.21 33.32
N THR A 255 5.86 6.82 34.38
CA THR A 255 4.85 7.86 34.24
C THR A 255 5.32 9.16 34.92
N THR A 256 4.90 10.29 34.35
CA THR A 256 5.20 11.62 34.89
C THR A 256 3.98 12.52 34.72
N THR A 257 4.02 13.67 35.40
CA THR A 257 2.95 14.64 35.34
C THR A 257 3.52 16.04 35.11
N LYS A 258 2.74 16.89 34.46
CA LYS A 258 3.18 18.25 34.20
C LYS A 258 1.94 19.10 33.87
N LEU A 259 2.01 20.39 34.25
CA LEU A 259 0.94 21.35 34.04
C LEU A 259 1.12 22.03 32.70
N ALA A 260 0.00 22.23 31.99
CA ALA A 260 0.03 22.93 30.72
C ALA A 260 -0.86 24.16 30.81
N PHE A 261 -0.47 25.20 30.05
CA PHE A 261 -1.15 26.49 30.07
C PHE A 261 -1.74 26.80 28.70
N TYR A 262 -2.99 27.23 28.67
CA TYR A 262 -3.64 27.58 27.42
C TYR A 262 -4.14 29.01 27.57
N SER A 263 -3.77 29.89 26.64
CA SER A 263 -4.16 31.30 26.79
C SER A 263 -5.66 31.51 26.69
N SER A 264 -6.37 30.62 25.99
CA SER A 264 -7.81 30.82 25.81
C SER A 264 -8.58 30.54 27.10
N THR A 265 -8.19 29.52 27.86
CA THR A 265 -9.00 29.10 29.01
C THR A 265 -8.23 29.00 30.32
N GLY A 266 -6.94 28.70 30.27
CA GLY A 266 -6.16 28.63 31.49
C GLY A 266 -5.31 27.37 31.64
N TRP A 267 -5.08 26.92 32.87
CA TRP A 267 -4.16 25.83 33.15
C TRP A 267 -4.88 24.47 33.19
N TYR A 268 -4.18 23.41 32.76
CA TYR A 268 -4.76 22.06 32.72
C TYR A 268 -3.73 21.07 33.27
N ASN A 269 -4.21 19.97 33.84
CA ASN A 269 -3.30 18.90 34.25
C ASN A 269 -3.11 17.90 33.11
N ARG A 270 -1.87 17.43 32.95
CA ARG A 270 -1.54 16.45 31.90
C ARG A 270 -0.74 15.28 32.48
N LEU A 271 -1.00 14.09 31.95
CA LEU A 271 -0.28 12.90 32.38
C LEU A 271 0.54 12.35 31.22
N TYR A 272 1.64 11.66 31.51
CA TYR A 272 2.54 11.12 30.50
C TYR A 272 2.82 9.65 30.79
N ILE A 273 3.07 8.91 29.71
CA ILE A 273 3.48 7.50 29.71
C ILE A 273 4.62 7.39 28.73
N ASN A 274 5.80 7.03 29.23
CA ASN A 274 7.06 7.12 28.51
C ASN A 274 7.63 5.72 28.29
N PHE A 275 8.28 5.53 27.14
CA PHE A 275 9.01 4.29 26.88
C PHE A 275 10.10 4.60 25.84
N THR A 276 11.04 3.67 25.71
CA THR A 276 12.19 3.85 24.84
C THR A 276 12.28 2.72 23.82
N LEU A 277 12.85 3.03 22.65
CA LEU A 277 12.96 2.09 21.54
C LEU A 277 14.43 1.92 21.16
N ARG A 278 14.83 0.69 20.82
CA ARG A 278 16.19 0.43 20.37
C ARG A 278 16.18 -0.60 19.24
N ARG A 279 17.25 -0.59 18.44
CA ARG A 279 17.36 -1.48 17.29
C ARG A 279 18.32 -2.64 17.58
N HIS A 280 18.45 -3.52 16.61
CA HIS A 280 19.38 -4.65 16.64
C HIS A 280 20.67 -4.28 15.91
N ILE A 281 21.76 -4.06 16.65
CA ILE A 281 22.95 -3.50 15.99
C ILE A 281 23.61 -4.52 15.09
N PHE A 282 23.68 -5.77 15.52
CA PHE A 282 24.46 -6.77 14.80
C PHE A 282 23.89 -7.09 13.43
N PHE A 283 22.56 -7.08 13.30
CA PHE A 283 21.95 -7.35 12.01
C PHE A 283 22.36 -6.31 10.98
N PHE A 284 22.27 -5.03 11.36
CA PHE A 284 22.65 -3.95 10.46
C PHE A 284 24.14 -4.00 10.15
N LEU A 285 24.97 -4.26 11.17
CA LEU A 285 26.40 -4.42 10.96
C LEU A 285 26.70 -5.48 9.91
N LEU A 286 26.12 -6.67 10.08
CA LEU A 286 26.42 -7.78 9.17
C LEU A 286 25.91 -7.50 7.76
N GLN A 287 24.77 -6.83 7.65
CA GLN A 287 24.13 -6.57 6.37
C GLN A 287 24.80 -5.44 5.61
N THR A 288 25.46 -4.50 6.31
CA THR A 288 25.95 -3.31 5.63
C THR A 288 27.45 -3.13 5.71
N TYR A 289 28.03 -3.10 6.91
CA TYR A 289 29.44 -2.79 7.07
C TYR A 289 30.35 -3.90 6.58
N PHE A 290 29.94 -5.16 6.74
CA PHE A 290 30.82 -6.27 6.37
C PHE A 290 31.08 -6.30 4.86
N PRO A 291 30.09 -6.18 3.98
CA PRO A 291 30.41 -6.24 2.54
C PRO A 291 31.27 -5.08 2.08
N ALA A 292 31.09 -3.89 2.66
CA ALA A 292 31.87 -2.75 2.21
C ALA A 292 33.34 -2.92 2.63
N THR A 293 33.58 -3.43 3.84
CA THR A 293 34.96 -3.62 4.26
C THR A 293 35.63 -4.75 3.48
N LEU A 294 34.88 -5.81 3.18
CA LEU A 294 35.40 -6.89 2.34
C LEU A 294 35.78 -6.39 0.95
N MET A 295 34.92 -5.58 0.35
CA MET A 295 35.20 -5.04 -0.98
C MET A 295 36.42 -4.12 -0.95
N VAL A 296 36.55 -3.30 0.11
CA VAL A 296 37.69 -2.40 0.22
C VAL A 296 38.99 -3.19 0.35
N MET A 297 38.96 -4.26 1.14
CA MET A 297 40.14 -5.11 1.29
C MET A 297 40.46 -5.84 -0.01
N LEU A 298 39.43 -6.27 -0.73
CA LEU A 298 39.66 -6.98 -1.99
C LEU A 298 40.22 -6.04 -3.06
N SER A 299 39.89 -4.76 -3.00
CA SER A 299 40.42 -3.80 -3.96
C SER A 299 41.93 -3.61 -3.82
N TRP A 300 42.50 -3.99 -2.68
CA TRP A 300 43.93 -3.88 -2.41
C TRP A 300 44.73 -5.02 -3.02
N VAL A 301 44.06 -5.99 -3.65
CA VAL A 301 44.76 -7.15 -4.18
C VAL A 301 45.64 -6.76 -5.37
N SER A 302 45.21 -5.76 -6.13
CA SER A 302 45.93 -5.39 -7.34
C SER A 302 47.33 -4.85 -7.07
N PHE A 303 47.65 -4.45 -5.83
CA PHE A 303 48.96 -3.90 -5.52
C PHE A 303 50.04 -4.98 -5.53
N TRP A 304 49.64 -6.24 -5.54
CA TRP A 304 50.49 -7.42 -5.39
C TRP A 304 50.61 -8.19 -6.70
N ILE A 305 49.99 -7.67 -7.76
CA ILE A 305 50.04 -8.26 -9.09
C ILE A 305 51.06 -7.53 -9.95
N ASP A 306 51.73 -8.28 -10.82
CA ASP A 306 52.72 -7.73 -11.71
C ASP A 306 52.12 -6.61 -12.55
N ARG A 307 52.85 -5.50 -12.66
CA ARG A 307 52.34 -4.35 -13.40
C ARG A 307 52.27 -4.60 -14.90
N ARG A 308 52.84 -5.70 -15.40
CA ARG A 308 52.86 -5.98 -16.83
C ARG A 308 51.57 -6.59 -17.31
N ALA A 309 50.70 -7.01 -16.39
CA ALA A 309 49.43 -7.62 -16.75
C ALA A 309 48.28 -6.61 -16.67
N VAL A 310 48.23 -5.74 -17.68
CA VAL A 310 47.18 -4.72 -17.73
C VAL A 310 45.80 -5.36 -17.89
N PRO A 311 45.59 -6.32 -18.81
CA PRO A 311 44.25 -6.90 -18.93
C PRO A 311 43.79 -7.67 -17.71
N ALA A 312 44.67 -7.92 -16.72
CA ALA A 312 44.20 -8.41 -15.44
C ALA A 312 44.01 -7.33 -14.40
N ARG A 313 44.78 -6.24 -14.49
CA ARG A 313 44.74 -5.20 -13.47
C ARG A 313 43.51 -4.32 -13.62
N VAL A 314 43.17 -3.97 -14.86
CA VAL A 314 42.14 -2.97 -15.14
C VAL A 314 40.76 -3.60 -14.91
N PRO A 315 40.45 -4.77 -15.47
CA PRO A 315 39.08 -5.28 -15.28
C PRO A 315 38.76 -5.59 -13.83
N LEU A 316 39.78 -5.92 -13.03
CA LEU A 316 39.56 -6.16 -11.60
C LEU A 316 39.07 -4.89 -10.93
N GLY A 317 39.74 -3.77 -11.22
CA GLY A 317 39.34 -2.51 -10.63
C GLY A 317 37.96 -2.07 -11.06
N ILE A 318 37.66 -2.17 -12.36
CA ILE A 318 36.37 -1.69 -12.86
C ILE A 318 35.24 -2.57 -12.34
N THR A 319 35.49 -3.88 -12.21
CA THR A 319 34.46 -4.76 -11.68
C THR A 319 34.27 -4.55 -10.18
N THR A 320 35.34 -4.20 -9.47
CA THR A 320 35.21 -3.84 -8.05
C THR A 320 34.36 -2.58 -7.89
N VAL A 321 34.57 -1.59 -8.78
CA VAL A 321 33.75 -0.39 -8.74
C VAL A 321 32.29 -0.71 -9.04
N LEU A 322 32.04 -1.58 -10.02
CA LEU A 322 30.68 -1.98 -10.33
C LEU A 322 30.02 -2.68 -9.16
N THR A 323 30.77 -3.56 -8.49
CA THR A 323 30.22 -4.30 -7.37
C THR A 323 29.94 -3.38 -6.19
N MET A 324 30.83 -2.42 -5.96
CA MET A 324 30.57 -1.45 -4.89
C MET A 324 29.32 -0.63 -5.19
N SER A 325 29.14 -0.19 -6.43
CA SER A 325 27.96 0.58 -6.80
C SER A 325 26.69 -0.23 -6.61
N THR A 326 26.71 -1.49 -7.03
CA THR A 326 25.53 -2.34 -6.88
C THR A 326 25.20 -2.57 -5.41
N ILE A 327 26.23 -2.78 -4.59
CA ILE A 327 26.02 -2.98 -3.15
C ILE A 327 25.41 -1.73 -2.52
N ILE A 328 25.90 -0.54 -2.91
CA ILE A 328 25.38 0.69 -2.33
C ILE A 328 23.93 0.88 -2.74
N THR A 329 23.61 0.57 -4.00
CA THR A 329 22.24 0.73 -4.47
C THR A 329 21.31 -0.23 -3.74
N GLY A 330 21.77 -1.46 -3.51
CA GLY A 330 20.97 -2.46 -2.84
C GLY A 330 20.74 -2.08 -1.39
N VAL A 331 21.74 -1.49 -0.76
CA VAL A 331 21.63 -1.09 0.63
C VAL A 331 20.64 0.08 0.76
N ASN A 332 20.70 1.00 -0.19
CA ASN A 332 19.81 2.16 -0.18
C ASN A 332 18.37 1.75 -0.48
N ALA A 333 18.19 0.68 -1.24
CA ALA A 333 16.85 0.24 -1.61
C ALA A 333 16.10 -0.40 -0.45
N SER A 334 16.79 -0.79 0.63
CA SER A 334 16.16 -1.53 1.71
C SER A 334 15.99 -0.72 2.98
N MET A 335 16.41 0.54 3.00
CA MET A 335 16.26 1.42 4.14
C MET A 335 15.01 2.27 4.01
N PRO A 336 14.48 2.75 5.15
CA PRO A 336 13.31 3.61 5.11
C PRO A 336 13.61 4.91 4.38
N ARG A 337 12.60 5.42 3.66
CA ARG A 337 12.83 6.60 2.81
C ARG A 337 12.86 7.86 3.67
N VAL A 338 14.03 8.14 4.24
CA VAL A 338 14.29 9.34 5.02
C VAL A 338 15.35 10.14 4.27
N SER A 339 14.99 11.38 3.91
CA SER A 339 15.78 12.16 2.95
C SER A 339 16.70 13.14 3.67
N TYR A 340 17.68 12.57 4.38
CA TYR A 340 18.84 13.36 4.82
C TYR A 340 19.99 12.42 5.15
N ILE A 341 21.17 13.02 5.36
CA ILE A 341 22.41 12.27 5.44
C ILE A 341 22.49 11.44 6.72
N LYS A 342 22.97 10.21 6.59
CA LYS A 342 23.16 9.31 7.71
C LYS A 342 24.60 8.82 7.71
N ALA A 343 25.05 8.28 8.85
CA ALA A 343 26.45 7.88 8.97
C ALA A 343 26.77 6.70 8.05
N VAL A 344 25.82 5.80 7.84
CA VAL A 344 26.10 4.66 6.96
C VAL A 344 26.43 5.14 5.55
N ASP A 345 25.71 6.15 5.07
CA ASP A 345 26.00 6.75 3.77
C ASP A 345 27.43 7.28 3.71
N ILE A 346 27.88 7.92 4.79
CA ILE A 346 29.22 8.50 4.82
C ILE A 346 30.26 7.40 4.73
N TYR A 347 30.02 6.29 5.45
CA TYR A 347 30.93 5.15 5.42
C TYR A 347 31.01 4.58 4.01
N LEU A 348 29.84 4.40 3.38
CA LEU A 348 29.82 3.77 2.06
C LEU A 348 30.49 4.66 1.02
N TRP A 349 30.26 5.98 1.10
CA TRP A 349 30.87 6.87 0.11
C TRP A 349 32.37 7.00 0.31
N VAL A 350 32.83 6.94 1.56
CA VAL A 350 34.27 6.92 1.81
C VAL A 350 34.90 5.66 1.22
N SER A 351 34.25 4.52 1.37
CA SER A 351 34.74 3.30 0.73
C SER A 351 34.75 3.45 -0.79
N PHE A 352 33.73 4.08 -1.37
CA PHE A 352 33.70 4.28 -2.81
C PHE A 352 34.87 5.14 -3.28
N VAL A 353 35.19 6.20 -2.52
CA VAL A 353 36.30 7.07 -2.87
C VAL A 353 37.62 6.30 -2.80
N PHE A 354 37.80 5.49 -1.76
CA PHE A 354 38.97 4.62 -1.69
C PHE A 354 39.07 3.72 -2.92
N VAL A 355 37.95 3.16 -3.37
CA VAL A 355 38.01 2.23 -4.50
C VAL A 355 38.40 2.98 -5.77
N PHE A 356 37.94 4.21 -5.90
CA PHE A 356 38.23 5.02 -7.07
C PHE A 356 39.70 5.38 -7.11
N LEU A 357 40.27 5.73 -5.96
CA LEU A 357 41.69 6.05 -5.89
C LEU A 357 42.56 4.82 -6.19
N SER A 358 42.08 3.62 -5.84
CA SER A 358 42.85 2.40 -6.10
C SER A 358 43.04 2.18 -7.60
N VAL A 359 42.16 2.74 -8.42
CA VAL A 359 42.24 2.62 -9.87
C VAL A 359 43.06 3.75 -10.46
N LEU A 360 42.92 4.97 -9.92
CA LEU A 360 43.75 6.07 -10.38
C LEU A 360 45.24 5.79 -10.15
N GLU A 361 45.57 5.16 -9.04
CA GLU A 361 46.96 4.83 -8.76
C GLU A 361 47.57 3.97 -9.86
N TYR A 362 46.90 2.87 -10.22
CA TYR A 362 47.45 1.99 -11.25
C TYR A 362 47.49 2.68 -12.60
N ALA A 363 46.52 3.55 -12.87
CA ALA A 363 46.51 4.28 -14.14
C ALA A 363 47.78 5.11 -14.29
N ALA A 364 48.19 5.79 -13.21
CA ALA A 364 49.37 6.63 -13.30
C ALA A 364 50.64 5.79 -13.34
N VAL A 365 50.60 4.62 -12.69
CA VAL A 365 51.74 3.70 -12.70
C VAL A 365 51.97 3.15 -14.09
N ASN A 366 50.88 2.78 -14.78
CA ASN A 366 50.98 2.33 -16.17
C ASN A 366 51.48 3.44 -17.10
N TYR A 367 50.99 4.67 -16.91
CA TYR A 367 51.43 5.78 -17.76
C TYR A 367 52.92 6.04 -17.57
N LEU A 368 53.38 6.04 -16.33
CA LEU A 368 54.80 6.25 -16.06
C LEU A 368 55.66 5.16 -16.67
N THR A 369 55.21 3.90 -16.54
CA THR A 369 55.98 2.79 -17.08
C THR A 369 56.10 2.89 -18.59
N THR A 370 55.00 3.25 -19.26
CA THR A 370 55.03 3.41 -20.71
C THR A 370 55.98 4.54 -21.12
N VAL A 371 55.96 5.65 -20.39
CA VAL A 371 56.83 6.78 -20.71
C VAL A 371 58.30 6.40 -20.55
N GLN A 372 58.62 5.70 -19.46
CA GLN A 372 60.01 5.26 -19.25
C GLN A 372 60.46 4.30 -20.34
N GLU A 373 59.62 3.34 -20.71
CA GLU A 373 59.99 2.40 -21.76
C GLU A 373 60.22 3.12 -23.08
N ARG A 374 59.35 4.08 -23.40
CA ARG A 374 59.49 4.82 -24.66
C ARG A 374 60.75 5.65 -24.69
N LYS A 375 61.10 6.29 -23.56
CA LYS A 375 62.34 7.06 -23.52
C LYS A 375 63.56 6.17 -23.69
N GLU A 376 63.56 5.03 -22.99
CA GLU A 376 64.68 4.09 -23.05
C GLU A 376 64.87 3.57 -24.48
N GLN A 377 63.76 3.25 -25.15
CA GLN A 377 63.85 2.81 -26.54
C GLN A 377 64.35 3.92 -27.45
N LYS A 378 63.94 5.16 -27.18
CA LYS A 378 64.37 6.27 -28.03
C LYS A 378 65.86 6.54 -27.87
N LEU A 379 66.38 6.31 -26.66
CA LEU A 379 67.77 6.62 -26.38
C LEU A 379 68.70 5.74 -27.21
N ARG A 380 68.37 4.46 -27.34
CA ARG A 380 69.15 3.57 -28.19
C ARG A 380 68.86 3.82 -29.67
N ASP A 451 61.29 -5.77 -11.47
CA ASP A 451 61.25 -5.03 -10.22
C ASP A 451 59.85 -4.47 -9.95
N THR A 452 59.68 -3.89 -8.77
CA THR A 452 58.40 -3.32 -8.36
C THR A 452 58.48 -1.80 -8.34
N HIS A 453 57.45 -1.14 -8.86
CA HIS A 453 57.44 0.31 -8.90
C HIS A 453 57.25 0.85 -7.49
N ALA A 454 57.90 1.99 -7.21
CA ALA A 454 57.85 2.52 -5.85
C ALA A 454 56.45 2.93 -5.46
N ILE A 455 55.61 3.29 -6.44
CA ILE A 455 54.24 3.69 -6.08
C ILE A 455 53.51 2.53 -5.43
N ASP A 456 53.73 1.30 -5.93
CA ASP A 456 53.03 0.15 -5.38
C ASP A 456 53.51 -0.15 -3.97
N LYS A 457 54.82 -0.07 -3.79
CA LYS A 457 55.47 -0.28 -2.49
C LYS A 457 54.93 0.68 -1.44
N TYR A 458 54.74 1.95 -1.80
CA TYR A 458 54.29 2.92 -0.82
C TYR A 458 52.79 2.80 -0.60
N SER A 459 52.04 2.49 -1.65
CA SER A 459 50.59 2.35 -1.51
C SER A 459 50.23 1.16 -0.63
N ARG A 460 50.99 0.07 -0.71
CA ARG A 460 50.70 -1.13 0.07
C ARG A 460 50.67 -0.81 1.56
N ILE A 461 51.43 0.20 1.96
CA ILE A 461 51.49 0.64 3.35
C ILE A 461 50.51 1.77 3.60
N ILE A 462 50.34 2.67 2.63
CA ILE A 462 49.58 3.88 2.91
C ILE A 462 48.10 3.56 3.02
N PHE A 463 47.58 2.80 2.07
CA PHE A 463 46.14 2.56 2.01
C PHE A 463 45.57 1.91 3.26
N PRO A 464 46.12 0.80 3.78
CA PRO A 464 45.52 0.20 4.98
C PRO A 464 45.60 1.08 6.22
N ALA A 465 46.70 1.82 6.39
CA ALA A 465 46.85 2.73 7.51
C ALA A 465 45.80 3.84 7.47
N ALA A 466 45.56 4.39 6.28
CA ALA A 466 44.58 5.46 6.16
C ALA A 466 43.19 4.94 6.45
N TYR A 467 42.86 3.75 5.95
CA TYR A 467 41.56 3.17 6.22
C TYR A 467 41.39 2.86 7.70
N ILE A 468 42.46 2.38 8.34
CA ILE A 468 42.37 2.09 9.77
C ILE A 468 42.16 3.38 10.56
N LEU A 469 42.86 4.45 10.18
CA LEU A 469 42.74 5.74 10.85
C LEU A 469 41.32 6.29 10.70
N PHE A 470 40.75 6.14 9.50
CA PHE A 470 39.40 6.60 9.24
C PHE A 470 38.40 5.81 10.08
N ASN A 471 38.58 4.49 10.17
CA ASN A 471 37.70 3.67 10.99
C ASN A 471 37.80 4.05 12.47
N LEU A 472 39.02 4.30 12.94
CA LEU A 472 39.20 4.71 14.34
C LEU A 472 38.47 6.03 14.62
N ILE A 473 38.64 7.02 13.75
CA ILE A 473 37.97 8.30 13.97
C ILE A 473 36.45 8.12 13.90
N TYR A 474 35.98 7.33 12.93
CA TYR A 474 34.55 7.17 12.71
C TYR A 474 33.88 6.49 13.91
N TRP A 475 34.52 5.47 14.46
CA TRP A 475 34.00 4.72 15.59
C TRP A 475 34.22 5.43 16.92
N SER A 476 35.16 6.39 16.95
CA SER A 476 35.31 7.26 18.09
C SER A 476 34.25 8.34 18.14
N ILE A 477 33.80 8.84 16.98
CA ILE A 477 32.78 9.88 16.97
C ILE A 477 31.40 9.29 17.24
N PHE A 478 31.04 8.23 16.51
CA PHE A 478 29.71 7.63 16.61
C PHE A 478 29.63 6.51 17.64
N SER A 479 30.67 6.33 18.45
CA SER A 479 30.69 5.31 19.51
C SER A 479 30.54 3.89 18.95
N LYS B 74 -32.47 22.92 36.20
CA LYS B 74 -31.91 22.58 34.89
C LYS B 74 -31.24 23.79 34.27
N SER B 75 -30.00 23.60 33.82
CA SER B 75 -29.24 24.72 33.27
C SER B 75 -29.82 25.18 31.94
N GLU B 76 -30.44 24.26 31.19
CA GLU B 76 -30.99 24.65 29.90
C GLU B 76 -32.29 25.44 30.04
N GLN B 77 -32.84 25.54 31.24
CA GLN B 77 -34.02 26.37 31.47
C GLN B 77 -33.67 27.82 31.79
N LEU B 78 -32.42 28.10 32.15
CA LEU B 78 -32.01 29.49 32.33
C LEU B 78 -32.01 30.23 30.99
N LEU B 79 -31.61 29.54 29.93
CA LEU B 79 -31.70 30.08 28.57
C LEU B 79 -33.05 29.71 27.99
N ARG B 80 -33.76 30.71 27.46
CA ARG B 80 -35.13 30.49 26.98
C ARG B 80 -35.03 29.85 25.60
N ILE B 81 -34.79 28.54 25.62
CA ILE B 81 -34.55 27.82 24.37
C ILE B 81 -35.83 27.74 23.54
N ASP B 82 -36.95 27.46 24.21
CA ASP B 82 -38.26 27.28 23.58
C ASP B 82 -38.94 28.60 23.25
N ASP B 83 -38.40 29.72 23.71
CA ASP B 83 -39.01 31.02 23.47
C ASP B 83 -38.39 31.75 22.28
N HIS B 84 -37.42 31.16 21.59
CA HIS B 84 -36.90 31.80 20.39
C HIS B 84 -36.81 30.79 19.26
N ASP B 85 -36.79 31.31 18.03
CA ASP B 85 -36.54 30.52 16.83
C ASP B 85 -35.05 30.58 16.48
N PHE B 86 -34.35 29.47 16.71
CA PHE B 86 -32.92 29.36 16.47
C PHE B 86 -32.60 28.84 15.07
N SER B 87 -33.55 28.89 14.15
CA SER B 87 -33.22 28.63 12.75
C SER B 87 -32.78 29.88 12.00
N MET B 88 -32.85 31.06 12.59
CA MET B 88 -32.39 32.27 11.93
C MET B 88 -31.15 32.81 12.63
N ARG B 89 -30.33 33.55 11.89
CA ARG B 89 -29.14 34.16 12.45
C ARG B 89 -29.52 35.30 13.40
N PRO B 90 -28.67 35.60 14.39
CA PRO B 90 -28.91 36.79 15.23
C PRO B 90 -28.90 38.07 14.41
N GLY B 91 -29.76 39.00 14.79
CA GLY B 91 -29.89 40.25 14.06
C GLY B 91 -30.47 40.10 12.67
N PHE B 92 -31.39 39.15 12.49
CA PHE B 92 -32.01 38.92 11.20
C PHE B 92 -32.82 40.14 10.76
N GLY B 93 -32.74 40.47 9.46
CA GLY B 93 -33.25 41.68 8.84
C GLY B 93 -32.40 42.93 9.02
N GLY B 94 -31.25 42.83 9.67
CA GLY B 94 -30.40 43.96 9.95
C GLY B 94 -29.00 43.83 9.37
N PRO B 95 -28.07 44.56 9.98
CA PRO B 95 -26.66 44.46 9.58
C PRO B 95 -26.10 43.07 9.86
N ALA B 96 -25.02 42.76 9.13
CA ALA B 96 -24.43 41.44 9.24
C ALA B 96 -23.71 41.30 10.59
N ILE B 97 -23.74 40.08 11.10
CA ILE B 97 -23.22 39.75 12.43
C ILE B 97 -21.75 39.37 12.26
N PRO B 98 -20.82 40.06 12.93
CA PRO B 98 -19.41 39.72 12.76
C PRO B 98 -19.03 38.47 13.54
N VAL B 99 -18.12 37.69 12.97
CA VAL B 99 -17.66 36.46 13.60
C VAL B 99 -16.13 36.42 13.52
N GLY B 100 -15.49 36.21 14.67
CA GLY B 100 -14.04 36.09 14.74
C GLY B 100 -13.61 34.64 14.77
N VAL B 101 -12.43 34.37 14.22
CA VAL B 101 -11.92 33.01 14.10
C VAL B 101 -10.48 32.98 14.58
N ASP B 102 -10.15 31.97 15.38
CA ASP B 102 -8.81 31.77 15.91
C ASP B 102 -8.35 30.35 15.58
N VAL B 103 -7.10 30.19 15.12
CA VAL B 103 -6.63 28.89 14.64
C VAL B 103 -5.32 28.55 15.33
N GLN B 104 -5.24 27.35 15.88
CA GLN B 104 -4.00 26.82 16.47
C GLN B 104 -3.67 25.50 15.79
N VAL B 105 -2.51 25.44 15.14
CA VAL B 105 -2.08 24.25 14.42
C VAL B 105 -1.35 23.33 15.38
N GLU B 106 -1.77 22.06 15.41
CA GLU B 106 -1.21 21.09 16.35
C GLU B 106 -0.08 20.29 15.71
N SER B 107 -0.28 19.75 14.51
CA SER B 107 0.77 18.98 13.85
C SER B 107 0.43 18.81 12.38
N LEU B 108 1.44 18.42 11.61
CA LEU B 108 1.28 18.02 10.22
C LEU B 108 1.51 16.52 10.11
N ASP B 109 0.53 15.81 9.53
CA ASP B 109 0.45 14.36 9.64
C ASP B 109 1.17 13.72 8.47
N SER B 110 0.82 14.08 7.23
CA SER B 110 1.56 13.43 6.17
C SER B 110 1.43 14.30 4.93
N ILE B 111 2.22 13.99 3.90
CA ILE B 111 2.14 14.68 2.63
C ILE B 111 2.34 13.67 1.50
N SER B 112 1.54 13.79 0.45
CA SER B 112 1.58 12.87 -0.69
C SER B 112 2.00 13.64 -1.93
N GLU B 113 3.16 13.29 -2.51
CA GLU B 113 3.61 14.03 -3.68
C GLU B 113 2.88 13.57 -4.94
N VAL B 114 2.52 12.29 -5.01
CA VAL B 114 1.87 11.77 -6.20
C VAL B 114 0.46 12.32 -6.32
N ASP B 115 -0.30 12.30 -5.22
CA ASP B 115 -1.67 12.79 -5.25
C ASP B 115 -1.78 14.28 -4.96
N MET B 116 -0.69 14.93 -4.53
CA MET B 116 -0.65 16.37 -4.29
C MET B 116 -1.70 16.81 -3.25
N ASP B 117 -1.49 16.34 -2.01
CA ASP B 117 -2.33 16.75 -0.88
C ASP B 117 -1.54 16.63 0.41
N PHE B 118 -2.09 17.21 1.48
CA PHE B 118 -1.44 17.19 2.78
C PHE B 118 -2.52 17.08 3.85
N THR B 119 -2.11 16.64 5.04
CA THR B 119 -3.01 16.46 6.17
C THR B 119 -2.53 17.30 7.36
N MET B 120 -3.49 17.90 8.04
CA MET B 120 -3.26 18.83 9.15
C MET B 120 -4.31 18.61 10.21
N THR B 121 -3.90 18.78 11.47
CA THR B 121 -4.78 18.72 12.62
C THR B 121 -4.67 20.04 13.38
N LEU B 122 -5.81 20.64 13.70
CA LEU B 122 -5.82 21.99 14.25
C LEU B 122 -7.02 22.17 15.17
N TYR B 123 -6.99 23.29 15.91
CA TYR B 123 -8.09 23.74 16.75
C TYR B 123 -8.81 24.91 16.07
N LEU B 124 -10.14 24.84 16.00
CA LEU B 124 -10.94 25.91 15.41
C LEU B 124 -11.81 26.55 16.46
N ARG B 125 -11.72 27.88 16.58
CA ARG B 125 -12.47 28.62 17.59
C ARG B 125 -13.26 29.75 16.94
N HIS B 126 -14.46 30.00 17.47
CA HIS B 126 -15.34 31.03 16.94
C HIS B 126 -15.78 31.97 18.06
N TYR B 127 -15.97 33.24 17.69
CA TYR B 127 -16.40 34.27 18.64
C TYR B 127 -17.53 35.09 18.03
N TRP B 128 -18.65 35.18 18.77
CA TRP B 128 -19.76 36.02 18.36
C TRP B 128 -20.63 36.30 19.58
N LYS B 129 -21.58 37.20 19.41
CA LYS B 129 -22.47 37.63 20.49
C LYS B 129 -23.93 37.40 20.07
N ASP B 130 -24.71 36.88 21.01
CA ASP B 130 -26.13 36.60 20.79
C ASP B 130 -26.89 37.05 22.03
N GLU B 131 -27.76 38.04 21.87
CA GLU B 131 -28.47 38.51 23.05
C GLU B 131 -29.56 37.55 23.51
N ARG B 132 -30.00 36.62 22.66
CA ARG B 132 -31.06 35.71 23.04
C ARG B 132 -30.59 34.67 24.06
N LEU B 133 -29.29 34.53 24.24
CA LEU B 133 -28.68 33.60 25.18
C LEU B 133 -28.34 34.24 26.52
N SER B 134 -28.68 35.51 26.72
CA SER B 134 -28.42 36.15 28.00
C SER B 134 -29.32 35.58 29.08
N PHE B 135 -28.76 35.45 30.29
CA PHE B 135 -29.39 34.87 31.46
C PHE B 135 -29.01 35.72 32.66
N PRO B 136 -29.94 35.92 33.59
CA PRO B 136 -29.61 36.64 34.83
C PRO B 136 -28.64 35.85 35.71
N SER B 137 -27.84 36.60 36.46
CA SER B 137 -26.84 36.00 37.36
C SER B 137 -26.50 36.98 38.46
N THR B 138 -26.22 36.46 39.65
CA THR B 138 -25.78 37.26 40.79
C THR B 138 -24.27 37.45 40.83
N ASN B 139 -23.55 36.89 39.86
CA ASN B 139 -22.08 36.96 39.81
C ASN B 139 -21.66 37.02 38.34
N ASN B 140 -20.37 36.80 38.09
CA ASN B 140 -19.81 36.88 36.74
C ASN B 140 -19.28 35.53 36.26
N LEU B 141 -19.92 34.43 36.68
CA LEU B 141 -19.47 33.09 36.33
C LEU B 141 -20.20 32.65 35.07
N SER B 142 -19.50 31.92 34.20
CA SER B 142 -20.09 31.44 32.96
C SER B 142 -20.46 29.96 33.07
N MET B 143 -21.28 29.50 32.12
CA MET B 143 -21.70 28.11 32.04
C MET B 143 -21.06 27.42 30.85
N THR B 144 -20.69 26.16 31.03
CA THR B 144 -20.03 25.38 30.00
C THR B 144 -20.91 24.23 29.56
N PHE B 145 -21.06 24.05 28.25
CA PHE B 145 -21.88 22.98 27.70
C PHE B 145 -21.09 22.19 26.67
N ASP B 146 -21.51 20.95 26.43
CA ASP B 146 -20.85 20.08 25.48
C ASP B 146 -21.56 20.16 24.14
N GLY B 147 -21.24 19.25 23.23
CA GLY B 147 -21.76 19.29 21.87
C GLY B 147 -23.24 19.01 21.76
N ARG B 148 -23.87 18.58 22.85
CA ARG B 148 -25.29 18.22 22.75
C ARG B 148 -26.15 19.46 22.66
N LEU B 149 -25.62 20.61 23.06
CA LEU B 149 -26.36 21.85 23.00
C LEU B 149 -26.31 22.49 21.62
N VAL B 150 -25.42 22.00 20.75
CA VAL B 150 -25.21 22.62 19.45
C VAL B 150 -26.45 22.48 18.58
N LYS B 151 -27.15 21.36 18.70
CA LYS B 151 -28.34 21.12 17.89
C LYS B 151 -29.53 21.99 18.28
N LYS B 152 -29.45 22.68 19.41
CA LYS B 152 -30.56 23.48 19.89
C LYS B 152 -30.36 24.98 19.69
N ILE B 153 -29.16 25.41 19.30
CA ILE B 153 -28.85 26.82 19.11
C ILE B 153 -28.25 27.01 17.72
N TRP B 154 -28.09 28.27 17.33
CA TRP B 154 -27.52 28.64 16.05
C TRP B 154 -26.00 28.71 16.14
N VAL B 155 -25.31 28.05 15.21
CA VAL B 155 -23.84 28.10 15.13
C VAL B 155 -23.42 28.38 13.69
N PRO B 156 -22.27 29.03 13.49
CA PRO B 156 -21.77 29.27 12.13
C PRO B 156 -21.48 27.96 11.41
N ASP B 157 -21.80 27.93 10.11
CA ASP B 157 -21.57 26.75 9.27
C ASP B 157 -20.29 26.93 8.45
N MET B 158 -19.15 26.89 9.15
CA MET B 158 -17.85 26.97 8.50
C MET B 158 -17.50 25.65 7.81
N PHE B 159 -16.75 25.74 6.72
CA PHE B 159 -16.28 24.57 5.99
C PHE B 159 -14.97 24.92 5.30
N PHE B 160 -14.21 23.89 4.93
CA PHE B 160 -12.90 24.03 4.32
C PHE B 160 -13.02 23.92 2.81
N VAL B 161 -12.47 24.90 2.08
CA VAL B 161 -12.53 24.92 0.63
C VAL B 161 -11.40 24.06 0.06
N HIS B 162 -11.68 23.38 -1.04
CA HIS B 162 -10.71 22.52 -1.73
C HIS B 162 -10.19 21.41 -0.82
N SER B 163 -11.07 20.83 -0.03
CA SER B 163 -10.72 19.72 0.85
C SER B 163 -11.22 18.40 0.27
N LYS B 164 -10.54 17.33 0.63
CA LYS B 164 -10.83 15.99 0.14
C LYS B 164 -11.57 15.12 1.16
N ARG B 165 -11.19 15.21 2.43
CA ARG B 165 -11.84 14.45 3.49
C ARG B 165 -11.49 15.08 4.82
N SER B 166 -12.41 14.96 5.78
CA SER B 166 -12.22 15.53 7.11
C SER B 166 -13.21 14.88 8.07
N PHE B 167 -12.87 14.95 9.36
CA PHE B 167 -13.72 14.37 10.39
C PHE B 167 -13.39 15.05 11.72
N ILE B 168 -14.29 14.88 12.70
CA ILE B 168 -14.13 15.46 14.03
C ILE B 168 -13.89 14.32 15.03
N HIS B 169 -12.85 14.46 15.84
CA HIS B 169 -12.52 13.47 16.87
C HIS B 169 -13.70 13.24 17.83
N ASP B 170 -13.98 11.96 18.15
CA ASP B 170 -15.03 11.66 19.13
C ASP B 170 -14.57 10.67 20.19
N THR B 171 -13.33 10.78 20.64
CA THR B 171 -12.83 9.95 21.73
C THR B 171 -12.38 10.82 22.89
N THR B 172 -12.92 10.56 24.08
CA THR B 172 -13.90 9.50 24.30
C THR B 172 -15.32 9.98 24.02
N THR B 173 -15.45 11.29 23.81
CA THR B 173 -16.70 11.92 23.42
C THR B 173 -16.36 12.99 22.38
N ASP B 174 -17.41 13.60 21.83
CA ASP B 174 -17.24 14.66 20.84
C ASP B 174 -16.42 15.81 21.43
N ASN B 175 -15.38 16.21 20.71
CA ASN B 175 -14.47 17.27 21.12
C ASN B 175 -15.07 18.63 20.75
N VAL B 176 -16.21 18.93 21.39
CA VAL B 176 -16.94 20.16 21.16
C VAL B 176 -17.21 20.82 22.51
N MET B 177 -16.91 22.11 22.62
CA MET B 177 -17.08 22.85 23.86
C MET B 177 -17.77 24.17 23.56
N LEU B 178 -18.70 24.54 24.45
CA LEU B 178 -19.44 25.79 24.33
C LEU B 178 -19.40 26.51 25.67
N ARG B 179 -19.08 27.80 25.65
CA ARG B 179 -19.07 28.64 26.83
C ARG B 179 -19.91 29.87 26.57
N VAL B 180 -20.81 30.17 27.49
CA VAL B 180 -21.78 31.26 27.32
C VAL B 180 -21.58 32.27 28.43
N GLN B 181 -21.41 33.55 28.05
CA GLN B 181 -21.16 34.55 29.06
C GLN B 181 -22.50 35.11 29.51
N PRO B 182 -22.55 35.80 30.64
CA PRO B 182 -23.85 36.30 31.10
C PRO B 182 -24.50 37.32 30.18
N ASP B 183 -23.73 38.13 29.46
CA ASP B 183 -24.29 39.11 28.52
C ASP B 183 -24.66 38.51 27.16
N GLY B 184 -24.26 37.27 26.93
CA GLY B 184 -24.51 36.60 25.65
C GLY B 184 -23.33 36.34 24.74
N LYS B 185 -22.09 36.56 25.19
CA LYS B 185 -20.91 36.20 24.40
C LYS B 185 -20.68 34.70 24.43
N VAL B 186 -20.40 34.13 23.26
CA VAL B 186 -20.31 32.68 23.09
C VAL B 186 -18.94 32.32 22.53
N LEU B 187 -18.34 31.27 23.08
CA LEU B 187 -17.10 30.69 22.57
C LEU B 187 -17.38 29.28 22.07
N TYR B 188 -17.02 29.00 20.83
CA TYR B 188 -17.27 27.71 20.20
C TYR B 188 -15.96 27.13 19.69
N SER B 189 -15.56 25.98 20.22
CA SER B 189 -14.28 25.36 19.89
C SER B 189 -14.47 23.90 19.52
N LEU B 190 -13.67 23.42 18.57
CA LEU B 190 -13.69 22.01 18.17
C LEU B 190 -12.32 21.64 17.63
N ARG B 191 -12.05 20.34 17.66
CA ARG B 191 -10.83 19.72 17.13
C ARG B 191 -11.15 18.94 15.87
N VAL B 192 -10.45 19.27 14.77
CA VAL B 192 -10.73 18.69 13.46
C VAL B 192 -9.42 18.31 12.76
N THR B 193 -9.50 17.28 11.92
CA THR B 193 -8.42 16.91 11.01
C THR B 193 -8.92 17.01 9.58
N VAL B 194 -8.16 17.70 8.73
CA VAL B 194 -8.58 18.02 7.37
C VAL B 194 -7.45 17.70 6.40
N THR B 195 -7.82 17.16 5.23
CA THR B 195 -6.91 16.93 4.11
C THR B 195 -7.27 17.85 2.96
N ALA B 196 -6.28 18.58 2.45
CA ALA B 196 -6.49 19.61 1.44
C ALA B 196 -5.55 19.42 0.27
N MET B 197 -5.93 19.93 -0.91
CA MET B 197 -5.14 19.71 -2.10
C MET B 197 -4.07 20.78 -2.21
N CYS B 198 -3.03 20.49 -2.99
CA CYS B 198 -1.97 21.46 -3.17
C CYS B 198 -1.24 21.15 -4.47
N ASN B 199 -1.43 21.98 -5.49
CA ASN B 199 -0.78 21.74 -6.77
C ASN B 199 0.72 21.96 -6.63
N MET B 200 1.51 21.04 -7.17
CA MET B 200 2.96 21.10 -7.07
C MET B 200 3.59 21.06 -8.46
N ASP B 201 4.80 21.64 -8.56
CA ASP B 201 5.57 21.65 -9.79
C ASP B 201 6.95 21.12 -9.49
N PHE B 202 7.34 20.05 -10.18
CA PHE B 202 8.62 19.37 -9.95
C PHE B 202 9.60 19.60 -11.09
N SER B 203 9.46 20.73 -11.79
CA SER B 203 10.35 21.00 -12.92
C SER B 203 11.78 21.23 -12.45
N ARG B 204 11.94 21.86 -11.28
CA ARG B 204 13.25 22.19 -10.74
C ARG B 204 13.72 21.20 -9.69
N PHE B 205 13.12 20.01 -9.63
CA PHE B 205 13.54 18.99 -8.67
C PHE B 205 15.02 18.68 -8.87
N PRO B 206 15.81 18.49 -7.80
CA PRO B 206 15.37 18.56 -6.40
C PRO B 206 15.51 19.95 -5.78
N LEU B 207 15.69 20.97 -6.60
CA LEU B 207 15.88 22.34 -6.12
C LEU B 207 14.58 23.14 -6.17
N ASP B 208 13.44 22.47 -6.07
CA ASP B 208 12.15 23.13 -6.22
C ASP B 208 11.68 23.68 -4.88
N THR B 209 10.78 24.65 -4.96
CA THR B 209 10.15 25.25 -3.79
C THR B 209 8.65 25.22 -3.99
N GLN B 210 7.93 24.82 -2.95
CA GLN B 210 6.49 24.64 -3.01
C GLN B 210 5.79 25.51 -1.97
N THR B 211 4.61 26.02 -2.34
CA THR B 211 3.77 26.81 -1.46
C THR B 211 2.40 26.16 -1.32
N CYS B 212 1.88 26.15 -0.10
CA CYS B 212 0.60 25.53 0.22
C CYS B 212 -0.29 26.53 0.94
N SER B 213 -1.59 26.24 0.96
CA SER B 213 -2.59 27.11 1.57
C SER B 213 -3.78 26.30 2.06
N LEU B 214 -4.38 26.78 3.15
CA LEU B 214 -5.59 26.22 3.72
C LEU B 214 -6.63 27.33 3.80
N GLU B 215 -7.85 27.02 3.35
CA GLU B 215 -8.87 28.05 3.14
C GLU B 215 -10.12 27.75 3.97
N ILE B 216 -10.68 28.80 4.57
CA ILE B 216 -11.88 28.70 5.39
C ILE B 216 -12.92 29.67 4.86
N GLU B 217 -14.14 29.20 4.69
CA GLU B 217 -15.19 30.04 4.14
C GLU B 217 -16.56 29.56 4.63
N SER B 218 -17.50 30.50 4.72
CA SER B 218 -18.88 30.19 5.09
C SER B 218 -19.62 29.58 3.90
N TYR B 219 -20.44 28.56 4.18
CA TYR B 219 -21.07 27.79 3.12
C TYR B 219 -22.33 28.46 2.57
N ALA B 220 -23.23 28.90 3.46
CA ALA B 220 -24.54 29.36 3.03
C ALA B 220 -24.81 30.84 3.24
N TYR B 221 -23.93 31.56 3.93
CA TYR B 221 -24.14 32.97 4.26
C TYR B 221 -23.16 33.84 3.50
N THR B 222 -23.68 34.82 2.77
CA THR B 222 -22.86 35.78 2.07
C THR B 222 -22.35 36.84 3.02
N GLU B 223 -21.64 37.82 2.46
CA GLU B 223 -21.06 38.92 3.22
C GLU B 223 -22.11 39.89 3.72
N ASP B 224 -23.31 39.84 3.14
CA ASP B 224 -24.39 40.70 3.61
C ASP B 224 -25.01 40.22 4.92
N ASP B 225 -24.86 38.94 5.26
CA ASP B 225 -25.44 38.38 6.46
C ASP B 225 -24.41 37.94 7.48
N LEU B 226 -23.24 37.49 7.04
CA LEU B 226 -22.17 37.04 7.94
C LEU B 226 -20.87 37.71 7.53
N MET B 227 -20.18 38.32 8.49
CA MET B 227 -18.92 38.99 8.25
C MET B 227 -17.81 38.21 8.96
N LEU B 228 -16.93 37.59 8.18
CA LEU B 228 -15.86 36.76 8.72
C LEU B 228 -14.53 37.52 8.68
N TYR B 229 -13.77 37.44 9.76
CA TYR B 229 -12.49 38.13 9.84
C TYR B 229 -11.63 37.48 10.91
N TRP B 230 -10.32 37.74 10.85
CA TRP B 230 -9.40 37.26 11.88
C TRP B 230 -9.55 38.13 13.12
N LYS B 231 -9.72 37.48 14.29
CA LYS B 231 -10.04 38.24 15.50
C LYS B 231 -8.90 39.18 15.90
N LYS B 232 -7.65 38.72 15.83
CA LYS B 232 -6.51 39.52 16.23
C LYS B 232 -5.49 39.67 15.11
N GLY B 233 -5.95 39.71 13.87
CA GLY B 233 -5.02 40.01 12.79
C GLY B 233 -4.06 38.86 12.59
N ASN B 234 -2.77 39.20 12.52
CA ASN B 234 -1.73 38.20 12.34
C ASN B 234 -1.41 37.44 13.62
N ASP B 235 -1.98 37.84 14.76
CA ASP B 235 -1.69 37.14 16.01
C ASP B 235 -2.66 36.00 16.28
N SER B 236 -3.60 35.75 15.38
CA SER B 236 -4.58 34.71 15.61
C SER B 236 -4.11 33.33 15.18
N LEU B 237 -2.88 33.20 14.69
CA LEU B 237 -2.34 31.92 14.24
C LEU B 237 -1.21 31.51 15.16
N LYS B 238 -1.31 30.32 15.73
CA LYS B 238 -0.28 29.78 16.60
C LYS B 238 0.12 28.40 16.11
N THR B 239 1.43 28.10 16.15
CA THR B 239 1.88 26.78 15.73
C THR B 239 2.66 26.11 16.85
N ASP B 240 2.64 24.77 16.83
CA ASP B 240 3.39 23.98 17.81
C ASP B 240 4.89 24.15 17.61
N GLU B 241 5.64 24.08 18.72
CA GLU B 241 7.08 24.23 18.64
C GLU B 241 7.76 23.03 18.00
N ARG B 242 7.09 21.89 17.91
CA ARG B 242 7.70 20.67 17.42
C ARG B 242 7.06 20.18 16.12
N ILE B 243 6.51 21.09 15.32
CA ILE B 243 5.94 20.71 14.04
C ILE B 243 7.07 20.45 13.05
N SER B 244 7.03 19.30 12.38
CA SER B 244 8.10 18.92 11.47
C SER B 244 7.60 17.88 10.49
N LEU B 245 8.35 17.72 9.40
CA LEU B 245 8.06 16.72 8.38
C LEU B 245 9.33 15.92 8.12
N SER B 246 9.14 14.69 7.65
CA SER B 246 10.28 13.78 7.47
C SER B 246 11.23 14.28 6.39
N GLN B 247 10.70 14.70 5.24
CA GLN B 247 11.54 15.03 4.09
C GLN B 247 11.39 16.49 3.65
N PHE B 248 10.76 17.33 4.45
CA PHE B 248 10.55 18.72 4.09
C PHE B 248 10.88 19.64 5.26
N LEU B 249 11.24 20.88 4.94
CA LEU B 249 11.44 21.94 5.92
C LEU B 249 10.29 22.94 5.83
N ILE B 250 9.77 23.34 6.98
CA ILE B 250 8.56 24.17 7.06
C ILE B 250 8.95 25.54 7.61
N GLN B 251 8.44 26.59 6.98
CA GLN B 251 8.78 27.97 7.35
C GLN B 251 7.70 28.92 6.86
N GLU B 252 7.73 30.13 7.41
CA GLU B 252 6.98 31.28 6.88
C GLU B 252 5.47 31.07 6.96
N PHE B 253 4.98 30.96 8.20
CA PHE B 253 3.54 30.91 8.43
C PHE B 253 2.99 32.33 8.50
N HIS B 254 1.92 32.59 7.74
CA HIS B 254 1.26 33.88 7.75
C HIS B 254 -0.16 33.72 7.23
N THR B 255 -1.00 34.72 7.50
CA THR B 255 -2.40 34.67 7.12
C THR B 255 -2.77 35.85 6.24
N THR B 256 -3.71 35.62 5.32
CA THR B 256 -4.23 36.65 4.41
C THR B 256 -5.73 36.46 4.24
N THR B 257 -6.38 37.47 3.65
CA THR B 257 -7.81 37.45 3.40
C THR B 257 -8.08 37.90 1.96
N LYS B 258 -9.18 37.38 1.40
CA LYS B 258 -9.55 37.75 0.04
C LYS B 258 -11.02 37.39 -0.17
N LEU B 259 -11.70 38.20 -1.00
CA LEU B 259 -13.11 38.04 -1.31
C LEU B 259 -13.27 37.14 -2.51
N ALA B 260 -14.26 36.24 -2.46
CA ALA B 260 -14.57 35.35 -3.57
C ALA B 260 -16.00 35.60 -4.04
N PHE B 261 -16.20 35.41 -5.34
CA PHE B 261 -17.47 35.67 -5.99
C PHE B 261 -18.05 34.39 -6.57
N TYR B 262 -19.33 34.14 -6.31
CA TYR B 262 -20.00 32.96 -6.84
C TYR B 262 -21.22 33.44 -7.61
N SER B 263 -21.34 33.04 -8.86
CA SER B 263 -22.45 33.54 -9.69
C SER B 263 -23.81 33.08 -9.18
N SER B 264 -23.87 31.95 -8.49
CA SER B 264 -25.16 31.44 -8.03
C SER B 264 -25.73 32.26 -6.87
N THR B 265 -24.87 32.70 -5.94
CA THR B 265 -25.38 33.34 -4.73
C THR B 265 -24.77 34.69 -4.42
N GLY B 266 -23.52 34.92 -4.83
CA GLY B 266 -22.90 36.22 -4.60
C GLY B 266 -21.51 36.15 -3.98
N TRP B 267 -21.14 37.17 -3.20
CA TRP B 267 -19.77 37.30 -2.67
C TRP B 267 -19.63 36.66 -1.29
N TYR B 268 -18.43 36.11 -1.01
CA TYR B 268 -18.17 35.45 0.25
C TYR B 268 -16.80 35.89 0.77
N ASN B 269 -16.62 35.87 2.08
CA ASN B 269 -15.30 36.12 2.64
C ASN B 269 -14.51 34.82 2.80
N ARG B 270 -13.21 34.86 2.49
CA ARG B 270 -12.34 33.70 2.61
C ARG B 270 -11.05 34.05 3.37
N LEU B 271 -10.59 33.09 4.17
CA LEU B 271 -9.34 33.26 4.91
C LEU B 271 -8.29 32.27 4.41
N TYR B 272 -7.02 32.63 4.55
CA TYR B 272 -5.91 31.80 4.07
C TYR B 272 -4.89 31.62 5.18
N ILE B 273 -4.21 30.47 5.14
CA ILE B 273 -3.09 30.10 6.01
C ILE B 273 -2.02 29.52 5.10
N ASN B 274 -0.87 30.18 5.04
CA ASN B 274 0.17 29.94 4.06
C ASN B 274 1.43 29.44 4.74
N PHE B 275 2.14 28.54 4.06
CA PHE B 275 3.45 28.09 4.53
C PHE B 275 4.23 27.59 3.32
N THR B 276 5.54 27.42 3.51
CA THR B 276 6.45 27.04 2.43
C THR B 276 7.21 25.76 2.78
N LEU B 277 7.57 25.00 1.76
CA LEU B 277 8.25 23.72 1.92
C LEU B 277 9.59 23.75 1.19
N ARG B 278 10.62 23.13 1.77
CA ARG B 278 11.92 23.04 1.11
C ARG B 278 12.53 21.68 1.39
N ARG B 279 13.46 21.28 0.52
CA ARG B 279 14.12 19.98 0.62
C ARG B 279 15.54 20.12 1.17
N HIS B 280 16.19 18.97 1.33
CA HIS B 280 17.59 18.88 1.77
C HIS B 280 18.50 18.74 0.55
N ILE B 281 19.24 19.79 0.19
CA ILE B 281 19.95 19.75 -1.09
C ILE B 281 21.11 18.78 -1.05
N PHE B 282 21.85 18.75 0.07
CA PHE B 282 23.09 18.00 0.12
C PHE B 282 22.86 16.49 0.02
N PHE B 283 21.76 16.00 0.58
CA PHE B 283 21.48 14.57 0.50
C PHE B 283 21.30 14.15 -0.94
N PHE B 284 20.49 14.90 -1.70
CA PHE B 284 20.28 14.58 -3.11
C PHE B 284 21.55 14.73 -3.91
N LEU B 285 22.32 15.79 -3.65
CA LEU B 285 23.61 15.96 -4.31
C LEU B 285 24.51 14.74 -4.11
N LEU B 286 24.67 14.31 -2.86
CA LEU B 286 25.59 13.20 -2.58
C LEU B 286 25.09 11.89 -3.19
N GLN B 287 23.78 11.70 -3.19
CA GLN B 287 23.19 10.46 -3.67
C GLN B 287 23.14 10.37 -5.18
N THR B 288 23.14 11.51 -5.88
CA THR B 288 22.92 11.47 -7.33
C THR B 288 24.07 12.04 -8.13
N TYR B 289 24.46 13.29 -7.90
CA TYR B 289 25.45 13.95 -8.73
C TYR B 289 26.86 13.39 -8.54
N PHE B 290 27.20 12.97 -7.32
CA PHE B 290 28.56 12.51 -7.06
C PHE B 290 28.90 11.25 -7.85
N PRO B 291 28.05 10.21 -7.87
CA PRO B 291 28.42 9.00 -8.62
C PRO B 291 28.52 9.24 -10.11
N ALA B 292 27.68 10.12 -10.66
CA ALA B 292 27.72 10.36 -12.10
C ALA B 292 29.00 11.09 -12.48
N THR B 293 29.42 12.06 -11.68
CA THR B 293 30.66 12.78 -11.98
C THR B 293 31.88 11.88 -11.79
N LEU B 294 31.87 11.02 -10.77
CA LEU B 294 32.94 10.05 -10.58
C LEU B 294 33.06 9.10 -11.77
N MET B 295 31.93 8.59 -12.25
CA MET B 295 31.94 7.68 -13.38
C MET B 295 32.43 8.38 -14.65
N VAL B 296 32.03 9.64 -14.85
CA VAL B 296 32.48 10.40 -16.02
C VAL B 296 33.98 10.60 -15.98
N MET B 297 34.51 10.94 -14.80
CA MET B 297 35.95 11.12 -14.66
C MET B 297 36.69 9.81 -14.84
N LEU B 298 36.11 8.71 -14.34
CA LEU B 298 36.76 7.41 -14.49
C LEU B 298 36.77 6.95 -15.94
N SER B 299 35.78 7.36 -16.74
CA SER B 299 35.74 6.99 -18.14
C SER B 299 36.89 7.61 -18.93
N TRP B 300 37.50 8.66 -18.42
CA TRP B 300 38.61 9.37 -19.05
C TRP B 300 39.95 8.66 -18.84
N VAL B 301 39.97 7.56 -18.08
CA VAL B 301 41.23 6.88 -17.77
C VAL B 301 41.80 6.23 -19.02
N SER B 302 40.94 5.77 -19.91
CA SER B 302 41.40 5.04 -21.07
C SER B 302 42.25 5.86 -22.02
N PHE B 303 42.21 7.20 -21.92
CA PHE B 303 42.99 8.06 -22.82
C PHE B 303 44.48 7.99 -22.53
N TRP B 304 44.85 7.42 -21.38
CA TRP B 304 46.20 7.40 -20.83
C TRP B 304 46.80 6.00 -20.90
N ILE B 305 46.05 5.05 -21.47
CA ILE B 305 46.50 3.68 -21.64
C ILE B 305 47.00 3.47 -23.07
N ASP B 306 48.01 2.62 -23.21
CA ASP B 306 48.58 2.31 -24.51
C ASP B 306 47.51 1.77 -25.44
N ARG B 307 47.50 2.26 -26.67
CA ARG B 307 46.49 1.86 -27.63
C ARG B 307 46.65 0.42 -28.09
N ARG B 308 47.76 -0.24 -27.75
CA ARG B 308 48.01 -1.59 -28.20
C ARG B 308 47.30 -2.63 -27.34
N ALA B 309 46.77 -2.20 -26.20
CA ALA B 309 46.07 -3.11 -25.29
C ALA B 309 44.56 -3.02 -25.48
N VAL B 310 44.08 -3.63 -26.57
CA VAL B 310 42.65 -3.63 -26.86
C VAL B 310 41.86 -4.40 -25.80
N PRO B 311 42.28 -5.60 -25.38
CA PRO B 311 41.49 -6.32 -24.36
C PRO B 311 41.48 -5.63 -23.01
N ALA B 312 42.28 -4.58 -22.80
CA ALA B 312 42.09 -3.75 -21.63
C ALA B 312 41.28 -2.49 -21.88
N ARG B 313 41.31 -1.97 -23.11
CA ARG B 313 40.66 -0.71 -23.42
C ARG B 313 39.15 -0.89 -23.58
N VAL B 314 38.73 -1.98 -24.23
CA VAL B 314 37.34 -2.18 -24.62
C VAL B 314 36.54 -2.60 -23.39
N PRO B 315 36.96 -3.61 -22.61
CA PRO B 315 36.10 -4.01 -21.49
C PRO B 315 35.92 -2.91 -20.45
N LEU B 316 36.90 -2.02 -20.33
CA LEU B 316 36.77 -0.90 -19.40
C LEU B 316 35.63 0.00 -19.82
N GLY B 317 35.58 0.32 -21.11
CA GLY B 317 34.51 1.16 -21.62
C GLY B 317 33.14 0.53 -21.48
N ILE B 318 33.02 -0.74 -21.86
CA ILE B 318 31.72 -1.39 -21.83
C ILE B 318 31.25 -1.58 -20.39
N THR B 319 32.17 -1.84 -19.47
CA THR B 319 31.77 -1.97 -18.07
C THR B 319 31.41 -0.62 -17.46
N THR B 320 32.06 0.45 -17.91
CA THR B 320 31.67 1.79 -17.48
C THR B 320 30.26 2.13 -17.97
N VAL B 321 29.94 1.74 -19.21
CA VAL B 321 28.59 1.97 -19.72
C VAL B 321 27.57 1.16 -18.92
N LEU B 322 27.91 -0.09 -18.59
CA LEU B 322 27.01 -0.91 -17.77
C LEU B 322 26.79 -0.30 -16.40
N THR B 323 27.86 0.21 -15.79
CA THR B 323 27.75 0.79 -14.46
C THR B 323 26.93 2.07 -14.50
N MET B 324 27.13 2.88 -15.54
CA MET B 324 26.31 4.09 -15.67
C MET B 324 24.84 3.74 -15.83
N SER B 325 24.52 2.73 -16.65
CA SER B 325 23.13 2.34 -16.82
C SER B 325 22.52 1.86 -15.52
N THR B 326 23.25 1.04 -14.77
CA THR B 326 22.73 0.54 -13.50
C THR B 326 22.51 1.66 -12.51
N ILE B 327 23.44 2.63 -12.47
CA ILE B 327 23.29 3.78 -11.58
C ILE B 327 22.06 4.59 -11.95
N ILE B 328 21.83 4.80 -13.25
CA ILE B 328 20.68 5.59 -13.67
C ILE B 328 19.39 4.88 -13.32
N THR B 329 19.37 3.55 -13.50
CA THR B 329 18.18 2.79 -13.17
C THR B 329 17.89 2.84 -11.68
N GLY B 330 18.94 2.75 -10.87
CA GLY B 330 18.79 2.76 -9.42
C GLY B 330 18.30 4.11 -8.95
N VAL B 331 18.78 5.17 -9.60
CA VAL B 331 18.39 6.52 -9.22
C VAL B 331 16.91 6.75 -9.57
N ASN B 332 16.50 6.24 -10.72
CA ASN B 332 15.12 6.40 -11.17
C ASN B 332 14.17 5.57 -10.32
N ALA B 333 14.66 4.46 -9.77
CA ALA B 333 13.80 3.59 -8.97
C ALA B 333 13.47 4.18 -7.61
N SER B 334 14.19 5.20 -7.15
CA SER B 334 14.02 5.73 -5.80
C SER B 334 13.36 7.09 -5.76
N MET B 335 13.02 7.67 -6.90
CA MET B 335 12.34 8.95 -6.98
C MET B 335 10.84 8.76 -7.09
N PRO B 336 10.07 9.79 -6.70
CA PRO B 336 8.61 9.71 -6.81
C PRO B 336 8.18 9.60 -8.25
N ARG B 337 7.11 8.84 -8.50
CA ARG B 337 6.69 8.56 -9.87
C ARG B 337 5.97 9.78 -10.45
N VAL B 338 6.77 10.72 -10.96
CA VAL B 338 6.26 11.90 -11.64
C VAL B 338 6.73 11.83 -13.09
N SER B 339 5.78 11.84 -14.02
CA SER B 339 6.06 11.48 -15.41
C SER B 339 6.23 12.74 -16.26
N TYR B 340 7.32 13.46 -15.99
CA TYR B 340 7.82 14.46 -16.92
C TYR B 340 9.29 14.76 -16.62
N ILE B 341 9.91 15.51 -17.53
CA ILE B 341 11.37 15.68 -17.52
C ILE B 341 11.81 16.55 -16.36
N LYS B 342 12.90 16.15 -15.70
CA LYS B 342 13.49 16.89 -14.61
C LYS B 342 14.96 17.14 -14.92
N ALA B 343 15.56 18.11 -14.21
CA ALA B 343 16.94 18.48 -14.51
C ALA B 343 17.92 17.35 -14.20
N VAL B 344 17.64 16.56 -13.17
CA VAL B 344 18.56 15.47 -12.83
C VAL B 344 18.64 14.47 -13.98
N ASP B 345 17.51 14.19 -14.62
CA ASP B 345 17.50 13.33 -15.80
C ASP B 345 18.39 13.88 -16.90
N ILE B 346 18.34 15.19 -17.11
CA ILE B 346 19.13 15.81 -18.17
C ILE B 346 20.62 15.65 -17.87
N TYR B 347 20.99 15.82 -16.61
CA TYR B 347 22.38 15.67 -16.18
C TYR B 347 22.84 14.25 -16.42
N LEU B 348 22.00 13.28 -16.02
CA LEU B 348 22.41 11.88 -16.14
C LEU B 348 22.53 11.46 -17.59
N TRP B 349 21.61 11.91 -18.46
CA TRP B 349 21.67 11.52 -19.85
C TRP B 349 22.84 12.19 -20.57
N VAL B 350 23.19 13.42 -20.18
CA VAL B 350 24.38 14.05 -20.73
C VAL B 350 25.62 13.27 -20.35
N SER B 351 25.72 12.81 -19.09
CA SER B 351 26.84 11.96 -18.71
C SER B 351 26.84 10.67 -19.51
N PHE B 352 25.67 10.08 -19.76
CA PHE B 352 25.63 8.85 -20.55
C PHE B 352 26.14 9.08 -21.97
N VAL B 353 25.77 10.21 -22.58
CA VAL B 353 26.24 10.53 -23.93
C VAL B 353 27.76 10.71 -23.94
N PHE B 354 28.30 11.40 -22.93
CA PHE B 354 29.75 11.51 -22.81
C PHE B 354 30.40 10.13 -22.73
N VAL B 355 29.81 9.21 -21.97
CA VAL B 355 30.43 7.89 -21.81
C VAL B 355 30.42 7.14 -23.13
N PHE B 356 29.35 7.32 -23.90
CA PHE B 356 29.21 6.64 -25.18
C PHE B 356 30.24 7.16 -26.17
N LEU B 357 30.46 8.47 -26.18
CA LEU B 357 31.46 9.05 -27.07
C LEU B 357 32.87 8.62 -26.69
N SER B 358 33.12 8.38 -25.39
CA SER B 358 34.45 7.94 -24.95
C SER B 358 34.81 6.59 -25.55
N VAL B 359 33.82 5.80 -25.91
CA VAL B 359 34.04 4.48 -26.53
C VAL B 359 34.12 4.59 -28.04
N LEU B 360 33.30 5.45 -28.65
CA LEU B 360 33.41 5.67 -30.10
C LEU B 360 34.79 6.20 -30.48
N GLU B 361 35.35 7.07 -29.65
CA GLU B 361 36.67 7.63 -29.94
C GLU B 361 37.71 6.52 -30.07
N TYR B 362 37.78 5.62 -29.09
CA TYR B 362 38.79 4.56 -29.14
C TYR B 362 38.52 3.60 -30.29
N ALA B 363 37.24 3.38 -30.62
CA ALA B 363 36.90 2.50 -31.73
C ALA B 363 37.50 3.03 -33.03
N ALA B 364 37.41 4.35 -33.25
CA ALA B 364 37.93 4.90 -34.49
C ALA B 364 39.45 4.95 -34.48
N VAL B 365 40.03 5.10 -33.28
CA VAL B 365 41.48 5.12 -33.11
C VAL B 365 42.06 3.74 -33.45
N ASN B 366 41.40 2.70 -32.96
CA ASN B 366 41.80 1.33 -33.29
C ASN B 366 41.66 1.04 -34.78
N TYR B 367 40.57 1.49 -35.40
CA TYR B 367 40.37 1.24 -36.82
C TYR B 367 41.44 1.93 -37.65
N LEU B 368 41.76 3.17 -37.31
CA LEU B 368 42.80 3.90 -38.02
C LEU B 368 44.15 3.24 -37.87
N THR B 369 44.48 2.79 -36.66
CA THR B 369 45.76 2.15 -36.42
C THR B 369 45.88 0.86 -37.24
N THR B 370 44.82 0.07 -37.29
CA THR B 370 44.84 -1.16 -38.08
C THR B 370 45.02 -0.86 -39.56
N VAL B 371 44.34 0.19 -40.07
CA VAL B 371 44.45 0.53 -41.48
C VAL B 371 45.87 0.98 -41.82
N GLN B 372 46.48 1.79 -40.94
CA GLN B 372 47.84 2.24 -41.18
C GLN B 372 48.83 1.08 -41.16
N GLU B 373 48.67 0.16 -40.21
CA GLU B 373 49.57 -0.99 -40.14
C GLU B 373 49.43 -1.86 -41.38
N ARG B 374 48.19 -2.06 -41.85
CA ARG B 374 47.97 -2.89 -43.03
C ARG B 374 48.57 -2.25 -44.28
N LYS B 375 48.43 -0.92 -44.41
CA LYS B 375 49.03 -0.26 -45.57
C LYS B 375 50.55 -0.35 -45.55
N GLU B 376 51.15 -0.13 -44.38
CA GLU B 376 52.59 -0.19 -44.21
C GLU B 376 53.13 -1.58 -44.56
N GLN B 377 52.41 -2.63 -44.10
CA GLN B 377 52.81 -3.98 -44.43
C GLN B 377 52.67 -4.26 -45.92
N LYS B 378 51.62 -3.71 -46.55
CA LYS B 378 51.40 -3.96 -47.97
C LYS B 378 52.48 -3.29 -48.80
N LEU B 379 52.97 -2.13 -48.33
CA LEU B 379 53.95 -1.37 -49.10
C LEU B 379 55.25 -2.14 -49.25
N ARG B 380 55.71 -2.80 -48.19
CA ARG B 380 56.89 -3.63 -48.26
C ARG B 380 56.60 -4.96 -48.98
N ASP B 451 54.60 5.71 -29.93
CA ASP B 451 54.07 7.07 -29.91
C ASP B 451 52.60 7.09 -29.56
N THR B 452 52.06 8.30 -29.38
CA THR B 452 50.66 8.49 -29.02
C THR B 452 49.89 9.07 -30.19
N HIS B 453 48.69 8.53 -30.43
CA HIS B 453 47.88 8.98 -31.55
C HIS B 453 47.34 10.37 -31.25
N ALA B 454 47.24 11.21 -32.28
CA ALA B 454 46.82 12.59 -32.04
C ALA B 454 45.41 12.67 -31.50
N ILE B 455 44.57 11.69 -31.84
CA ILE B 455 43.20 11.74 -31.32
C ILE B 455 43.19 11.70 -29.79
N ASP B 456 44.08 10.89 -29.20
CA ASP B 456 44.11 10.78 -27.75
C ASP B 456 44.59 12.07 -27.13
N LYS B 457 45.64 12.65 -27.72
CA LYS B 457 46.21 13.91 -27.29
C LYS B 457 45.17 15.03 -27.28
N TYR B 458 44.33 15.09 -28.31
CA TYR B 458 43.36 16.18 -28.39
C TYR B 458 42.17 15.89 -27.49
N SER B 459 41.78 14.62 -27.36
CA SER B 459 40.65 14.28 -26.50
C SER B 459 40.95 14.54 -25.05
N ARG B 460 42.20 14.32 -24.62
CA ARG B 460 42.57 14.51 -23.22
C ARG B 460 42.29 15.94 -22.78
N ILE B 461 42.34 16.87 -23.72
CA ILE B 461 42.08 18.27 -23.45
C ILE B 461 40.62 18.61 -23.73
N ILE B 462 40.03 18.01 -24.77
CA ILE B 462 38.71 18.45 -25.20
C ILE B 462 37.65 18.01 -24.21
N PHE B 463 37.70 16.74 -23.80
CA PHE B 463 36.64 16.17 -22.97
C PHE B 463 36.46 16.91 -21.65
N PRO B 464 37.50 17.14 -20.84
CA PRO B 464 37.26 17.82 -19.55
C PRO B 464 36.78 19.25 -19.70
N ALA B 465 37.26 19.99 -20.70
CA ALA B 465 36.82 21.35 -20.96
C ALA B 465 35.34 21.39 -21.32
N ALA B 466 34.91 20.45 -22.16
CA ALA B 466 33.51 20.43 -22.56
C ALA B 466 32.61 20.10 -21.37
N TYR B 467 33.04 19.15 -20.54
CA TYR B 467 32.26 18.80 -19.36
C TYR B 467 32.20 19.97 -18.39
N ILE B 468 33.32 20.69 -18.23
CA ILE B 468 33.34 21.84 -17.34
C ILE B 468 32.40 22.93 -17.85
N LEU B 469 32.41 23.16 -19.17
CA LEU B 469 31.55 24.17 -19.78
C LEU B 469 30.09 23.81 -19.59
N PHE B 470 29.75 22.53 -19.76
CA PHE B 470 28.39 22.06 -19.57
C PHE B 470 27.95 22.24 -18.13
N ASN B 471 28.83 21.92 -17.17
CA ASN B 471 28.51 22.11 -15.76
C ASN B 471 28.30 23.58 -15.43
N LEU B 472 29.14 24.45 -15.99
CA LEU B 472 28.99 25.88 -15.76
C LEU B 472 27.64 26.39 -16.27
N ILE B 473 27.28 26.01 -17.50
CA ILE B 473 26.00 26.44 -18.05
C ILE B 473 24.84 25.88 -17.23
N TYR B 474 24.95 24.60 -16.84
CA TYR B 474 23.86 23.93 -16.13
C TYR B 474 23.60 24.57 -14.77
N TRP B 475 24.68 24.89 -14.05
CA TRP B 475 24.60 25.48 -12.72
C TRP B 475 24.31 26.98 -12.77
N SER B 476 24.56 27.61 -13.93
CA SER B 476 24.14 28.99 -14.14
C SER B 476 22.65 29.09 -14.45
N ILE B 477 22.07 28.10 -15.13
CA ILE B 477 20.64 28.15 -15.43
C ILE B 477 19.81 27.78 -14.21
N PHE B 478 20.14 26.66 -13.57
CA PHE B 478 19.36 26.14 -12.44
C PHE B 478 19.86 26.65 -11.09
N SER B 479 20.78 27.62 -11.07
CA SER B 479 21.31 28.21 -9.84
C SER B 479 21.99 27.17 -8.94
N LYS C 74 -41.82 30.70 14.21
CA LYS C 74 -41.10 29.58 13.63
C LYS C 74 -41.18 29.62 12.11
N SER C 75 -40.02 29.51 11.46
CA SER C 75 -40.00 29.61 10.01
C SER C 75 -40.64 28.40 9.36
N GLU C 76 -40.59 27.25 10.02
CA GLU C 76 -41.18 26.05 9.44
C GLU C 76 -42.70 26.06 9.52
N GLN C 77 -43.29 27.02 10.24
CA GLN C 77 -44.74 27.13 10.28
C GLN C 77 -45.29 28.00 9.16
N LEU C 78 -44.44 28.78 8.49
CA LEU C 78 -44.90 29.53 7.32
C LEU C 78 -45.24 28.58 6.19
N LEU C 79 -44.45 27.51 6.04
CA LEU C 79 -44.73 26.45 5.08
C LEU C 79 -45.60 25.40 5.76
N ARG C 80 -46.72 25.06 5.11
CA ARG C 80 -47.69 24.15 5.72
C ARG C 80 -47.17 22.72 5.57
N ILE C 81 -46.23 22.38 6.45
CA ILE C 81 -45.54 21.09 6.32
C ILE C 81 -46.49 19.94 6.65
N ASP C 82 -47.30 20.11 7.70
CA ASP C 82 -48.25 19.11 8.19
C ASP C 82 -49.53 19.05 7.37
N ASP C 83 -49.74 19.99 6.47
CA ASP C 83 -50.96 20.02 5.67
C ASP C 83 -50.79 19.38 4.29
N HIS C 84 -49.62 18.86 3.97
CA HIS C 84 -49.47 18.15 2.71
C HIS C 84 -48.75 16.82 2.94
N ASP C 85 -48.95 15.90 1.99
CA ASP C 85 -48.22 14.63 1.94
C ASP C 85 -47.00 14.78 1.03
N PHE C 86 -45.82 14.82 1.64
CA PHE C 86 -44.56 14.99 0.92
C PHE C 86 -43.92 13.67 0.55
N SER C 87 -44.68 12.57 0.56
CA SER C 87 -44.17 11.33 -0.02
C SER C 87 -44.45 11.20 -1.50
N MET C 88 -45.21 12.11 -2.10
CA MET C 88 -45.47 12.04 -3.52
C MET C 88 -44.81 13.22 -4.23
N ARG C 89 -44.49 13.03 -5.51
CA ARG C 89 -43.89 14.09 -6.31
C ARG C 89 -44.91 15.20 -6.57
N PRO C 90 -44.44 16.44 -6.79
CA PRO C 90 -45.36 17.51 -7.19
C PRO C 90 -46.02 17.21 -8.53
N GLY C 91 -47.28 17.60 -8.65
CA GLY C 91 -48.04 17.31 -9.85
C GLY C 91 -48.35 15.85 -10.06
N PHE C 92 -48.56 15.10 -8.98
CA PHE C 92 -48.85 13.68 -9.08
C PHE C 92 -50.19 13.45 -9.80
N GLY C 93 -50.22 12.43 -10.65
CA GLY C 93 -51.28 12.12 -11.59
C GLY C 93 -51.30 12.93 -12.88
N GLY C 94 -50.33 13.83 -13.06
CA GLY C 94 -50.29 14.70 -14.21
C GLY C 94 -49.03 14.55 -15.05
N PRO C 95 -48.71 15.61 -15.79
CA PRO C 95 -47.47 15.64 -16.57
C PRO C 95 -46.24 15.60 -15.68
N ALA C 96 -45.13 15.17 -16.27
CA ALA C 96 -43.90 15.00 -15.51
C ALA C 96 -43.32 16.37 -15.17
N ILE C 97 -42.69 16.42 -13.99
CA ILE C 97 -42.17 17.65 -13.43
C ILE C 97 -40.72 17.81 -13.91
N PRO C 98 -40.39 18.91 -14.59
CA PRO C 98 -39.02 19.07 -15.10
C PRO C 98 -38.06 19.46 -13.99
N VAL C 99 -36.83 18.97 -14.10
CA VAL C 99 -35.80 19.26 -13.11
C VAL C 99 -34.52 19.63 -13.85
N GLY C 100 -33.94 20.78 -13.50
CA GLY C 100 -32.69 21.23 -14.07
C GLY C 100 -31.51 20.91 -13.17
N VAL C 101 -30.36 20.67 -13.78
CA VAL C 101 -29.17 20.26 -13.05
C VAL C 101 -27.99 21.10 -13.51
N ASP C 102 -27.21 21.58 -12.56
CA ASP C 102 -26.02 22.40 -12.82
C ASP C 102 -24.82 21.77 -12.11
N VAL C 103 -23.68 21.67 -12.80
CA VAL C 103 -22.52 20.95 -12.25
C VAL C 103 -21.30 21.84 -12.32
N GLN C 104 -20.57 21.97 -11.21
CA GLN C 104 -19.30 22.69 -11.16
C GLN C 104 -18.26 21.74 -10.61
N VAL C 105 -17.22 21.47 -11.40
CA VAL C 105 -16.14 20.56 -11.03
C VAL C 105 -15.09 21.34 -10.26
N GLU C 106 -14.72 20.82 -9.09
CA GLU C 106 -13.78 21.51 -8.21
C GLU C 106 -12.35 21.01 -8.42
N SER C 107 -12.13 19.70 -8.44
CA SER C 107 -10.79 19.16 -8.66
C SER C 107 -10.89 17.68 -9.01
N LEU C 108 -9.78 17.16 -9.55
CA LEU C 108 -9.60 15.73 -9.77
C LEU C 108 -8.56 15.21 -8.79
N ASP C 109 -8.94 14.17 -8.03
CA ASP C 109 -8.18 13.76 -6.85
C ASP C 109 -7.14 12.72 -7.22
N SER C 110 -7.57 11.62 -7.88
CA SER C 110 -6.53 10.67 -8.20
C SER C 110 -7.04 9.81 -9.35
N ILE C 111 -6.15 9.02 -9.93
CA ILE C 111 -6.53 8.08 -10.99
C ILE C 111 -5.73 6.80 -10.80
N SER C 112 -6.39 5.65 -10.96
CA SER C 112 -5.75 4.34 -10.80
C SER C 112 -5.77 3.60 -12.11
N GLU C 113 -4.57 3.31 -12.66
CA GLU C 113 -4.54 2.64 -13.95
C GLU C 113 -4.81 1.15 -13.81
N VAL C 114 -4.37 0.56 -12.71
CA VAL C 114 -4.54 -0.88 -12.50
C VAL C 114 -6.01 -1.22 -12.29
N ASP C 115 -6.70 -0.47 -11.43
CA ASP C 115 -8.10 -0.73 -11.15
C ASP C 115 -9.05 -0.01 -12.10
N MET C 116 -8.54 0.90 -12.93
CA MET C 116 -9.34 1.61 -13.94
C MET C 116 -10.51 2.38 -13.30
N ASP C 117 -10.15 3.39 -12.51
CA ASP C 117 -11.14 4.29 -11.92
C ASP C 117 -10.51 5.65 -11.65
N PHE C 118 -11.36 6.64 -11.36
CA PHE C 118 -10.89 7.99 -11.08
C PHE C 118 -11.79 8.60 -10.02
N THR C 119 -11.28 9.64 -9.36
CA THR C 119 -12.00 10.33 -8.29
C THR C 119 -12.14 11.80 -8.63
N MET C 120 -13.33 12.34 -8.32
CA MET C 120 -13.73 13.69 -8.67
C MET C 120 -14.54 14.28 -7.51
N THR C 121 -14.37 15.59 -7.29
CA THR C 121 -15.14 16.34 -6.32
C THR C 121 -15.84 17.48 -7.04
N LEU C 122 -17.14 17.64 -6.80
CA LEU C 122 -17.94 18.57 -7.58
C LEU C 122 -19.10 19.10 -6.73
N TYR C 123 -19.74 20.13 -7.28
CA TYR C 123 -20.96 20.72 -6.72
C TYR C 123 -22.16 20.27 -7.54
N LEU C 124 -23.21 19.79 -6.88
CA LEU C 124 -24.45 19.38 -7.57
C LEU C 124 -25.59 20.29 -7.17
N ARG C 125 -26.27 20.87 -8.17
CA ARG C 125 -27.37 21.79 -7.93
C ARG C 125 -28.61 21.35 -8.69
N HIS C 126 -29.78 21.54 -8.06
CA HIS C 126 -31.05 21.15 -8.64
C HIS C 126 -32.02 22.33 -8.66
N TYR C 127 -32.87 22.36 -9.69
CA TYR C 127 -33.86 23.43 -9.85
C TYR C 127 -35.21 22.83 -10.17
N TRP C 128 -36.23 23.19 -9.39
CA TRP C 128 -37.59 22.77 -9.68
C TRP C 128 -38.54 23.69 -8.93
N LYS C 129 -39.83 23.56 -9.22
CA LYS C 129 -40.87 24.40 -8.65
C LYS C 129 -41.91 23.53 -7.95
N ASP C 130 -42.32 23.97 -6.77
CA ASP C 130 -43.32 23.25 -5.96
C ASP C 130 -44.28 24.29 -5.39
N GLU C 131 -45.55 24.22 -5.78
CA GLU C 131 -46.48 25.22 -5.29
C GLU C 131 -46.86 25.01 -3.83
N ARG C 132 -46.64 23.81 -3.30
CA ARG C 132 -47.02 23.53 -1.91
C ARG C 132 -46.13 24.25 -0.91
N LEU C 133 -44.98 24.74 -1.36
CA LEU C 133 -44.02 25.46 -0.53
C LEU C 133 -44.18 26.97 -0.60
N SER C 134 -45.18 27.46 -1.30
CA SER C 134 -45.41 28.90 -1.36
C SER C 134 -45.90 29.42 -0.02
N PHE C 135 -45.44 30.63 0.34
CA PHE C 135 -45.71 31.30 1.59
C PHE C 135 -45.97 32.77 1.29
N PRO C 136 -46.90 33.39 2.00
CA PRO C 136 -47.10 34.84 1.83
C PRO C 136 -45.93 35.65 2.35
N SER C 137 -45.72 36.81 1.72
CA SER C 137 -44.63 37.70 2.09
C SER C 137 -44.98 39.13 1.66
N THR C 138 -44.52 40.10 2.44
CA THR C 138 -44.69 41.51 2.12
C THR C 138 -43.54 42.07 1.27
N ASN C 139 -42.57 41.22 0.91
CA ASN C 139 -41.41 41.62 0.13
C ASN C 139 -40.99 40.45 -0.76
N ASN C 140 -39.80 40.53 -1.33
CA ASN C 140 -39.29 39.52 -2.26
C ASN C 140 -38.06 38.80 -1.69
N LEU C 141 -37.99 38.64 -0.37
CA LEU C 141 -36.86 37.99 0.28
C LEU C 141 -37.13 36.51 0.42
N SER C 142 -36.09 35.69 0.24
CA SER C 142 -36.22 34.25 0.34
C SER C 142 -35.70 33.76 1.69
N MET C 143 -36.05 32.51 2.02
CA MET C 143 -35.61 31.85 3.26
C MET C 143 -34.62 30.74 2.94
N THR C 144 -33.61 30.61 3.79
CA THR C 144 -32.56 29.62 3.61
C THR C 144 -32.63 28.58 4.73
N PHE C 145 -32.55 27.31 4.36
CA PHE C 145 -32.59 26.22 5.33
C PHE C 145 -31.44 25.26 5.09
N ASP C 146 -31.07 24.52 6.13
CA ASP C 146 -29.97 23.58 6.05
C ASP C 146 -30.52 22.18 5.75
N GLY C 147 -29.67 21.16 5.89
CA GLY C 147 -30.05 19.81 5.51
C GLY C 147 -31.10 19.18 6.40
N ARG C 148 -31.45 19.83 7.50
CA ARG C 148 -32.39 19.21 8.42
C ARG C 148 -33.80 19.28 7.86
N LEU C 149 -34.04 20.18 6.90
CA LEU C 149 -35.35 20.31 6.30
C LEU C 149 -35.57 19.30 5.18
N VAL C 150 -34.52 18.62 4.75
CA VAL C 150 -34.61 17.72 3.60
C VAL C 150 -35.49 16.52 3.93
N LYS C 151 -35.44 16.06 5.17
CA LYS C 151 -36.24 14.90 5.56
C LYS C 151 -37.73 15.19 5.67
N LYS C 152 -38.13 16.45 5.58
CA LYS C 152 -39.53 16.83 5.73
C LYS C 152 -40.19 17.20 4.42
N ILE C 153 -39.43 17.34 3.33
CA ILE C 153 -39.95 17.73 2.02
C ILE C 153 -39.47 16.72 0.99
N TRP C 154 -40.03 16.83 -0.22
CA TRP C 154 -39.68 15.96 -1.33
C TRP C 154 -38.48 16.52 -2.08
N VAL C 155 -37.47 15.68 -2.33
CA VAL C 155 -36.29 16.05 -3.11
C VAL C 155 -36.01 14.98 -4.16
N PRO C 156 -35.41 15.35 -5.29
CA PRO C 156 -35.05 14.36 -6.31
C PRO C 156 -34.02 13.37 -5.78
N ASP C 157 -34.19 12.11 -6.16
CA ASP C 157 -33.29 11.02 -5.75
C ASP C 157 -32.27 10.72 -6.86
N MET C 158 -31.36 11.67 -7.07
CA MET C 158 -30.29 11.50 -8.05
C MET C 158 -29.22 10.55 -7.52
N PHE C 159 -28.58 9.82 -8.43
CA PHE C 159 -27.49 8.92 -8.09
C PHE C 159 -26.56 8.81 -9.29
N PHE C 160 -25.33 8.36 -9.04
CA PHE C 160 -24.30 8.25 -10.06
C PHE C 160 -24.23 6.81 -10.57
N VAL C 161 -24.29 6.66 -11.89
CA VAL C 161 -24.25 5.34 -12.51
C VAL C 161 -22.80 4.89 -12.66
N HIS C 162 -22.57 3.58 -12.49
CA HIS C 162 -21.24 2.96 -12.61
C HIS C 162 -20.25 3.56 -11.63
N SER C 163 -20.71 3.83 -10.41
CA SER C 163 -19.84 4.36 -9.36
C SER C 163 -19.48 3.26 -8.37
N LYS C 164 -18.33 3.43 -7.73
CA LYS C 164 -17.78 2.46 -6.79
C LYS C 164 -17.98 2.86 -5.33
N ARG C 165 -17.80 4.14 -5.01
CA ARG C 165 -17.97 4.66 -3.66
C ARG C 165 -18.12 6.16 -3.72
N SER C 166 -18.87 6.71 -2.77
CA SER C 166 -19.12 8.14 -2.71
C SER C 166 -19.62 8.51 -1.33
N PHE C 167 -19.48 9.78 -0.98
CA PHE C 167 -19.91 10.26 0.33
C PHE C 167 -20.11 11.78 0.23
N ILE C 168 -20.81 12.33 1.22
CA ILE C 168 -21.10 13.76 1.29
C ILE C 168 -20.32 14.35 2.47
N HIS C 169 -19.60 15.44 2.22
CA HIS C 169 -18.84 16.12 3.27
C HIS C 169 -19.74 16.58 4.43
N ASP C 170 -19.27 16.35 5.68
CA ASP C 170 -20.03 16.82 6.84
C ASP C 170 -19.16 17.58 7.83
N THR C 171 -18.23 18.38 7.34
CA THR C 171 -17.42 19.23 8.21
C THR C 171 -17.61 20.70 7.84
N THR C 172 -17.99 21.52 8.81
CA THR C 172 -18.20 21.08 10.19
C THR C 172 -19.63 20.56 10.39
N THR C 173 -20.46 20.78 9.38
CA THR C 173 -21.81 20.25 9.33
C THR C 173 -22.08 19.78 7.90
N ASP C 174 -23.25 19.18 7.70
CA ASP C 174 -23.65 18.70 6.38
C ASP C 174 -23.66 19.84 5.38
N ASN C 175 -22.97 19.62 4.26
CA ASN C 175 -22.85 20.61 3.19
C ASN C 175 -24.09 20.56 2.29
N VAL C 176 -25.23 20.90 2.89
CA VAL C 176 -26.52 20.88 2.21
C VAL C 176 -27.19 22.23 2.43
N MET C 177 -27.68 22.84 1.35
CA MET C 177 -28.31 24.15 1.42
C MET C 177 -29.62 24.11 0.62
N LEU C 178 -30.64 24.75 1.18
CA LEU C 178 -31.95 24.85 0.54
C LEU C 178 -32.41 26.29 0.57
N ARG C 179 -32.87 26.79 -0.58
CA ARG C 179 -33.40 28.13 -0.70
C ARG C 179 -34.77 28.06 -1.35
N VAL C 180 -35.76 28.72 -0.74
CA VAL C 180 -37.15 28.63 -1.16
C VAL C 180 -37.63 30.02 -1.55
N GLN C 181 -38.18 30.16 -2.75
CA GLN C 181 -38.60 31.47 -3.18
C GLN C 181 -40.04 31.66 -2.78
N PRO C 182 -40.55 32.89 -2.78
CA PRO C 182 -41.93 33.08 -2.32
C PRO C 182 -42.99 32.40 -3.18
N ASP C 183 -42.76 32.25 -4.48
CA ASP C 183 -43.72 31.56 -5.37
C ASP C 183 -43.59 30.03 -5.34
N GLY C 184 -42.55 29.53 -4.70
CA GLY C 184 -42.30 28.10 -4.62
C GLY C 184 -41.11 27.55 -5.39
N LYS C 185 -40.25 28.39 -5.95
CA LYS C 185 -39.04 27.91 -6.60
C LYS C 185 -38.00 27.50 -5.56
N VAL C 186 -37.37 26.36 -5.78
CA VAL C 186 -36.47 25.74 -4.81
C VAL C 186 -35.10 25.53 -5.44
N LEU C 187 -34.05 25.85 -4.69
CA LEU C 187 -32.66 25.56 -5.07
C LEU C 187 -32.07 24.58 -4.09
N TYR C 188 -31.54 23.47 -4.60
CA TYR C 188 -30.98 22.41 -3.77
C TYR C 188 -29.54 22.15 -4.19
N SER C 189 -28.59 22.35 -3.27
CA SER C 189 -27.18 22.23 -3.58
C SER C 189 -26.49 21.37 -2.54
N LEU C 190 -25.49 20.59 -2.97
CA LEU C 190 -24.69 19.77 -2.07
C LEU C 190 -23.32 19.57 -2.69
N ARG C 191 -22.35 19.24 -1.82
CA ARG C 191 -20.98 18.93 -2.17
C ARG C 191 -20.72 17.44 -1.98
N VAL C 192 -20.27 16.77 -3.05
CA VAL C 192 -20.08 15.33 -3.04
C VAL C 192 -18.76 14.96 -3.70
N THR C 193 -18.17 13.84 -3.25
CA THR C 193 -17.02 13.22 -3.89
C THR C 193 -17.40 11.81 -4.35
N VAL C 194 -17.11 11.51 -5.62
CA VAL C 194 -17.54 10.27 -6.24
C VAL C 194 -16.37 9.63 -6.98
N THR C 195 -16.29 8.30 -6.90
CA THR C 195 -15.34 7.48 -7.66
C THR C 195 -16.09 6.64 -8.68
N ALA C 196 -15.64 6.72 -9.94
CA ALA C 196 -16.34 6.09 -11.05
C ALA C 196 -15.37 5.26 -11.88
N MET C 197 -15.91 4.25 -12.59
CA MET C 197 -15.05 3.35 -13.34
C MET C 197 -14.76 3.92 -14.72
N CYS C 198 -13.69 3.43 -15.33
CA CYS C 198 -13.37 3.90 -16.68
C CYS C 198 -12.50 2.85 -17.36
N ASN C 199 -13.06 2.15 -18.33
CA ASN C 199 -12.31 1.13 -19.04
C ASN C 199 -11.20 1.76 -19.87
N MET C 200 -9.99 1.21 -19.78
CA MET C 200 -8.83 1.74 -20.48
C MET C 200 -8.22 0.67 -21.38
N ASP C 201 -7.54 1.12 -22.43
CA ASP C 201 -6.83 0.24 -23.36
C ASP C 201 -5.40 0.75 -23.50
N PHE C 202 -4.44 -0.11 -23.17
CA PHE C 202 -3.03 0.26 -23.18
C PHE C 202 -2.28 -0.40 -24.32
N SER C 203 -2.97 -0.70 -25.42
CA SER C 203 -2.32 -1.36 -26.54
C SER C 203 -1.31 -0.44 -27.20
N ARG C 204 -1.60 0.87 -27.25
CA ARG C 204 -0.75 1.84 -27.89
C ARG C 204 0.14 2.60 -26.91
N PHE C 205 0.30 2.08 -25.70
CA PHE C 205 1.16 2.73 -24.71
C PHE C 205 2.58 2.87 -25.28
N PRO C 206 3.26 4.02 -25.04
CA PRO C 206 2.77 5.16 -24.27
C PRO C 206 2.06 6.22 -25.11
N LEU C 207 1.69 5.88 -26.34
CA LEU C 207 1.05 6.80 -27.27
C LEU C 207 -0.47 6.65 -27.26
N ASP C 208 -1.04 6.18 -26.16
CA ASP C 208 -2.47 5.89 -26.10
C ASP C 208 -3.26 7.12 -25.71
N THR C 209 -4.54 7.11 -26.03
CA THR C 209 -5.46 8.17 -25.68
C THR C 209 -6.67 7.54 -25.01
N GLN C 210 -7.11 8.13 -23.90
CA GLN C 210 -8.20 7.58 -23.09
C GLN C 210 -9.32 8.60 -22.96
N THR C 211 -10.55 8.10 -22.94
CA THR C 211 -11.75 8.89 -22.75
C THR C 211 -12.52 8.40 -21.53
N CYS C 212 -13.03 9.34 -20.73
CA CYS C 212 -13.75 9.03 -19.51
C CYS C 212 -15.08 9.76 -19.52
N SER C 213 -16.00 9.30 -18.67
CA SER C 213 -17.35 9.83 -18.58
C SER C 213 -17.91 9.65 -17.17
N LEU C 214 -18.74 10.61 -16.77
CA LEU C 214 -19.46 10.59 -15.51
C LEU C 214 -20.94 10.71 -15.81
N GLU C 215 -21.75 9.84 -15.19
CA GLU C 215 -23.16 9.70 -15.55
C GLU C 215 -24.07 9.98 -14.37
N ILE C 216 -25.16 10.69 -14.63
CA ILE C 216 -26.15 11.05 -13.60
C ILE C 216 -27.52 10.58 -14.08
N GLU C 217 -28.26 9.90 -13.20
CA GLU C 217 -29.56 9.40 -13.57
C GLU C 217 -30.44 9.27 -12.33
N SER C 218 -31.76 9.38 -12.55
CA SER C 218 -32.73 9.19 -11.48
C SER C 218 -32.93 7.71 -11.18
N TYR C 219 -33.05 7.39 -9.90
CA TYR C 219 -33.05 5.99 -9.47
C TYR C 219 -34.44 5.35 -9.60
N ALA C 220 -35.48 6.03 -9.11
CA ALA C 220 -36.80 5.41 -9.02
C ALA C 220 -37.86 6.01 -9.92
N TYR C 221 -37.59 7.13 -10.59
CA TYR C 221 -38.58 7.82 -11.41
C TYR C 221 -38.21 7.73 -12.88
N THR C 222 -39.16 7.23 -13.68
CA THR C 222 -38.96 7.16 -15.12
C THR C 222 -39.21 8.52 -15.76
N GLU C 223 -39.14 8.54 -17.09
CA GLU C 223 -39.32 9.76 -17.86
C GLU C 223 -40.78 10.22 -17.86
N ASP C 224 -41.70 9.34 -17.51
CA ASP C 224 -43.10 9.73 -17.43
C ASP C 224 -43.42 10.55 -16.19
N ASP C 225 -42.60 10.47 -15.15
CA ASP C 225 -42.84 11.20 -13.91
C ASP C 225 -41.81 12.28 -13.63
N LEU C 226 -40.56 12.08 -14.05
CA LEU C 226 -39.48 13.04 -13.83
C LEU C 226 -38.77 13.28 -15.16
N MET C 227 -38.60 14.54 -15.52
CA MET C 227 -37.92 14.93 -16.76
C MET C 227 -36.62 15.63 -16.38
N LEU C 228 -35.49 14.99 -16.68
CA LEU C 228 -34.17 15.51 -16.34
C LEU C 228 -33.51 16.11 -17.57
N TYR C 229 -32.90 17.29 -17.41
CA TYR C 229 -32.25 17.97 -18.52
C TYR C 229 -31.23 18.95 -17.96
N TRP C 230 -30.30 19.38 -18.81
CA TRP C 230 -29.34 20.41 -18.46
C TRP C 230 -30.03 21.77 -18.49
N LYS C 231 -29.89 22.55 -17.42
CA LYS C 231 -30.65 23.79 -17.31
C LYS C 231 -30.26 24.80 -18.40
N LYS C 232 -28.97 24.96 -18.67
CA LYS C 232 -28.51 25.93 -19.66
C LYS C 232 -27.68 25.27 -20.76
N GLY C 233 -28.01 24.03 -21.11
CA GLY C 233 -27.35 23.43 -22.26
C GLY C 233 -25.88 23.16 -21.95
N ASN C 234 -25.01 23.58 -22.86
CA ASN C 234 -23.58 23.41 -22.69
C ASN C 234 -22.97 24.39 -21.70
N ASP C 235 -23.74 25.37 -21.23
CA ASP C 235 -23.19 26.36 -20.30
C ASP C 235 -23.36 25.94 -18.85
N SER C 236 -23.93 24.77 -18.59
CA SER C 236 -24.18 24.34 -17.22
C SER C 236 -22.98 23.64 -16.60
N LEU C 237 -21.86 23.53 -17.31
CA LEU C 237 -20.67 22.86 -16.79
C LEU C 237 -19.56 23.89 -16.63
N LYS C 238 -19.01 23.97 -15.43
CA LYS C 238 -17.91 24.88 -15.14
C LYS C 238 -16.77 24.11 -14.50
N THR C 239 -15.53 24.42 -14.89
CA THR C 239 -14.39 23.73 -14.29
C THR C 239 -13.44 24.75 -13.67
N ASP C 240 -12.69 24.29 -12.66
CA ASP C 240 -11.70 25.13 -12.00
C ASP C 240 -10.55 25.45 -12.94
N GLU C 241 -9.96 26.64 -12.76
CA GLU C 241 -8.86 27.05 -13.60
C GLU C 241 -7.57 26.27 -13.31
N ARG C 242 -7.48 25.63 -12.14
CA ARG C 242 -6.26 24.96 -11.73
C ARG C 242 -6.44 23.44 -11.62
N ILE C 243 -7.34 22.87 -12.39
CA ILE C 243 -7.51 21.42 -12.40
C ILE C 243 -6.37 20.79 -13.18
N SER C 244 -5.72 19.79 -12.57
CA SER C 244 -4.57 19.17 -13.21
C SER C 244 -4.33 17.78 -12.61
N LEU C 245 -3.56 16.98 -13.33
CA LEU C 245 -3.16 15.66 -12.88
C LEU C 245 -1.65 15.54 -13.00
N SER C 246 -1.08 14.65 -12.18
CA SER C 246 0.37 14.52 -12.12
C SER C 246 0.96 14.00 -13.42
N GLN C 247 0.35 12.95 -13.99
CA GLN C 247 0.93 12.27 -15.16
C GLN C 247 0.02 12.32 -16.37
N PHE C 248 -1.03 13.13 -16.36
CA PHE C 248 -1.96 13.20 -17.48
C PHE C 248 -2.28 14.66 -17.81
N LEU C 249 -2.67 14.88 -19.06
CA LEU C 249 -3.17 16.17 -19.54
C LEU C 249 -4.66 16.08 -19.78
N ILE C 250 -5.39 17.09 -19.32
CA ILE C 250 -6.85 17.08 -19.34
C ILE C 250 -7.35 18.13 -20.33
N GLN C 251 -8.32 17.77 -21.16
CA GLN C 251 -8.84 18.65 -22.19
C GLN C 251 -10.23 18.20 -22.62
N GLU C 252 -10.92 19.11 -23.31
CA GLU C 252 -12.15 18.79 -24.04
C GLU C 252 -13.29 18.36 -23.11
N PHE C 253 -13.71 19.28 -22.26
CA PHE C 253 -14.88 19.05 -21.42
C PHE C 253 -16.14 19.41 -22.19
N HIS C 254 -17.11 18.50 -22.21
CA HIS C 254 -18.39 18.76 -22.86
C HIS C 254 -19.44 17.81 -22.29
N THR C 255 -20.71 18.14 -22.52
CA THR C 255 -21.81 17.35 -21.96
C THR C 255 -22.72 16.84 -23.07
N THR C 256 -23.31 15.67 -22.84
CA THR C 256 -24.25 15.04 -23.76
C THR C 256 -25.37 14.37 -22.98
N THR C 257 -26.44 14.00 -23.69
CA THR C 257 -27.58 13.34 -23.09
C THR C 257 -27.98 12.12 -23.92
N LYS C 258 -28.55 11.13 -23.25
CA LYS C 258 -28.98 9.92 -23.93
C LYS C 258 -29.99 9.19 -23.05
N LEU C 259 -30.94 8.50 -23.70
CA LEU C 259 -31.99 7.75 -23.02
C LEU C 259 -31.53 6.32 -22.79
N ALA C 260 -31.85 5.79 -21.61
CA ALA C 260 -31.53 4.41 -21.28
C ALA C 260 -32.82 3.65 -20.98
N PHE C 261 -32.80 2.36 -21.30
CA PHE C 261 -33.96 1.49 -21.17
C PHE C 261 -33.67 0.37 -20.17
N TYR C 262 -34.61 0.15 -19.25
CA TYR C 262 -34.46 -0.91 -18.26
C TYR C 262 -35.68 -1.81 -18.38
N SER C 263 -35.47 -3.10 -18.56
CA SER C 263 -36.62 -4.00 -18.77
C SER C 263 -37.51 -4.10 -17.53
N SER C 264 -36.97 -3.87 -16.34
CA SER C 264 -37.77 -4.00 -15.13
C SER C 264 -38.77 -2.86 -14.98
N THR C 265 -38.38 -1.63 -15.31
CA THR C 265 -39.24 -0.48 -15.01
C THR C 265 -39.52 0.42 -16.22
N GLY C 266 -38.59 0.50 -17.17
CA GLY C 266 -38.82 1.32 -18.35
C GLY C 266 -37.68 2.26 -18.70
N TRP C 267 -37.99 3.40 -19.31
CA TRP C 267 -36.99 4.31 -19.84
C TRP C 267 -36.59 5.39 -18.81
N TYR C 268 -35.31 5.81 -18.86
CA TYR C 268 -34.80 6.81 -17.92
C TYR C 268 -33.95 7.81 -18.70
N ASN C 269 -33.88 9.05 -18.20
CA ASN C 269 -32.97 10.01 -18.79
C ASN C 269 -31.59 9.96 -18.12
N ARG C 270 -30.53 10.08 -18.91
CA ARG C 270 -29.17 10.06 -18.40
C ARG C 270 -28.34 11.24 -18.95
N LEU C 271 -27.47 11.77 -18.09
CA LEU C 271 -26.59 12.87 -18.50
C LEU C 271 -25.14 12.41 -18.48
N TYR C 272 -24.30 13.01 -19.30
CA TYR C 272 -22.89 12.65 -19.42
C TYR C 272 -22.02 13.88 -19.30
N ILE C 273 -20.81 13.66 -18.78
CA ILE C 273 -19.74 14.65 -18.66
C ILE C 273 -18.47 13.96 -19.14
N ASN C 274 -17.89 14.47 -20.22
CA ASN C 274 -16.84 13.80 -20.97
C ASN C 274 -15.55 14.63 -20.89
N PHE C 275 -14.41 13.94 -20.85
CA PHE C 275 -13.12 14.58 -20.94
C PHE C 275 -12.12 13.57 -21.47
N THR C 276 -10.95 14.08 -21.90
CA THR C 276 -9.93 13.25 -22.52
C THR C 276 -8.60 13.37 -21.76
N LEU C 277 -7.80 12.30 -21.81
CA LEU C 277 -6.54 12.23 -21.10
C LEU C 277 -5.40 11.98 -22.09
N ARG C 278 -4.25 12.60 -21.86
CA ARG C 278 -3.08 12.37 -22.71
C ARG C 278 -1.82 12.33 -21.86
N ARG C 279 -0.78 11.70 -22.39
CA ARG C 279 0.48 11.55 -21.67
C ARG C 279 1.54 12.52 -22.22
N HIS C 280 2.72 12.48 -21.61
CA HIS C 280 3.90 13.25 -22.01
C HIS C 280 4.80 12.37 -22.89
N ILE C 281 4.83 12.62 -24.20
CA ILE C 281 5.53 11.67 -25.07
C ILE C 281 7.04 11.74 -24.88
N PHE C 282 7.58 12.94 -24.71
CA PHE C 282 9.03 13.11 -24.73
C PHE C 282 9.70 12.45 -23.52
N PHE C 283 9.03 12.47 -22.36
CA PHE C 283 9.61 11.84 -21.19
C PHE C 283 9.80 10.34 -21.41
N PHE C 284 8.75 9.69 -21.92
CA PHE C 284 8.84 8.25 -22.19
C PHE C 284 9.86 7.95 -23.27
N LEU C 285 9.88 8.77 -24.33
CA LEU C 285 10.89 8.61 -25.38
C LEU C 285 12.30 8.66 -24.80
N LEU C 286 12.60 9.68 -24.00
CA LEU C 286 13.96 9.84 -23.48
C LEU C 286 14.33 8.71 -22.51
N GLN C 287 13.36 8.26 -21.74
CA GLN C 287 13.59 7.24 -20.72
C GLN C 287 13.71 5.85 -21.30
N THR C 288 13.10 5.59 -22.46
CA THR C 288 13.04 4.21 -22.96
C THR C 288 13.72 4.02 -24.31
N TYR C 289 13.33 4.77 -25.33
CA TYR C 289 13.82 4.52 -26.68
C TYR C 289 15.28 4.93 -26.85
N PHE C 290 15.72 5.98 -26.18
CA PHE C 290 17.09 6.47 -26.37
C PHE C 290 18.12 5.44 -25.91
N PRO C 291 18.02 4.84 -24.72
CA PRO C 291 19.05 3.87 -24.31
C PRO C 291 19.08 2.64 -25.20
N ALA C 292 17.94 2.18 -25.70
CA ALA C 292 17.92 0.99 -26.53
C ALA C 292 18.60 1.26 -27.87
N THR C 293 18.34 2.44 -28.45
CA THR C 293 18.98 2.76 -29.73
C THR C 293 20.48 3.00 -29.57
N LEU C 294 20.88 3.62 -28.46
CA LEU C 294 22.30 3.79 -28.16
C LEU C 294 23.01 2.45 -28.02
N MET C 295 22.39 1.51 -27.29
CA MET C 295 22.99 0.20 -27.11
C MET C 295 23.09 -0.56 -28.43
N VAL C 296 22.06 -0.44 -29.28
CA VAL C 296 22.07 -1.11 -30.58
C VAL C 296 23.19 -0.57 -31.45
N MET C 297 23.37 0.76 -31.44
CA MET C 297 24.44 1.38 -32.21
C MET C 297 25.80 0.99 -31.65
N LEU C 298 25.92 0.91 -30.33
CA LEU C 298 27.19 0.54 -29.72
C LEU C 298 27.55 -0.92 -30.01
N SER C 299 26.56 -1.78 -30.19
CA SER C 299 26.82 -3.18 -30.50
C SER C 299 27.47 -3.34 -31.88
N TRP C 300 27.35 -2.35 -32.74
CA TRP C 300 27.91 -2.36 -34.10
C TRP C 300 29.39 -2.02 -34.12
N VAL C 301 29.98 -1.68 -32.95
CA VAL C 301 31.37 -1.26 -32.91
C VAL C 301 32.29 -2.42 -33.24
N SER C 302 31.90 -3.63 -32.86
CA SER C 302 32.77 -4.78 -33.04
C SER C 302 33.06 -5.11 -34.50
N PHE C 303 32.27 -4.59 -35.45
CA PHE C 303 32.50 -4.89 -36.86
C PHE C 303 33.75 -4.21 -37.41
N TRP C 304 34.29 -3.25 -36.65
CA TRP C 304 35.38 -2.37 -37.05
C TRP C 304 36.66 -2.71 -36.30
N ILE C 305 36.63 -3.75 -35.48
CA ILE C 305 37.77 -4.23 -34.73
C ILE C 305 38.38 -5.44 -35.44
N ASP C 306 39.71 -5.53 -35.36
CA ASP C 306 40.44 -6.64 -35.96
C ASP C 306 39.92 -7.98 -35.43
N ARG C 307 39.72 -8.91 -36.35
CA ARG C 307 39.17 -10.20 -35.97
C ARG C 307 40.14 -11.04 -35.16
N ARG C 308 41.40 -10.64 -35.04
CA ARG C 308 42.41 -11.41 -34.34
C ARG C 308 42.34 -11.18 -32.84
N ALA C 309 41.60 -10.17 -32.40
CA ALA C 309 41.47 -9.87 -30.98
C ALA C 309 40.19 -10.46 -30.39
N VAL C 310 40.21 -11.77 -30.18
CA VAL C 310 39.05 -12.45 -29.61
C VAL C 310 38.76 -11.99 -28.18
N PRO C 311 39.75 -11.90 -27.29
CA PRO C 311 39.44 -11.45 -25.92
C PRO C 311 38.96 -10.01 -25.85
N ALA C 312 39.01 -9.25 -26.94
CA ALA C 312 38.32 -7.97 -26.96
C ALA C 312 36.96 -8.02 -27.63
N ARG C 313 36.78 -8.94 -28.58
CA ARG C 313 35.54 -8.99 -29.35
C ARG C 313 34.41 -9.64 -28.55
N VAL C 314 34.73 -10.71 -27.82
CA VAL C 314 33.72 -11.54 -27.16
C VAL C 314 33.21 -10.82 -25.92
N PRO C 315 34.07 -10.32 -25.01
CA PRO C 315 33.52 -9.70 -23.80
C PRO C 315 32.69 -8.46 -24.09
N LEU C 316 32.99 -7.76 -25.19
CA LEU C 316 32.19 -6.60 -25.57
C LEU C 316 30.77 -7.02 -25.89
N GLY C 317 30.63 -8.09 -26.67
CA GLY C 317 29.31 -8.57 -27.02
C GLY C 317 28.53 -9.07 -25.82
N ILE C 318 29.18 -9.86 -24.95
CA ILE C 318 28.46 -10.44 -23.82
C ILE C 318 28.08 -9.35 -22.82
N THR C 319 28.93 -8.33 -22.66
CA THR C 319 28.59 -7.24 -21.76
C THR C 319 27.49 -6.35 -22.34
N THR C 320 27.45 -6.21 -23.67
CA THR C 320 26.35 -5.50 -24.30
C THR C 320 25.04 -6.24 -24.09
N VAL C 321 25.07 -7.57 -24.19
CA VAL C 321 23.86 -8.36 -23.92
C VAL C 321 23.42 -8.20 -22.47
N LEU C 322 24.38 -8.22 -21.54
CA LEU C 322 24.05 -8.02 -20.13
C LEU C 322 23.43 -6.65 -19.89
N THR C 323 23.99 -5.62 -20.52
CA THR C 323 23.49 -4.28 -20.32
C THR C 323 22.10 -4.12 -20.92
N MET C 324 21.87 -4.74 -22.09
CA MET C 324 20.53 -4.69 -22.66
C MET C 324 19.51 -5.39 -21.76
N SER C 325 19.88 -6.55 -21.19
CA SER C 325 18.96 -7.25 -20.30
C SER C 325 18.65 -6.42 -19.07
N THR C 326 19.66 -5.80 -18.47
CA THR C 326 19.44 -4.98 -17.28
C THR C 326 18.55 -3.78 -17.60
N ILE C 327 18.77 -3.15 -18.76
CA ILE C 327 17.94 -2.02 -19.17
C ILE C 327 16.50 -2.44 -19.35
N ILE C 328 16.27 -3.61 -19.97
CA ILE C 328 14.91 -4.08 -20.20
C ILE C 328 14.23 -4.37 -18.87
N THR C 329 14.97 -4.97 -17.94
CA THR C 329 14.40 -5.28 -16.64
C THR C 329 14.04 -4.01 -15.88
N GLY C 330 14.90 -3.01 -15.97
CA GLY C 330 14.68 -1.75 -15.28
C GLY C 330 13.49 -1.02 -15.86
N VAL C 331 13.33 -1.11 -17.18
CA VAL C 331 12.21 -0.45 -17.84
C VAL C 331 10.89 -1.11 -17.45
N ASN C 332 10.91 -2.45 -17.37
CA ASN C 332 9.72 -3.20 -17.02
C ASN C 332 9.35 -2.99 -15.57
N ALA C 333 10.33 -2.72 -14.71
CA ALA C 333 10.07 -2.54 -13.29
C ALA C 333 9.38 -1.22 -12.98
N SER C 334 9.37 -0.26 -13.91
CA SER C 334 8.85 1.07 -13.63
C SER C 334 7.53 1.36 -14.34
N MET C 335 7.00 0.44 -15.10
CA MET C 335 5.71 0.58 -15.77
C MET C 335 4.59 -0.02 -14.96
N PRO C 336 3.36 0.45 -15.19
CA PRO C 336 2.21 -0.12 -14.47
C PRO C 336 2.01 -1.58 -14.82
N ARG C 337 1.56 -2.35 -13.83
CA ARG C 337 1.47 -3.81 -14.02
C ARG C 337 0.23 -4.15 -14.84
N VAL C 338 0.38 -4.05 -16.16
CA VAL C 338 -0.66 -4.41 -17.12
C VAL C 338 -0.14 -5.60 -17.92
N SER C 339 -0.86 -6.72 -17.88
CA SER C 339 -0.34 -8.00 -18.35
C SER C 339 -0.85 -8.30 -19.76
N TYR C 340 -0.37 -7.49 -20.71
CA TYR C 340 -0.47 -7.85 -22.12
C TYR C 340 0.55 -7.04 -22.92
N ILE C 341 0.70 -7.44 -24.19
CA ILE C 341 1.80 -6.94 -25.02
C ILE C 341 1.61 -5.48 -25.39
N LYS C 342 2.69 -4.71 -25.33
CA LYS C 342 2.69 -3.31 -25.70
C LYS C 342 3.78 -3.07 -26.73
N ALA C 343 3.69 -1.94 -27.44
CA ALA C 343 4.64 -1.68 -28.53
C ALA C 343 6.05 -1.48 -27.99
N VAL C 344 6.20 -0.90 -26.81
CA VAL C 344 7.54 -0.68 -26.28
C VAL C 344 8.25 -2.02 -26.08
N ASP C 345 7.52 -3.02 -25.60
CA ASP C 345 8.07 -4.37 -25.44
C ASP C 345 8.57 -4.91 -26.78
N ILE C 346 7.80 -4.67 -27.84
CA ILE C 346 8.17 -5.19 -29.16
C ILE C 346 9.46 -4.54 -29.63
N TYR C 347 9.59 -3.24 -29.38
CA TYR C 347 10.79 -2.49 -29.75
C TYR C 347 12.00 -3.04 -29.00
N LEU C 348 11.83 -3.25 -27.69
CA LEU C 348 12.95 -3.70 -26.88
C LEU C 348 13.38 -5.10 -27.26
N TRP C 349 12.43 -5.99 -27.53
CA TRP C 349 12.78 -7.37 -27.88
C TRP C 349 13.42 -7.44 -29.25
N VAL C 350 12.98 -6.59 -30.19
CA VAL C 350 13.64 -6.52 -31.49
C VAL C 350 15.09 -6.07 -31.33
N SER C 351 15.34 -5.07 -30.48
CA SER C 351 16.71 -4.67 -30.20
C SER C 351 17.51 -5.81 -29.58
N PHE C 352 16.89 -6.58 -28.68
CA PHE C 352 17.59 -7.70 -28.07
C PHE C 352 17.98 -8.75 -29.12
N VAL C 353 17.08 -9.03 -30.06
CA VAL C 353 17.37 -9.99 -31.12
C VAL C 353 18.52 -9.50 -31.99
N PHE C 354 18.50 -8.21 -32.35
CA PHE C 354 19.64 -7.63 -33.06
C PHE C 354 20.94 -7.83 -32.30
N VAL C 355 20.92 -7.63 -30.99
CA VAL C 355 22.17 -7.73 -30.23
C VAL C 355 22.67 -9.17 -30.22
N PHE C 356 21.75 -10.12 -30.19
CA PHE C 356 22.08 -11.53 -30.16
C PHE C 356 22.71 -11.94 -31.48
N LEU C 357 22.15 -11.46 -32.59
CA LEU C 357 22.70 -11.76 -33.90
C LEU C 357 24.08 -11.14 -34.09
N SER C 358 24.34 -9.99 -33.46
CA SER C 358 25.66 -9.35 -33.57
C SER C 358 26.76 -10.22 -33.00
N VAL C 359 26.41 -11.11 -32.06
CA VAL C 359 27.36 -12.02 -31.45
C VAL C 359 27.47 -13.32 -32.23
N LEU C 360 26.34 -13.82 -32.76
CA LEU C 360 26.40 -15.01 -33.60
C LEU C 360 27.26 -14.78 -34.84
N GLU C 361 27.19 -13.58 -35.42
CA GLU C 361 27.98 -13.27 -36.60
C GLU C 361 29.48 -13.44 -36.32
N TYR C 362 29.97 -12.84 -35.24
CA TYR C 362 31.40 -12.94 -34.95
C TYR C 362 31.80 -14.37 -34.59
N ALA C 363 30.89 -15.11 -33.96
CA ALA C 363 31.16 -16.50 -33.62
C ALA C 363 31.45 -17.31 -34.87
N ALA C 364 30.65 -17.11 -35.91
CA ALA C 364 30.84 -17.88 -37.13
C ALA C 364 32.07 -17.40 -37.89
N VAL C 365 32.38 -16.11 -37.77
CA VAL C 365 33.55 -15.53 -38.42
C VAL C 365 34.82 -16.11 -37.80
N ASN C 366 34.85 -16.21 -36.47
CA ASN C 366 35.97 -16.84 -35.78
C ASN C 366 36.11 -18.31 -36.14
N TYR C 367 35.00 -19.05 -36.22
CA TYR C 367 35.06 -20.46 -36.57
C TYR C 367 35.61 -20.66 -37.97
N LEU C 368 35.15 -19.86 -38.91
CA LEU C 368 35.64 -19.94 -40.28
C LEU C 368 37.13 -19.63 -40.36
N THR C 369 37.56 -18.60 -39.65
CA THR C 369 38.97 -18.21 -39.68
C THR C 369 39.84 -19.33 -39.12
N THR C 370 39.42 -19.96 -38.02
CA THR C 370 40.18 -21.06 -37.45
C THR C 370 40.25 -22.24 -38.42
N VAL C 371 39.13 -22.55 -39.10
CA VAL C 371 39.12 -23.66 -40.04
C VAL C 371 40.07 -23.40 -41.20
N GLN C 372 40.04 -22.17 -41.74
CA GLN C 372 40.94 -21.83 -42.85
C GLN C 372 42.40 -21.91 -42.42
N GLU C 373 42.73 -21.40 -41.23
CA GLU C 373 44.11 -21.46 -40.76
C GLU C 373 44.57 -22.90 -40.59
N ARG C 374 43.69 -23.74 -40.05
CA ARG C 374 44.05 -25.15 -39.83
C ARG C 374 44.26 -25.87 -41.15
N LYS C 375 43.41 -25.61 -42.15
CA LYS C 375 43.60 -26.24 -43.45
C LYS C 375 44.91 -25.81 -44.09
N GLU C 376 45.20 -24.51 -44.05
CA GLU C 376 46.42 -23.95 -44.63
C GLU C 376 47.65 -24.56 -43.98
N GLN C 377 47.63 -24.71 -42.65
CA GLN C 377 48.75 -25.34 -41.96
C GLN C 377 48.88 -26.81 -42.32
N LYS C 378 47.75 -27.49 -42.51
CA LYS C 378 47.79 -28.92 -42.84
C LYS C 378 48.35 -29.13 -44.24
N LEU C 379 48.08 -28.18 -45.15
CA LEU C 379 48.51 -28.33 -46.53
C LEU C 379 50.03 -28.34 -46.64
N ARG C 380 50.70 -27.47 -45.90
CA ARG C 380 52.15 -27.46 -45.86
C ARG C 380 52.70 -28.62 -45.03
N ASP C 451 43.83 -8.61 -43.83
CA ASP C 451 42.63 -8.30 -44.58
C ASP C 451 41.38 -8.40 -43.73
N THR C 452 40.25 -8.02 -44.30
CA THR C 452 38.96 -8.03 -43.61
C THR C 452 38.07 -9.13 -44.19
N HIS C 453 37.41 -9.88 -43.32
CA HIS C 453 36.56 -10.97 -43.77
C HIS C 453 35.31 -10.39 -44.41
N ALA C 454 34.82 -11.06 -45.45
CA ALA C 454 33.69 -10.52 -46.19
C ALA C 454 32.45 -10.44 -45.33
N ILE C 455 32.32 -11.30 -44.32
CA ILE C 455 31.13 -11.22 -43.48
C ILE C 455 31.06 -9.87 -42.78
N ASP C 456 32.20 -9.35 -42.34
CA ASP C 456 32.19 -8.07 -41.62
C ASP C 456 31.83 -6.94 -42.57
N LYS C 457 32.40 -6.98 -43.77
CA LYS C 457 32.13 -6.01 -44.82
C LYS C 457 30.65 -5.94 -45.16
N TYR C 458 29.99 -7.10 -45.25
CA TYR C 458 28.58 -7.09 -45.63
C TYR C 458 27.70 -6.72 -44.45
N SER C 459 28.09 -7.14 -43.25
CA SER C 459 27.29 -6.83 -42.06
C SER C 459 27.31 -5.34 -41.77
N ARG C 460 28.43 -4.67 -42.02
CA ARG C 460 28.54 -3.23 -41.73
C ARG C 460 27.47 -2.46 -42.48
N ILE C 461 27.06 -2.98 -43.63
CA ILE C 461 26.02 -2.35 -44.44
C ILE C 461 24.65 -2.92 -44.11
N ILE C 462 24.57 -4.22 -43.83
CA ILE C 462 23.27 -4.85 -43.72
C ILE C 462 22.58 -4.42 -42.43
N PHE C 463 23.31 -4.47 -41.31
CA PHE C 463 22.68 -4.22 -40.01
C PHE C 463 22.05 -2.84 -39.90
N PRO C 464 22.73 -1.73 -40.23
CA PRO C 464 22.07 -0.42 -40.07
C PRO C 464 20.86 -0.23 -40.98
N ALA C 465 20.91 -0.74 -42.21
CA ALA C 465 19.80 -0.64 -43.14
C ALA C 465 18.59 -1.40 -42.62
N ALA C 466 18.80 -2.59 -42.06
CA ALA C 466 17.69 -3.37 -41.54
C ALA C 466 17.06 -2.67 -40.35
N TYR C 467 17.89 -2.12 -39.46
CA TYR C 467 17.38 -1.40 -38.30
C TYR C 467 16.61 -0.16 -38.74
N ILE C 468 17.12 0.54 -39.75
CA ILE C 468 16.42 1.73 -40.24
C ILE C 468 15.07 1.35 -40.84
N LEU C 469 15.03 0.26 -41.60
CA LEU C 469 13.80 -0.21 -42.22
C LEU C 469 12.78 -0.60 -41.15
N PHE C 470 13.23 -1.27 -40.09
CA PHE C 470 12.37 -1.65 -38.98
C PHE C 470 11.81 -0.43 -38.29
N ASN C 471 12.66 0.58 -38.05
CA ASN C 471 12.19 1.81 -37.41
C ASN C 471 11.17 2.52 -38.29
N LEU C 472 11.41 2.56 -39.60
CA LEU C 472 10.47 3.20 -40.51
C LEU C 472 9.11 2.51 -40.46
N ILE C 473 9.10 1.17 -40.54
CA ILE C 473 7.83 0.44 -40.48
C ILE C 473 7.15 0.65 -39.15
N TYR C 474 7.93 0.61 -38.05
CA TYR C 474 7.35 0.70 -36.72
C TYR C 474 6.71 2.07 -36.47
N TRP C 475 7.37 3.13 -36.92
CA TRP C 475 6.88 4.49 -36.75
C TRP C 475 5.80 4.86 -37.77
N SER C 476 5.72 4.11 -38.87
CA SER C 476 4.62 4.24 -39.81
C SER C 476 3.35 3.56 -39.29
N ILE C 477 3.47 2.46 -38.57
CA ILE C 477 2.29 1.78 -38.04
C ILE C 477 1.73 2.51 -36.82
N PHE C 478 2.60 2.82 -35.86
CA PHE C 478 2.17 3.42 -34.59
C PHE C 478 2.22 4.96 -34.63
N SER C 479 2.42 5.55 -35.80
CA SER C 479 2.44 7.00 -35.96
C SER C 479 3.54 7.67 -35.12
N LYS D 74 -52.42 10.99 3.34
CA LYS D 74 -51.17 10.29 3.59
C LYS D 74 -51.18 8.93 2.90
N SER D 75 -50.13 8.65 2.13
CA SER D 75 -50.07 7.40 1.38
C SER D 75 -49.90 6.22 2.30
N GLU D 76 -49.25 6.40 3.44
CA GLU D 76 -49.05 5.30 4.36
C GLU D 76 -50.32 4.92 5.11
N GLN D 77 -51.38 5.72 5.01
CA GLN D 77 -52.66 5.37 5.62
C GLN D 77 -53.53 4.52 4.72
N LEU D 78 -53.22 4.46 3.42
CA LEU D 78 -53.96 3.54 2.54
C LEU D 78 -53.63 2.09 2.90
N LEU D 79 -52.39 1.82 3.26
CA LEU D 79 -51.98 0.52 3.76
C LEU D 79 -52.16 0.49 5.27
N ARG D 80 -52.85 -0.52 5.77
CA ARG D 80 -53.19 -0.60 7.19
C ARG D 80 -51.96 -1.08 7.94
N ILE D 81 -51.03 -0.14 8.16
CA ILE D 81 -49.74 -0.51 8.75
C ILE D 81 -49.92 -0.90 10.21
N ASP D 82 -50.73 -0.15 10.95
CA ASP D 82 -50.99 -0.35 12.37
C ASP D 82 -51.97 -1.48 12.66
N ASP D 83 -52.63 -2.01 11.63
CA ASP D 83 -53.61 -3.06 11.82
C ASP D 83 -53.05 -4.46 11.60
N HIS D 84 -51.75 -4.59 11.29
CA HIS D 84 -51.16 -5.91 11.18
C HIS D 84 -49.85 -5.96 11.93
N ASP D 85 -49.44 -7.19 12.30
CA ASP D 85 -48.14 -7.47 12.88
C ASP D 85 -47.16 -7.87 11.77
N PHE D 86 -46.23 -6.97 11.45
CA PHE D 86 -45.24 -7.17 10.41
C PHE D 86 -43.95 -7.78 10.92
N SER D 87 -43.97 -8.37 12.11
CA SER D 87 -42.83 -9.17 12.55
C SER D 87 -42.91 -10.62 12.10
N MET D 88 -44.02 -11.06 11.52
CA MET D 88 -44.11 -12.43 11.02
C MET D 88 -44.18 -12.44 9.51
N ARG D 89 -43.75 -13.56 8.91
CA ARG D 89 -43.79 -13.71 7.47
C ARG D 89 -45.24 -13.85 6.99
N PRO D 90 -45.52 -13.46 5.74
CA PRO D 90 -46.87 -13.72 5.19
C PRO D 90 -47.17 -15.21 5.12
N GLY D 91 -48.43 -15.55 5.36
CA GLY D 91 -48.84 -16.95 5.39
C GLY D 91 -48.27 -17.74 6.54
N PHE D 92 -48.10 -17.10 7.70
CA PHE D 92 -47.53 -17.78 8.86
C PHE D 92 -48.47 -18.88 9.34
N GLY D 93 -47.89 -20.02 9.74
CA GLY D 93 -48.54 -21.27 10.04
C GLY D 93 -48.95 -22.14 8.85
N GLY D 94 -48.63 -21.70 7.63
CA GLY D 94 -49.01 -22.41 6.43
C GLY D 94 -47.84 -22.82 5.56
N PRO D 95 -48.12 -23.02 4.28
CA PRO D 95 -47.06 -23.33 3.31
C PRO D 95 -46.07 -22.19 3.17
N ALA D 96 -44.88 -22.54 2.70
CA ALA D 96 -43.81 -21.56 2.59
C ALA D 96 -44.10 -20.60 1.44
N ILE D 97 -43.67 -19.36 1.64
CA ILE D 97 -43.95 -18.26 0.72
C ILE D 97 -42.83 -18.21 -0.30
N PRO D 98 -43.11 -18.34 -1.60
CA PRO D 98 -42.04 -18.32 -2.60
C PRO D 98 -41.53 -16.92 -2.85
N VAL D 99 -40.23 -16.82 -3.11
CA VAL D 99 -39.58 -15.54 -3.37
C VAL D 99 -38.69 -15.69 -4.59
N GLY D 100 -38.87 -14.81 -5.57
CA GLY D 100 -38.04 -14.79 -6.77
C GLY D 100 -36.94 -13.75 -6.67
N VAL D 101 -35.81 -14.04 -7.31
CA VAL D 101 -34.64 -13.19 -7.24
C VAL D 101 -34.11 -12.95 -8.65
N ASP D 102 -33.78 -11.69 -8.94
CA ASP D 102 -33.23 -11.30 -10.23
C ASP D 102 -31.92 -10.53 -10.01
N VAL D 103 -30.88 -10.84 -10.78
CA VAL D 103 -29.56 -10.27 -10.54
C VAL D 103 -29.02 -9.67 -11.83
N GLN D 104 -28.56 -8.41 -11.76
CA GLN D 104 -27.91 -7.74 -12.87
C GLN D 104 -26.54 -7.28 -12.41
N VAL D 105 -25.49 -7.77 -13.07
CA VAL D 105 -24.11 -7.44 -12.72
C VAL D 105 -23.70 -6.18 -13.45
N GLU D 106 -23.18 -5.21 -12.70
CA GLU D 106 -22.83 -3.91 -13.27
C GLU D 106 -21.36 -3.85 -13.67
N SER D 107 -20.44 -4.27 -12.79
CA SER D 107 -19.02 -4.25 -13.12
C SER D 107 -18.26 -5.12 -12.12
N LEU D 108 -17.03 -5.46 -12.49
CA LEU D 108 -16.06 -6.10 -11.61
C LEU D 108 -14.96 -5.11 -11.25
N ASP D 109 -14.74 -4.92 -9.95
CA ASP D 109 -13.95 -3.79 -9.46
C ASP D 109 -12.49 -4.18 -9.33
N SER D 110 -12.21 -5.27 -8.62
CA SER D 110 -10.79 -5.59 -8.54
C SER D 110 -10.68 -7.05 -8.17
N ILE D 111 -9.47 -7.60 -8.26
CA ILE D 111 -9.20 -8.97 -7.85
C ILE D 111 -7.84 -9.04 -7.19
N SER D 112 -7.73 -9.78 -6.09
CA SER D 112 -6.50 -9.90 -5.33
C SER D 112 -6.02 -11.34 -5.36
N GLU D 113 -4.85 -11.57 -5.96
CA GLU D 113 -4.37 -12.95 -6.06
C GLU D 113 -3.76 -13.43 -4.74
N VAL D 114 -3.14 -12.52 -3.99
CA VAL D 114 -2.50 -12.90 -2.75
C VAL D 114 -3.54 -13.26 -1.69
N ASP D 115 -4.56 -12.44 -1.54
CA ASP D 115 -5.60 -12.70 -0.56
C ASP D 115 -6.74 -13.56 -1.08
N MET D 116 -6.78 -13.83 -2.39
CA MET D 116 -7.78 -14.71 -3.00
C MET D 116 -9.20 -14.22 -2.74
N ASP D 117 -9.52 -13.05 -3.30
CA ASP D 117 -10.87 -12.49 -3.25
C ASP D 117 -11.12 -11.59 -4.45
N PHE D 118 -12.39 -11.24 -4.65
CA PHE D 118 -12.77 -10.38 -5.76
C PHE D 118 -13.90 -9.49 -5.31
N THR D 119 -14.11 -8.39 -6.04
CA THR D 119 -15.13 -7.40 -5.72
C THR D 119 -16.06 -7.23 -6.92
N MET D 120 -17.35 -7.12 -6.63
CA MET D 120 -18.42 -7.06 -7.61
C MET D 120 -19.48 -6.07 -7.15
N THR D 121 -20.08 -5.37 -8.11
CA THR D 121 -21.19 -4.46 -7.86
C THR D 121 -22.36 -4.90 -8.72
N LEU D 122 -23.54 -5.02 -8.11
CA LEU D 122 -24.69 -5.61 -8.78
C LEU D 122 -25.99 -5.03 -8.25
N TYR D 123 -27.06 -5.31 -8.98
CA TYR D 123 -28.42 -4.98 -8.58
C TYR D 123 -29.14 -6.23 -8.05
N LEU D 124 -29.78 -6.12 -6.88
CA LEU D 124 -30.53 -7.23 -6.31
C LEU D 124 -32.01 -6.90 -6.28
N ARG D 125 -32.84 -7.78 -6.84
CA ARG D 125 -34.27 -7.56 -6.90
C ARG D 125 -35.03 -8.76 -6.33
N HIS D 126 -36.13 -8.48 -5.63
CA HIS D 126 -36.94 -9.51 -5.01
C HIS D 126 -38.39 -9.39 -5.44
N TYR D 127 -39.06 -10.55 -5.54
CA TYR D 127 -40.47 -10.60 -5.94
C TYR D 127 -41.24 -11.51 -5.00
N TRP D 128 -42.32 -10.99 -4.42
CA TRP D 128 -43.21 -11.79 -3.59
C TRP D 128 -44.55 -11.07 -3.49
N LYS D 129 -45.52 -11.76 -2.92
CA LYS D 129 -46.89 -11.26 -2.80
C LYS D 129 -47.30 -11.25 -1.33
N ASP D 130 -47.96 -10.17 -0.92
CA ASP D 130 -48.44 -10.00 0.45
C ASP D 130 -49.83 -9.42 0.39
N GLU D 131 -50.82 -10.16 0.86
CA GLU D 131 -52.19 -9.64 0.78
C GLU D 131 -52.45 -8.54 1.78
N ARG D 132 -51.63 -8.41 2.84
CA ARG D 132 -51.88 -7.40 3.85
C ARG D 132 -51.59 -5.99 3.34
N LEU D 133 -50.89 -5.87 2.22
CA LEU D 133 -50.53 -4.60 1.61
C LEU D 133 -51.49 -4.17 0.51
N SER D 134 -52.57 -4.93 0.28
CA SER D 134 -53.56 -4.54 -0.72
C SER D 134 -54.33 -3.31 -0.26
N PHE D 135 -54.63 -2.43 -1.21
CA PHE D 135 -55.29 -1.16 -1.02
C PHE D 135 -56.31 -0.98 -2.14
N PRO D 136 -57.46 -0.41 -1.85
CA PRO D 136 -58.43 -0.10 -2.91
C PRO D 136 -57.93 0.98 -3.86
N SER D 137 -58.38 0.90 -5.11
CA SER D 137 -57.99 1.86 -6.14
C SER D 137 -59.03 1.88 -7.24
N THR D 138 -59.23 3.06 -7.82
CA THR D 138 -60.15 3.21 -8.95
C THR D 138 -59.46 2.99 -10.30
N ASN D 139 -58.17 2.66 -10.30
CA ASN D 139 -57.38 2.45 -11.50
C ASN D 139 -56.34 1.38 -11.22
N ASN D 140 -55.36 1.25 -12.11
CA ASN D 140 -54.33 0.22 -12.01
C ASN D 140 -52.94 0.83 -11.80
N LEU D 141 -52.86 1.97 -11.10
CA LEU D 141 -51.60 2.66 -10.86
C LEU D 141 -51.00 2.17 -9.55
N SER D 142 -49.68 2.03 -9.51
CA SER D 142 -48.99 1.58 -8.31
C SER D 142 -48.36 2.75 -7.57
N MET D 143 -47.98 2.50 -6.31
CA MET D 143 -47.31 3.49 -5.46
C MET D 143 -45.86 3.11 -5.25
N THR D 144 -44.99 4.12 -5.22
CA THR D 144 -43.56 3.92 -5.07
C THR D 144 -43.09 4.52 -3.75
N PHE D 145 -42.30 3.76 -2.99
CA PHE D 145 -41.79 4.23 -1.71
C PHE D 145 -40.29 4.02 -1.65
N ASP D 146 -39.63 4.79 -0.78
CA ASP D 146 -38.19 4.72 -0.63
C ASP D 146 -37.85 3.80 0.54
N GLY D 147 -36.60 3.81 0.97
CA GLY D 147 -36.13 2.89 1.99
C GLY D 147 -36.70 3.14 3.37
N ARG D 148 -37.42 4.24 3.55
CA ARG D 148 -37.90 4.56 4.89
C ARG D 148 -39.08 3.68 5.25
N LEU D 149 -39.72 3.07 4.24
CA LEU D 149 -40.86 2.20 4.49
C LEU D 149 -40.42 0.78 4.84
N VAL D 150 -39.14 0.47 4.66
CA VAL D 150 -38.66 -0.90 4.85
C VAL D 150 -38.73 -1.28 6.33
N LYS D 151 -38.51 -0.33 7.23
CA LYS D 151 -38.54 -0.62 8.65
C LYS D 151 -39.94 -0.88 9.18
N LYS D 152 -40.98 -0.62 8.39
CA LYS D 152 -42.36 -0.76 8.84
C LYS D 152 -43.04 -2.00 8.27
N ILE D 153 -42.42 -2.69 7.31
CA ILE D 153 -43.00 -3.86 6.66
C ILE D 153 -41.98 -5.00 6.72
N TRP D 154 -42.44 -6.20 6.35
CA TRP D 154 -41.61 -7.39 6.33
C TRP D 154 -40.88 -7.50 4.99
N VAL D 155 -39.57 -7.72 5.04
CA VAL D 155 -38.74 -7.93 3.85
C VAL D 155 -37.87 -9.17 4.03
N PRO D 156 -37.52 -9.86 2.96
CA PRO D 156 -36.61 -11.02 3.07
C PRO D 156 -35.24 -10.58 3.58
N ASP D 157 -34.65 -11.43 4.43
CA ASP D 157 -33.33 -11.18 5.00
C ASP D 157 -32.25 -11.96 4.24
N MET D 158 -32.01 -11.55 3.00
CA MET D 158 -30.98 -12.16 2.17
C MET D 158 -29.58 -11.71 2.62
N PHE D 159 -28.61 -12.59 2.45
CA PHE D 159 -27.22 -12.28 2.77
C PHE D 159 -26.32 -13.12 1.86
N PHE D 160 -25.06 -12.69 1.73
CA PHE D 160 -24.08 -13.33 0.86
C PHE D 160 -23.21 -14.27 1.68
N VAL D 161 -23.09 -15.51 1.22
CA VAL D 161 -22.29 -16.52 1.91
C VAL D 161 -20.83 -16.39 1.50
N HIS D 162 -19.93 -16.63 2.45
CA HIS D 162 -18.48 -16.56 2.23
C HIS D 162 -18.04 -15.18 1.75
N SER D 163 -18.63 -14.14 2.33
CA SER D 163 -18.27 -12.77 2.00
C SER D 163 -17.41 -12.18 3.11
N LYS D 164 -16.59 -11.20 2.73
CA LYS D 164 -15.64 -10.54 3.63
C LYS D 164 -16.11 -9.17 4.09
N ARG D 165 -16.69 -8.38 3.17
CA ARG D 165 -17.18 -7.06 3.50
C ARG D 165 -18.16 -6.62 2.40
N SER D 166 -19.13 -5.80 2.78
CA SER D 166 -20.14 -5.32 1.84
C SER D 166 -20.83 -4.10 2.44
N PHE D 167 -21.44 -3.30 1.57
CA PHE D 167 -22.13 -2.10 2.01
C PHE D 167 -23.14 -1.71 0.92
N ILE D 168 -24.08 -0.85 1.29
CA ILE D 168 -25.12 -0.37 0.38
C ILE D 168 -24.86 1.12 0.11
N HIS D 169 -24.85 1.50 -1.17
CA HIS D 169 -24.66 2.89 -1.58
C HIS D 169 -25.72 3.81 -0.95
N ASP D 170 -25.28 4.99 -0.44
CA ASP D 170 -26.23 5.96 0.11
C ASP D 170 -25.99 7.36 -0.43
N THR D 171 -25.63 7.49 -1.70
CA THR D 171 -25.48 8.80 -2.33
C THR D 171 -26.43 8.93 -3.51
N THR D 172 -27.26 9.97 -3.50
CA THR D 172 -27.27 10.98 -2.44
C THR D 172 -28.17 10.55 -1.29
N THR D 173 -28.92 9.48 -1.51
CA THR D 173 -29.76 8.85 -0.50
C THR D 173 -29.64 7.35 -0.67
N ASP D 174 -30.26 6.61 0.25
CA ASP D 174 -30.24 5.15 0.20
C ASP D 174 -30.84 4.66 -1.12
N ASN D 175 -30.09 3.79 -1.79
CA ASN D 175 -30.48 3.23 -3.09
C ASN D 175 -31.42 2.04 -2.86
N VAL D 176 -32.59 2.36 -2.30
CA VAL D 176 -33.62 1.37 -2.00
C VAL D 176 -34.94 1.84 -2.58
N MET D 177 -35.63 0.96 -3.31
CA MET D 177 -36.88 1.29 -3.97
C MET D 177 -37.90 0.19 -3.68
N LEU D 178 -39.13 0.61 -3.43
CA LEU D 178 -40.23 -0.32 -3.17
C LEU D 178 -41.43 0.08 -4.03
N ARG D 179 -42.02 -0.90 -4.71
CA ARG D 179 -43.21 -0.68 -5.52
C ARG D 179 -44.26 -1.69 -5.10
N VAL D 180 -45.48 -1.21 -4.86
CA VAL D 180 -46.56 -2.02 -4.33
C VAL D 180 -47.71 -2.01 -5.33
N GLN D 181 -48.18 -3.20 -5.71
CA GLN D 181 -49.22 -3.25 -6.70
C GLN D 181 -50.56 -3.23 -5.97
N PRO D 182 -51.66 -2.95 -6.66
CA PRO D 182 -52.94 -2.89 -5.94
C PRO D 182 -53.39 -4.21 -5.32
N ASP D 183 -53.04 -5.35 -5.91
CA ASP D 183 -53.40 -6.66 -5.33
C ASP D 183 -52.46 -7.13 -4.23
N GLY D 184 -51.35 -6.43 -4.06
CA GLY D 184 -50.35 -6.79 -3.07
C GLY D 184 -49.01 -7.33 -3.56
N LYS D 185 -48.73 -7.28 -4.86
CA LYS D 185 -47.43 -7.67 -5.38
C LYS D 185 -46.40 -6.57 -5.08
N VAL D 186 -45.22 -6.99 -4.61
CA VAL D 186 -44.19 -6.08 -4.14
C VAL D 186 -42.90 -6.31 -4.92
N LEU D 187 -42.25 -5.22 -5.31
CA LEU D 187 -40.92 -5.25 -5.93
C LEU D 187 -39.93 -4.56 -5.01
N TYR D 188 -38.84 -5.25 -4.67
CA TYR D 188 -37.85 -4.71 -3.76
C TYR D 188 -36.48 -4.75 -4.44
N SER D 189 -35.86 -3.59 -4.62
CA SER D 189 -34.60 -3.49 -5.34
C SER D 189 -33.60 -2.67 -4.54
N LEU D 190 -32.33 -3.03 -4.63
CA LEU D 190 -31.25 -2.29 -3.98
C LEU D 190 -29.96 -2.50 -4.76
N ARG D 191 -29.04 -1.56 -4.58
CA ARG D 191 -27.69 -1.58 -5.15
C ARG D 191 -26.67 -1.86 -4.07
N VAL D 192 -25.85 -2.90 -4.26
CA VAL D 192 -24.90 -3.36 -3.26
C VAL D 192 -23.56 -3.68 -3.91
N THR D 193 -22.48 -3.51 -3.14
CA THR D 193 -21.15 -3.95 -3.51
C THR D 193 -20.66 -4.97 -2.49
N VAL D 194 -20.17 -6.12 -2.97
CA VAL D 194 -19.81 -7.23 -2.12
C VAL D 194 -18.44 -7.77 -2.53
N THR D 195 -17.65 -8.15 -1.53
CA THR D 195 -16.36 -8.82 -1.71
C THR D 195 -16.46 -10.26 -1.20
N ALA D 196 -16.06 -11.22 -2.03
CA ALA D 196 -16.24 -12.63 -1.74
C ALA D 196 -14.92 -13.38 -1.95
N MET D 197 -14.77 -14.52 -1.26
CA MET D 197 -13.52 -15.25 -1.33
C MET D 197 -13.52 -16.20 -2.52
N CYS D 198 -12.33 -16.59 -2.95
CA CYS D 198 -12.24 -17.52 -4.06
C CYS D 198 -10.91 -18.23 -4.00
N ASN D 199 -10.93 -19.52 -3.65
CA ASN D 199 -9.70 -20.29 -3.56
C ASN D 199 -9.09 -20.47 -4.94
N MET D 200 -7.78 -20.24 -5.05
CA MET D 200 -7.08 -20.33 -6.32
C MET D 200 -5.92 -21.32 -6.22
N ASP D 201 -5.55 -21.90 -7.36
CA ASP D 201 -4.43 -22.82 -7.46
C ASP D 201 -3.52 -22.34 -8.58
N PHE D 202 -2.26 -22.07 -8.24
CA PHE D 202 -1.28 -21.53 -9.19
C PHE D 202 -0.23 -22.56 -9.58
N SER D 203 -0.59 -23.85 -9.52
CA SER D 203 0.38 -24.89 -9.85
C SER D 203 0.74 -24.85 -11.33
N ARG D 204 -0.22 -24.52 -12.19
CA ARG D 204 -0.02 -24.50 -13.62
C ARG D 204 0.24 -23.09 -14.16
N PHE D 205 0.60 -22.15 -13.30
CA PHE D 205 0.90 -20.78 -13.74
C PHE D 205 2.02 -20.82 -14.77
N PRO D 206 1.94 -20.01 -15.85
CA PRO D 206 0.85 -19.07 -16.13
C PRO D 206 -0.27 -19.65 -16.98
N LEU D 207 -0.32 -20.97 -17.11
CA LEU D 207 -1.32 -21.66 -17.92
C LEU D 207 -2.50 -22.15 -17.08
N ASP D 208 -2.76 -21.51 -15.95
CA ASP D 208 -3.78 -21.98 -15.03
C ASP D 208 -5.16 -21.42 -15.41
N THR D 209 -6.19 -22.10 -14.94
CA THR D 209 -7.57 -21.68 -15.14
C THR D 209 -8.25 -21.67 -13.78
N GLN D 210 -9.01 -20.60 -13.51
CA GLN D 210 -9.65 -20.39 -12.22
C GLN D 210 -11.16 -20.25 -12.39
N THR D 211 -11.89 -20.77 -11.42
CA THR D 211 -13.35 -20.67 -11.36
C THR D 211 -13.78 -19.99 -10.07
N CYS D 212 -14.76 -19.10 -10.17
CA CYS D 212 -15.26 -18.34 -9.05
C CYS D 212 -16.77 -18.49 -8.96
N SER D 213 -17.31 -18.16 -7.79
CA SER D 213 -18.74 -18.29 -7.51
C SER D 213 -19.18 -17.28 -6.47
N LEU D 214 -20.43 -16.82 -6.61
CA LEU D 214 -21.08 -15.92 -5.67
C LEU D 214 -22.36 -16.58 -5.20
N GLU D 215 -22.59 -16.57 -3.88
CA GLU D 215 -23.65 -17.36 -3.28
C GLU D 215 -24.62 -16.48 -2.52
N ILE D 216 -25.92 -16.78 -2.65
CA ILE D 216 -26.98 -16.04 -1.99
C ILE D 216 -27.84 -17.02 -1.20
N GLU D 217 -28.12 -16.70 0.05
CA GLU D 217 -28.90 -17.60 0.89
C GLU D 217 -29.62 -16.79 1.97
N SER D 218 -30.76 -17.34 2.42
CA SER D 218 -31.54 -16.75 3.50
C SER D 218 -30.90 -17.06 4.84
N TYR D 219 -30.89 -16.06 5.73
CA TYR D 219 -30.13 -16.18 6.98
C TYR D 219 -30.92 -16.94 8.05
N ALA D 220 -32.19 -16.58 8.27
CA ALA D 220 -32.94 -17.10 9.40
C ALA D 220 -34.11 -18.00 9.04
N TYR D 221 -34.46 -18.11 7.76
CA TYR D 221 -35.63 -18.89 7.34
C TYR D 221 -35.19 -20.12 6.57
N THR D 222 -35.65 -21.28 7.02
CA THR D 222 -35.38 -22.53 6.33
C THR D 222 -36.31 -22.69 5.12
N GLU D 223 -36.19 -23.85 4.47
CA GLU D 223 -36.97 -24.15 3.29
C GLU D 223 -38.43 -24.42 3.63
N ASP D 224 -38.73 -24.69 4.89
CA ASP D 224 -40.10 -24.90 5.31
C ASP D 224 -40.90 -23.60 5.40
N ASP D 225 -40.23 -22.45 5.54
CA ASP D 225 -40.90 -21.17 5.67
C ASP D 225 -40.66 -20.24 4.50
N LEU D 226 -39.49 -20.31 3.87
CA LEU D 226 -39.15 -19.47 2.74
C LEU D 226 -38.61 -20.34 1.62
N MET D 227 -39.16 -20.18 0.41
CA MET D 227 -38.73 -20.93 -0.77
C MET D 227 -38.07 -19.97 -1.74
N LEU D 228 -36.76 -20.13 -1.93
CA LEU D 228 -35.97 -19.25 -2.79
C LEU D 228 -35.69 -19.94 -4.11
N TYR D 229 -35.85 -19.20 -5.22
CA TYR D 229 -35.62 -19.75 -6.55
C TYR D 229 -35.36 -18.61 -7.52
N TRP D 230 -34.77 -18.95 -8.67
CA TRP D 230 -34.57 -17.98 -9.74
C TRP D 230 -35.89 -17.74 -10.45
N LYS D 231 -36.27 -16.47 -10.61
CA LYS D 231 -37.59 -16.15 -11.14
C LYS D 231 -37.78 -16.65 -12.58
N LYS D 232 -36.78 -16.46 -13.44
CA LYS D 232 -36.88 -16.86 -14.84
C LYS D 232 -35.77 -17.82 -15.24
N GLY D 233 -35.33 -18.66 -14.31
CA GLY D 233 -34.38 -19.70 -14.69
C GLY D 233 -33.03 -19.09 -15.04
N ASN D 234 -32.50 -19.49 -16.18
CA ASN D 234 -31.22 -18.98 -16.65
C ASN D 234 -31.33 -17.58 -17.23
N ASP D 235 -32.54 -17.04 -17.40
CA ASP D 235 -32.67 -15.70 -17.98
C ASP D 235 -32.65 -14.62 -16.91
N SER D 236 -32.50 -14.98 -15.64
CA SER D 236 -32.54 -13.98 -14.58
C SER D 236 -31.19 -13.32 -14.33
N LEU D 237 -30.15 -13.66 -15.10
CA LEU D 237 -28.82 -13.08 -14.92
C LEU D 237 -28.48 -12.25 -16.15
N LYS D 238 -28.13 -10.99 -15.93
CA LYS D 238 -27.75 -10.09 -17.00
C LYS D 238 -26.41 -9.46 -16.67
N THR D 239 -25.53 -9.33 -17.67
CA THR D 239 -24.25 -8.71 -17.42
C THR D 239 -24.05 -7.51 -18.35
N ASP D 240 -23.23 -6.55 -17.90
CA ASP D 240 -22.91 -5.38 -18.70
C ASP D 240 -22.09 -5.77 -19.92
N GLU D 241 -22.26 -5.01 -21.01
CA GLU D 241 -21.52 -5.29 -22.23
C GLU D 241 -20.06 -4.93 -22.12
N ARG D 242 -19.68 -4.09 -21.15
CA ARG D 242 -18.31 -3.61 -21.04
C ARG D 242 -17.62 -4.08 -19.76
N ILE D 243 -18.02 -5.24 -19.24
CA ILE D 243 -17.36 -5.81 -18.07
C ILE D 243 -16.01 -6.40 -18.50
N SER D 244 -14.95 -6.02 -17.78
CA SER D 244 -13.61 -6.46 -18.14
C SER D 244 -12.68 -6.34 -16.94
N LEU D 245 -11.55 -7.04 -17.04
CA LEU D 245 -10.52 -7.00 -16.02
C LEU D 245 -9.19 -6.69 -16.70
N SER D 246 -8.27 -6.12 -15.93
CA SER D 246 -7.00 -5.67 -16.50
C SER D 246 -6.15 -6.85 -16.97
N GLN D 247 -6.03 -7.90 -16.16
CA GLN D 247 -5.12 -9.00 -16.45
C GLN D 247 -5.83 -10.33 -16.61
N PHE D 248 -7.16 -10.35 -16.71
CA PHE D 248 -7.90 -11.59 -16.84
C PHE D 248 -8.95 -11.47 -17.94
N LEU D 249 -9.33 -12.62 -18.49
CA LEU D 249 -10.44 -12.73 -19.45
C LEU D 249 -11.62 -13.42 -18.78
N ILE D 250 -12.81 -12.87 -18.98
CA ILE D 250 -14.02 -13.32 -18.29
C ILE D 250 -14.95 -13.96 -19.31
N GLN D 251 -15.52 -15.12 -18.95
CA GLN D 251 -16.38 -15.88 -19.84
C GLN D 251 -17.26 -16.82 -19.03
N GLU D 252 -18.31 -17.32 -19.69
CA GLU D 252 -19.10 -18.45 -19.22
C GLU D 252 -19.85 -18.11 -17.92
N PHE D 253 -20.76 -17.16 -18.03
CA PHE D 253 -21.65 -16.83 -16.91
C PHE D 253 -22.86 -17.76 -16.95
N HIS D 254 -23.16 -18.38 -15.81
CA HIS D 254 -24.32 -19.25 -15.69
C HIS D 254 -24.70 -19.38 -14.22
N THR D 255 -25.92 -19.85 -13.96
CA THR D 255 -26.44 -19.95 -12.61
C THR D 255 -26.84 -21.39 -12.30
N THR D 256 -26.70 -21.77 -11.02
CA THR D 256 -27.08 -23.09 -10.53
C THR D 256 -27.68 -22.96 -9.13
N THR D 257 -28.32 -24.03 -8.67
CA THR D 257 -28.94 -24.07 -7.36
C THR D 257 -28.53 -25.35 -6.64
N LYS D 258 -28.50 -25.28 -5.31
CA LYS D 258 -28.14 -26.44 -4.51
C LYS D 258 -28.62 -26.21 -3.07
N LEU D 259 -29.00 -27.31 -2.41
CA LEU D 259 -29.49 -27.29 -1.04
C LEU D 259 -28.33 -27.45 -0.07
N ALA D 260 -28.36 -26.68 1.02
CA ALA D 260 -27.35 -26.78 2.07
C ALA D 260 -28.01 -27.16 3.38
N PHE D 261 -27.26 -27.90 4.20
CA PHE D 261 -27.74 -28.43 5.46
C PHE D 261 -26.94 -27.85 6.62
N TYR D 262 -27.64 -27.39 7.65
CA TYR D 262 -26.98 -26.85 8.83
C TYR D 262 -27.49 -27.62 10.03
N SER D 263 -26.59 -28.18 10.83
CA SER D 263 -27.04 -29.02 11.95
C SER D 263 -27.79 -28.23 13.01
N SER D 264 -27.53 -26.92 13.12
CA SER D 264 -28.19 -26.13 14.17
C SER D 264 -29.67 -25.88 13.84
N THR D 265 -30.00 -25.63 12.58
CA THR D 265 -31.36 -25.22 12.25
C THR D 265 -32.04 -26.05 11.16
N GLY D 266 -31.26 -26.59 10.23
CA GLY D 266 -31.84 -27.42 9.18
C GLY D 266 -31.39 -27.06 7.77
N TRP D 267 -32.25 -27.30 6.78
CA TRP D 267 -31.89 -27.14 5.37
C TRP D 267 -32.21 -25.74 4.85
N TYR D 268 -31.39 -25.25 3.90
CA TYR D 268 -31.57 -23.92 3.33
C TYR D 268 -31.39 -24.00 1.82
N ASN D 269 -32.04 -23.10 1.09
CA ASN D 269 -31.79 -23.02 -0.34
C ASN D 269 -30.66 -22.02 -0.64
N ARG D 270 -29.80 -22.38 -1.61
CA ARG D 270 -28.68 -21.53 -2.00
C ARG D 270 -28.63 -21.36 -3.52
N LEU D 271 -28.24 -20.16 -3.95
CA LEU D 271 -28.10 -19.87 -5.38
C LEU D 271 -26.64 -19.59 -5.71
N TYR D 272 -26.23 -19.86 -6.95
CA TYR D 272 -24.85 -19.68 -7.39
C TYR D 272 -24.82 -18.88 -8.68
N ILE D 273 -23.73 -18.13 -8.85
CA ILE D 273 -23.39 -17.37 -10.05
C ILE D 273 -21.93 -17.66 -10.34
N ASN D 274 -21.67 -18.27 -11.50
CA ASN D 274 -20.39 -18.85 -11.84
C ASN D 274 -19.79 -18.12 -13.03
N PHE D 275 -18.46 -17.99 -13.03
CA PHE D 275 -17.74 -17.46 -14.17
C PHE D 275 -16.32 -18.00 -14.13
N THR D 276 -15.61 -17.85 -15.26
CA THR D 276 -14.26 -18.40 -15.40
C THR D 276 -13.28 -17.29 -15.78
N LEU D 277 -12.01 -17.47 -15.37
CA LEU D 277 -10.96 -16.49 -15.59
C LEU D 277 -9.82 -17.13 -16.39
N ARG D 278 -9.22 -16.37 -17.30
CA ARG D 278 -8.08 -16.86 -18.07
C ARG D 278 -7.07 -15.74 -18.26
N ARG D 279 -5.82 -16.12 -18.51
CA ARG D 279 -4.73 -15.17 -18.68
C ARG D 279 -4.35 -15.01 -20.15
N HIS D 280 -3.40 -14.13 -20.40
CA HIS D 280 -2.83 -13.88 -21.73
C HIS D 280 -1.54 -14.69 -21.89
N ILE D 281 -1.57 -15.76 -22.69
CA ILE D 281 -0.42 -16.67 -22.71
C ILE D 281 0.78 -16.03 -23.38
N PHE D 282 0.55 -15.30 -24.47
CA PHE D 282 1.67 -14.82 -25.29
C PHE D 282 2.51 -13.79 -24.56
N PHE D 283 1.89 -12.96 -23.73
CA PHE D 283 2.65 -11.95 -22.99
C PHE D 283 3.65 -12.63 -22.06
N PHE D 284 3.18 -13.62 -21.30
CA PHE D 284 4.06 -14.34 -20.38
C PHE D 284 5.14 -15.10 -21.14
N LEU D 285 4.76 -15.75 -22.25
CA LEU D 285 5.74 -16.44 -23.09
C LEU D 285 6.86 -15.49 -23.52
N LEU D 286 6.49 -14.33 -24.08
CA LEU D 286 7.50 -13.43 -24.60
C LEU D 286 8.38 -12.84 -23.48
N GLN D 287 7.79 -12.61 -22.32
CA GLN D 287 8.49 -11.98 -21.22
C GLN D 287 9.39 -12.96 -20.48
N THR D 288 9.10 -14.26 -20.52
CA THR D 288 9.83 -15.21 -19.69
C THR D 288 10.58 -16.27 -20.48
N TYR D 289 9.90 -17.04 -21.32
CA TYR D 289 10.51 -18.17 -21.99
C TYR D 289 11.51 -17.75 -23.06
N PHE D 290 11.26 -16.64 -23.75
CA PHE D 290 12.14 -16.24 -24.86
C PHE D 290 13.53 -15.90 -24.37
N PRO D 291 13.71 -15.09 -23.32
CA PRO D 291 15.08 -14.77 -22.90
C PRO D 291 15.85 -15.97 -22.40
N ALA D 292 15.17 -16.91 -21.73
CA ALA D 292 15.88 -18.07 -21.21
C ALA D 292 16.36 -18.97 -22.34
N THR D 293 15.52 -19.16 -23.37
CA THR D 293 15.94 -19.98 -24.50
C THR D 293 17.04 -19.31 -25.32
N LEU D 294 16.97 -17.99 -25.47
CA LEU D 294 18.04 -17.25 -26.14
C LEU D 294 19.37 -17.39 -25.39
N MET D 295 19.33 -17.26 -24.07
CA MET D 295 20.55 -17.38 -23.28
C MET D 295 21.12 -18.79 -23.36
N VAL D 296 20.25 -19.81 -23.33
CA VAL D 296 20.70 -21.19 -23.43
C VAL D 296 21.38 -21.44 -24.78
N MET D 297 20.79 -20.92 -25.85
CA MET D 297 21.37 -21.07 -27.17
C MET D 297 22.69 -20.30 -27.28
N LEU D 298 22.76 -19.12 -26.67
CA LEU D 298 23.98 -18.34 -26.71
C LEU D 298 25.11 -19.01 -25.93
N SER D 299 24.77 -19.76 -24.88
CA SER D 299 25.79 -20.46 -24.10
C SER D 299 26.50 -21.55 -24.90
N TRP D 300 25.89 -21.99 -26.00
CA TRP D 300 26.43 -23.03 -26.87
C TRP D 300 27.47 -22.49 -27.85
N VAL D 301 27.70 -21.17 -27.84
CA VAL D 301 28.63 -20.58 -28.80
C VAL D 301 30.06 -21.01 -28.52
N SER D 302 30.39 -21.22 -27.25
CA SER D 302 31.75 -21.52 -26.87
C SER D 302 32.26 -22.85 -27.42
N PHE D 303 31.37 -23.74 -27.89
CA PHE D 303 31.79 -25.04 -28.41
C PHE D 303 32.48 -24.91 -29.76
N TRP D 304 32.37 -23.75 -30.39
CA TRP D 304 32.79 -23.46 -31.76
C TRP D 304 34.00 -22.55 -31.77
N ILE D 305 34.51 -22.19 -30.58
CA ILE D 305 35.69 -21.36 -30.43
C ILE D 305 36.91 -22.22 -30.13
N ASP D 306 38.06 -21.80 -30.65
CA ASP D 306 39.31 -22.51 -30.43
C ASP D 306 39.59 -22.67 -28.95
N ARG D 307 39.99 -23.87 -28.57
CA ARG D 307 40.23 -24.16 -27.17
C ARG D 307 41.46 -23.45 -26.61
N ARG D 308 42.28 -22.83 -27.48
CA ARG D 308 43.50 -22.18 -27.04
C ARG D 308 43.24 -20.78 -26.50
N ALA D 309 42.04 -20.25 -26.70
CA ALA D 309 41.69 -18.93 -26.22
C ALA D 309 40.91 -18.98 -24.90
N VAL D 310 41.66 -19.26 -23.82
CA VAL D 310 41.04 -19.34 -22.51
C VAL D 310 40.46 -17.99 -22.06
N PRO D 311 41.18 -16.87 -22.20
CA PRO D 311 40.60 -15.59 -21.77
C PRO D 311 39.40 -15.16 -22.58
N ALA D 312 39.08 -15.84 -23.69
CA ALA D 312 37.79 -15.61 -24.33
C ALA D 312 36.73 -16.63 -23.95
N ARG D 313 37.15 -17.85 -23.61
CA ARG D 313 36.18 -18.92 -23.32
C ARG D 313 35.57 -18.77 -21.94
N VAL D 314 36.38 -18.40 -20.96
CA VAL D 314 35.97 -18.41 -19.55
C VAL D 314 35.08 -17.20 -19.29
N PRO D 315 35.47 -15.97 -19.66
CA PRO D 315 34.60 -14.83 -19.31
C PRO D 315 33.24 -14.90 -19.98
N LEU D 316 33.16 -15.54 -21.15
CA LEU D 316 31.88 -15.70 -21.82
C LEU D 316 30.95 -16.55 -20.98
N GLY D 317 31.46 -17.67 -20.46
CA GLY D 317 30.66 -18.53 -19.63
C GLY D 317 30.22 -17.87 -18.34
N ILE D 318 31.14 -17.19 -17.65
CA ILE D 318 30.82 -16.60 -16.36
C ILE D 318 29.84 -15.44 -16.55
N THR D 319 29.97 -14.69 -17.64
CA THR D 319 29.03 -13.60 -17.89
C THR D 319 27.67 -14.14 -18.31
N THR D 320 27.62 -15.28 -18.99
CA THR D 320 26.35 -15.91 -19.30
C THR D 320 25.65 -16.37 -18.02
N VAL D 321 26.42 -16.92 -17.07
CA VAL D 321 25.85 -17.32 -15.79
C VAL D 321 25.32 -16.10 -15.04
N LEU D 322 26.07 -14.99 -15.06
CA LEU D 322 25.61 -13.77 -14.40
C LEU D 322 24.33 -13.25 -15.03
N THR D 323 24.26 -13.29 -16.36
CA THR D 323 23.08 -12.78 -17.04
C THR D 323 21.87 -13.67 -16.77
N MET D 324 22.08 -14.99 -16.74
CA MET D 324 20.98 -15.88 -16.40
C MET D 324 20.47 -15.62 -14.98
N SER D 325 21.40 -15.42 -14.02
CA SER D 325 20.97 -15.15 -12.65
C SER D 325 20.18 -13.85 -12.56
N THR D 326 20.65 -12.80 -13.25
CA THR D 326 19.94 -11.53 -13.21
C THR D 326 18.56 -11.64 -13.84
N ILE D 327 18.45 -12.40 -14.95
CA ILE D 327 17.16 -12.60 -15.59
C ILE D 327 16.20 -13.33 -14.67
N ILE D 328 16.70 -14.36 -13.96
CA ILE D 328 15.84 -15.13 -13.07
C ILE D 328 15.37 -14.26 -11.92
N THR D 329 16.27 -13.43 -11.40
CA THR D 329 15.89 -12.55 -10.29
C THR D 329 14.85 -11.54 -10.74
N GLY D 330 15.01 -11.01 -11.95
CA GLY D 330 14.09 -10.01 -12.46
C GLY D 330 12.73 -10.62 -12.72
N VAL D 331 12.72 -11.88 -13.18
CA VAL D 331 11.46 -12.55 -13.45
C VAL D 331 10.71 -12.84 -12.15
N ASN D 332 11.47 -13.22 -11.12
CA ASN D 332 10.87 -13.53 -9.82
C ASN D 332 10.36 -12.27 -9.14
N ALA D 333 10.99 -11.13 -9.43
CA ALA D 333 10.60 -9.89 -8.79
C ALA D 333 9.26 -9.34 -9.31
N SER D 334 8.78 -9.84 -10.45
CA SER D 334 7.60 -9.27 -11.08
C SER D 334 6.38 -10.18 -11.00
N MET D 335 6.50 -11.34 -10.38
CA MET D 335 5.39 -12.28 -10.20
C MET D 335 4.73 -12.09 -8.85
N PRO D 336 3.47 -12.50 -8.72
CA PRO D 336 2.79 -12.39 -7.42
C PRO D 336 3.46 -13.27 -6.39
N ARG D 337 3.47 -12.80 -5.13
CA ARG D 337 4.20 -13.50 -4.08
C ARG D 337 3.40 -14.73 -3.62
N VAL D 338 3.55 -15.82 -4.36
CA VAL D 338 2.95 -17.10 -4.03
C VAL D 338 4.09 -18.08 -3.76
N SER D 339 4.09 -18.64 -2.55
CA SER D 339 5.27 -19.37 -2.04
C SER D 339 5.09 -20.88 -2.23
N TYR D 340 5.08 -21.30 -3.49
CA TYR D 340 5.28 -22.70 -3.82
C TYR D 340 5.72 -22.83 -5.27
N ILE D 341 6.14 -24.05 -5.63
CA ILE D 341 6.82 -24.28 -6.90
C ILE D 341 5.86 -24.15 -8.08
N LYS D 342 6.33 -23.51 -9.15
CA LYS D 342 5.57 -23.34 -10.37
C LYS D 342 6.41 -23.86 -11.54
N ALA D 343 5.74 -24.12 -12.67
CA ALA D 343 6.44 -24.71 -13.81
C ALA D 343 7.47 -23.75 -14.39
N VAL D 344 7.21 -22.45 -14.36
CA VAL D 344 8.18 -21.51 -14.91
C VAL D 344 9.50 -21.58 -14.15
N ASP D 345 9.42 -21.73 -12.83
CA ASP D 345 10.61 -21.92 -12.01
C ASP D 345 11.40 -23.14 -12.44
N ILE D 346 10.69 -24.23 -12.74
CA ILE D 346 11.36 -25.47 -13.13
C ILE D 346 12.09 -25.28 -14.44
N TYR D 347 11.47 -24.56 -15.38
CA TYR D 347 12.07 -24.27 -16.68
C TYR D 347 13.32 -23.45 -16.48
N LEU D 348 13.23 -22.41 -15.65
CA LEU D 348 14.37 -21.50 -15.48
C LEU D 348 15.53 -22.22 -14.80
N TRP D 349 15.24 -23.05 -13.80
CA TRP D 349 16.32 -23.74 -13.10
C TRP D 349 16.97 -24.80 -13.96
N VAL D 350 16.19 -25.46 -14.83
CA VAL D 350 16.76 -26.39 -15.78
C VAL D 350 17.71 -25.67 -16.74
N SER D 351 17.31 -24.49 -17.22
CA SER D 351 18.21 -23.70 -18.05
C SER D 351 19.48 -23.31 -17.28
N PHE D 352 19.33 -22.97 -15.99
CA PHE D 352 20.51 -22.62 -15.20
C PHE D 352 21.47 -23.80 -15.09
N VAL D 353 20.93 -24.99 -14.87
CA VAL D 353 21.77 -26.19 -14.77
C VAL D 353 22.49 -26.46 -16.08
N PHE D 354 21.79 -26.31 -17.21
CA PHE D 354 22.44 -26.43 -18.51
C PHE D 354 23.59 -25.43 -18.64
N VAL D 355 23.39 -24.20 -18.18
CA VAL D 355 24.43 -23.19 -18.34
C VAL D 355 25.65 -23.54 -17.50
N PHE D 356 25.41 -24.11 -16.33
CA PHE D 356 26.48 -24.49 -15.41
C PHE D 356 27.30 -25.62 -16.00
N LEU D 357 26.62 -26.61 -16.61
CA LEU D 357 27.32 -27.72 -17.23
C LEU D 357 28.14 -27.26 -18.44
N SER D 358 27.68 -26.22 -19.14
CA SER D 358 28.42 -25.72 -20.30
C SER D 358 29.78 -25.17 -19.91
N VAL D 359 29.93 -24.76 -18.64
CA VAL D 359 31.20 -24.26 -18.13
C VAL D 359 32.04 -25.38 -17.56
N LEU D 360 31.43 -26.36 -16.89
CA LEU D 360 32.18 -27.51 -16.41
C LEU D 360 32.83 -28.27 -17.55
N GLU D 361 32.14 -28.38 -18.68
CA GLU D 361 32.69 -29.09 -19.84
C GLU D 361 34.01 -28.47 -20.28
N TYR D 362 34.03 -27.15 -20.49
CA TYR D 362 35.26 -26.50 -20.95
C TYR D 362 36.35 -26.57 -19.90
N ALA D 363 35.98 -26.53 -18.62
CA ALA D 363 36.97 -26.64 -17.55
C ALA D 363 37.72 -27.96 -17.65
N ALA D 364 37.00 -29.05 -17.90
CA ALA D 364 37.65 -30.35 -17.97
C ALA D 364 38.45 -30.50 -19.26
N VAL D 365 37.98 -29.84 -20.32
CA VAL D 365 38.68 -29.86 -21.60
C VAL D 365 40.01 -29.15 -21.50
N ASN D 366 40.02 -28.00 -20.82
CA ASN D 366 41.26 -27.26 -20.56
C ASN D 366 42.21 -28.06 -19.68
N TYR D 367 41.69 -28.73 -18.64
CA TYR D 367 42.55 -29.51 -17.76
C TYR D 367 43.20 -30.66 -18.52
N LEU D 368 42.42 -31.35 -19.33
CA LEU D 368 42.95 -32.46 -20.12
C LEU D 368 44.01 -31.99 -21.11
N THR D 369 43.77 -30.85 -21.76
CA THR D 369 44.72 -30.33 -22.74
C THR D 369 46.04 -29.98 -22.05
N THR D 370 45.97 -29.34 -20.88
CA THR D 370 47.18 -29.01 -20.14
C THR D 370 47.95 -30.26 -19.73
N VAL D 371 47.23 -31.30 -19.28
CA VAL D 371 47.90 -32.53 -18.86
C VAL D 371 48.59 -33.20 -20.05
N GLN D 372 47.93 -33.25 -21.20
CA GLN D 372 48.54 -33.83 -22.38
C GLN D 372 49.78 -33.06 -22.82
N GLU D 373 49.70 -31.73 -22.83
CA GLU D 373 50.85 -30.93 -23.22
C GLU D 373 52.01 -31.15 -22.26
N ARG D 374 51.73 -31.22 -20.97
CA ARG D 374 52.79 -31.42 -19.98
C ARG D 374 53.44 -32.78 -20.14
N LYS D 375 52.65 -33.82 -20.40
CA LYS D 375 53.23 -35.14 -20.60
C LYS D 375 54.11 -35.19 -21.84
N GLU D 376 53.62 -34.59 -22.93
CA GLU D 376 54.36 -34.56 -24.19
C GLU D 376 55.69 -33.83 -24.03
N GLN D 377 55.68 -32.71 -23.30
CA GLN D 377 56.92 -31.99 -23.04
C GLN D 377 57.86 -32.79 -22.16
N LYS D 378 57.32 -33.53 -21.20
CA LYS D 378 58.16 -34.32 -20.30
C LYS D 378 58.82 -35.47 -21.05
N LEU D 379 58.12 -36.02 -22.04
CA LEU D 379 58.63 -37.18 -22.76
C LEU D 379 59.90 -36.82 -23.53
N ARG D 380 59.93 -35.66 -24.16
CA ARG D 380 61.13 -35.21 -24.84
C ARG D 380 62.19 -34.72 -23.85
N ASP D 451 43.64 -29.18 -34.15
CA ASP D 451 42.52 -30.11 -34.17
C ASP D 451 41.50 -29.76 -33.11
N THR D 452 40.36 -30.46 -33.13
CA THR D 452 39.28 -30.24 -32.19
C THR D 452 39.18 -31.40 -31.20
N HIS D 453 38.99 -31.08 -29.92
CA HIS D 453 38.92 -32.11 -28.91
C HIS D 453 37.59 -32.84 -29.05
N ALA D 454 37.62 -34.16 -28.78
CA ALA D 454 36.42 -34.96 -28.98
C ALA D 454 35.29 -34.53 -28.07
N ILE D 455 35.62 -33.98 -26.90
CA ILE D 455 34.54 -33.55 -26.00
C ILE D 455 33.68 -32.47 -26.67
N ASP D 456 34.32 -31.55 -27.40
CA ASP D 456 33.57 -30.47 -28.04
C ASP D 456 32.69 -31.03 -29.14
N LYS D 457 33.25 -31.93 -29.94
CA LYS D 457 32.55 -32.60 -31.02
C LYS D 457 31.30 -33.31 -30.52
N TYR D 458 31.39 -34.00 -29.39
CA TYR D 458 30.25 -34.76 -28.89
C TYR D 458 29.24 -33.84 -28.21
N SER D 459 29.74 -32.80 -27.53
CA SER D 459 28.84 -31.88 -26.85
C SER D 459 28.01 -31.08 -27.84
N ARG D 460 28.57 -30.74 -29.00
CA ARG D 460 27.85 -29.94 -30.00
C ARG D 460 26.58 -30.64 -30.42
N ILE D 461 26.59 -31.98 -30.35
CA ILE D 461 25.43 -32.78 -30.71
C ILE D 461 24.59 -33.09 -29.48
N ILE D 462 25.23 -33.32 -28.33
CA ILE D 462 24.49 -33.83 -27.19
C ILE D 462 23.61 -32.74 -26.60
N PHE D 463 24.17 -31.54 -26.40
CA PHE D 463 23.45 -30.49 -25.70
C PHE D 463 22.16 -30.09 -26.38
N PRO D 464 22.11 -29.79 -27.69
CA PRO D 464 20.84 -29.38 -28.29
C PRO D 464 19.78 -30.47 -28.29
N ALA D 465 20.17 -31.74 -28.48
CA ALA D 465 19.24 -32.86 -28.44
C ALA D 465 18.62 -33.01 -27.06
N ALA D 466 19.44 -32.87 -26.02
CA ALA D 466 18.92 -33.01 -24.67
C ALA D 466 17.94 -31.89 -24.35
N TYR D 467 18.29 -30.66 -24.76
CA TYR D 467 17.39 -29.54 -24.52
C TYR D 467 16.08 -29.71 -25.29
N ILE D 468 16.17 -30.22 -26.52
CA ILE D 468 14.96 -30.43 -27.32
C ILE D 468 14.08 -31.50 -26.66
N LEU D 469 14.70 -32.56 -26.16
CA LEU D 469 13.97 -33.65 -25.50
C LEU D 469 13.29 -33.14 -24.24
N PHE D 470 13.97 -32.30 -23.48
CA PHE D 470 13.41 -31.71 -22.27
C PHE D 470 12.23 -30.82 -22.61
N ASN D 471 12.35 -30.00 -23.65
CA ASN D 471 11.25 -29.14 -24.08
C ASN D 471 10.06 -29.97 -24.54
N LEU D 472 10.31 -31.05 -25.27
CA LEU D 472 9.22 -31.91 -25.72
C LEU D 472 8.47 -32.52 -24.53
N ILE D 473 9.21 -33.05 -23.56
CA ILE D 473 8.57 -33.64 -22.39
C ILE D 473 7.81 -32.57 -21.61
N TYR D 474 8.41 -31.39 -21.44
CA TYR D 474 7.82 -30.34 -20.63
C TYR D 474 6.51 -29.84 -21.24
N TRP D 475 6.49 -29.66 -22.56
CA TRP D 475 5.32 -29.17 -23.27
C TRP D 475 4.28 -30.27 -23.50
N SER D 476 4.69 -31.53 -23.40
CA SER D 476 3.75 -32.64 -23.41
C SER D 476 3.04 -32.80 -22.06
N ILE D 477 3.72 -32.51 -20.95
CA ILE D 477 3.09 -32.63 -19.64
C ILE D 477 2.16 -31.46 -19.38
N PHE D 478 2.65 -30.23 -19.57
CA PHE D 478 1.89 -29.02 -19.26
C PHE D 478 1.08 -28.50 -20.44
N SER D 479 0.98 -29.26 -21.52
CA SER D 479 0.20 -28.89 -22.71
C SER D 479 0.70 -27.59 -23.34
N LYS E 74 -49.76 -8.76 18.15
CA LYS E 74 -48.35 -8.41 18.18
C LYS E 74 -47.55 -9.50 18.91
N SER E 75 -46.48 -9.96 18.27
CA SER E 75 -45.70 -11.04 18.86
C SER E 75 -44.95 -10.58 20.09
N GLU E 76 -44.58 -9.29 20.15
CA GLU E 76 -43.86 -8.80 21.30
C GLU E 76 -44.74 -8.63 22.52
N GLN E 77 -46.06 -8.76 22.38
CA GLN E 77 -46.95 -8.71 23.52
C GLN E 77 -47.15 -10.07 24.18
N LEU E 78 -46.78 -11.16 23.51
CA LEU E 78 -46.82 -12.46 24.14
C LEU E 78 -45.79 -12.55 25.25
N LEU E 79 -44.61 -11.96 25.02
CA LEU E 79 -43.58 -11.83 26.04
C LEU E 79 -43.80 -10.55 26.82
N ARG E 80 -43.84 -10.66 28.15
CA ARG E 80 -44.17 -9.51 29.00
C ARG E 80 -42.93 -8.65 29.11
N ILE E 81 -42.69 -7.85 28.06
CA ILE E 81 -41.46 -7.08 27.99
C ILE E 81 -41.47 -5.95 29.02
N ASP E 82 -42.62 -5.28 29.18
CA ASP E 82 -42.80 -4.15 30.08
C ASP E 82 -43.01 -4.57 31.53
N ASP E 83 -43.19 -5.87 31.79
CA ASP E 83 -43.43 -6.35 33.14
C ASP E 83 -42.16 -6.86 33.82
N HIS E 84 -41.01 -6.80 33.16
CA HIS E 84 -39.77 -7.17 33.84
C HIS E 84 -38.69 -6.12 33.59
N ASP E 85 -37.71 -6.10 34.49
CA ASP E 85 -36.50 -5.29 34.34
C ASP E 85 -35.41 -6.12 33.68
N PHE E 86 -35.12 -5.83 32.41
CA PHE E 86 -34.13 -6.54 31.62
C PHE E 86 -32.75 -5.90 31.71
N SER E 87 -32.50 -5.05 32.70
CA SER E 87 -31.14 -4.60 32.95
C SER E 87 -30.37 -5.51 33.89
N MET E 88 -31.01 -6.52 34.49
CA MET E 88 -30.30 -7.45 35.35
C MET E 88 -30.25 -8.84 34.71
N ARG E 89 -29.24 -9.61 35.08
CA ARG E 89 -29.10 -10.96 34.57
C ARG E 89 -30.19 -11.87 35.15
N PRO E 90 -30.56 -12.93 34.44
CA PRO E 90 -31.49 -13.91 35.02
C PRO E 90 -30.91 -14.57 36.26
N GLY E 91 -31.78 -14.85 37.23
CA GLY E 91 -31.35 -15.42 38.49
C GLY E 91 -30.50 -14.49 39.33
N PHE E 92 -30.78 -13.19 39.29
CA PHE E 92 -30.01 -12.22 40.06
C PHE E 92 -30.20 -12.45 41.55
N GLY E 93 -29.10 -12.31 42.31
CA GLY E 93 -28.97 -12.66 43.72
C GLY E 93 -28.75 -14.13 44.01
N GLY E 94 -28.65 -14.98 42.99
CA GLY E 94 -28.51 -16.40 43.17
C GLY E 94 -27.26 -16.98 42.54
N PRO E 95 -27.30 -18.27 42.24
CA PRO E 95 -26.19 -18.93 41.55
C PRO E 95 -26.00 -18.36 40.15
N ALA E 96 -24.78 -18.56 39.63
CA ALA E 96 -24.44 -18.00 38.34
C ALA E 96 -25.14 -18.79 37.24
N ILE E 97 -25.49 -18.06 36.18
CA ILE E 97 -26.28 -18.59 35.07
C ILE E 97 -25.31 -19.15 34.03
N PRO E 98 -25.41 -20.44 33.69
CA PRO E 98 -24.46 -21.00 32.72
C PRO E 98 -24.80 -20.60 31.30
N VAL E 99 -23.76 -20.40 30.49
CA VAL E 99 -23.93 -20.02 29.09
C VAL E 99 -23.03 -20.88 28.24
N GLY E 100 -23.62 -21.51 27.22
CA GLY E 100 -22.86 -22.33 26.28
C GLY E 100 -22.54 -21.56 25.02
N VAL E 101 -21.40 -21.90 24.41
CA VAL E 101 -20.91 -21.20 23.23
C VAL E 101 -20.52 -22.22 22.17
N ASP E 102 -20.92 -21.96 20.93
CA ASP E 102 -20.61 -22.80 19.79
C ASP E 102 -19.97 -21.96 18.69
N VAL E 103 -18.89 -22.45 18.08
CA VAL E 103 -18.12 -21.65 17.13
C VAL E 103 -17.95 -22.43 15.83
N GLN E 104 -18.26 -21.79 14.70
CA GLN E 104 -18.03 -22.38 13.39
C GLN E 104 -17.18 -21.39 12.59
N VAL E 105 -15.99 -21.84 12.17
CA VAL E 105 -15.05 -21.02 11.42
C VAL E 105 -15.38 -21.11 9.93
N GLU E 106 -15.54 -19.96 9.29
CA GLU E 106 -15.93 -19.92 7.89
C GLU E 106 -14.72 -19.82 6.97
N SER E 107 -13.79 -18.91 7.23
CA SER E 107 -12.59 -18.78 6.40
C SER E 107 -11.54 -17.96 7.14
N LEU E 108 -10.31 -18.04 6.64
CA LEU E 108 -9.21 -17.18 7.07
C LEU E 108 -8.88 -16.21 5.94
N ASP E 109 -8.88 -14.91 6.28
CA ASP E 109 -8.89 -13.86 5.27
C ASP E 109 -7.46 -13.44 4.93
N SER E 110 -6.66 -13.09 5.94
CA SER E 110 -5.32 -12.72 5.54
C SER E 110 -4.43 -12.86 6.77
N ILE E 111 -3.12 -12.76 6.56
CA ILE E 111 -2.15 -12.79 7.65
C ILE E 111 -1.03 -11.81 7.34
N SER E 112 -0.60 -11.05 8.35
CA SER E 112 0.44 -10.05 8.19
C SER E 112 1.64 -10.43 9.04
N GLU E 113 2.79 -10.70 8.40
CA GLU E 113 3.95 -11.12 9.16
C GLU E 113 4.63 -9.93 9.83
N VAL E 114 4.61 -8.76 9.18
CA VAL E 114 5.27 -7.59 9.72
C VAL E 114 4.55 -7.08 10.95
N ASP E 115 3.23 -6.97 10.89
CA ASP E 115 2.45 -6.48 12.02
C ASP E 115 2.03 -7.58 12.99
N MET E 116 2.22 -8.85 12.62
CA MET E 116 1.92 -10.00 13.48
C MET E 116 0.45 -10.02 13.92
N ASP E 117 -0.43 -10.23 12.93
CA ASP E 117 -1.86 -10.37 13.18
C ASP E 117 -2.50 -11.21 12.06
N PHE E 118 -3.73 -11.64 12.32
CA PHE E 118 -4.45 -12.46 11.35
C PHE E 118 -5.92 -12.08 11.42
N THR E 119 -6.65 -12.41 10.35
CA THR E 119 -8.07 -12.10 10.24
C THR E 119 -8.87 -13.39 10.01
N MET E 120 -10.02 -13.47 10.68
CA MET E 120 -10.88 -14.64 10.70
C MET E 120 -12.33 -14.20 10.67
N THR E 121 -13.16 -15.00 9.99
CA THR E 121 -14.60 -14.80 9.94
C THR E 121 -15.28 -16.06 10.45
N LEU E 122 -16.22 -15.90 11.37
CA LEU E 122 -16.79 -17.05 12.07
C LEU E 122 -18.23 -16.76 12.47
N TYR E 123 -18.92 -17.82 12.89
CA TYR E 123 -20.26 -17.76 13.46
C TYR E 123 -20.18 -17.92 14.98
N LEU E 124 -20.84 -17.03 15.72
CA LEU E 124 -20.88 -17.12 17.19
C LEU E 124 -22.30 -17.41 17.65
N ARG E 125 -22.45 -18.46 18.46
CA ARG E 125 -23.76 -18.87 18.96
C ARG E 125 -23.75 -18.98 20.48
N HIS E 126 -24.87 -18.60 21.09
CA HIS E 126 -25.00 -18.63 22.54
C HIS E 126 -26.24 -19.41 22.96
N TYR E 127 -26.15 -20.09 24.10
CA TYR E 127 -27.25 -20.88 24.63
C TYR E 127 -27.45 -20.57 26.11
N TRP E 128 -28.67 -20.21 26.49
CA TRP E 128 -29.01 -20.00 27.88
C TRP E 128 -30.53 -20.06 28.03
N LYS E 129 -30.98 -20.08 29.28
CA LYS E 129 -32.39 -20.20 29.59
C LYS E 129 -32.84 -19.01 30.44
N ASP E 130 -34.01 -18.46 30.12
CA ASP E 130 -34.58 -17.33 30.84
C ASP E 130 -36.06 -17.60 31.02
N GLU E 131 -36.50 -17.72 32.27
CA GLU E 131 -37.90 -18.03 32.49
C GLU E 131 -38.81 -16.83 32.23
N ARG E 132 -38.26 -15.61 32.22
CA ARG E 132 -39.09 -14.42 32.03
C ARG E 132 -39.60 -14.32 30.60
N LEU E 133 -39.01 -15.06 29.67
CA LEU E 133 -39.40 -15.07 28.27
C LEU E 133 -40.36 -16.19 27.90
N SER E 134 -40.82 -16.97 28.89
CA SER E 134 -41.79 -18.01 28.62
C SER E 134 -43.14 -17.42 28.26
N PHE E 135 -43.82 -18.06 27.31
CA PHE E 135 -45.10 -17.65 26.75
C PHE E 135 -45.97 -18.89 26.60
N PRO E 136 -47.26 -18.78 26.85
CA PRO E 136 -48.16 -19.91 26.60
C PRO E 136 -48.31 -20.23 25.12
N SER E 137 -48.55 -21.50 24.83
CA SER E 137 -48.70 -21.97 23.46
C SER E 137 -49.51 -23.26 23.45
N THR E 138 -50.30 -23.45 22.39
CA THR E 138 -51.07 -24.67 22.20
C THR E 138 -50.29 -25.74 21.44
N ASN E 139 -49.04 -25.47 21.08
CA ASN E 139 -48.19 -26.38 20.32
C ASN E 139 -46.75 -26.20 20.77
N ASN E 140 -45.81 -26.75 19.99
CA ASN E 140 -44.39 -26.70 20.33
C ASN E 140 -43.59 -25.89 19.29
N LEU E 141 -44.20 -24.86 18.72
CA LEU E 141 -43.56 -24.03 17.69
C LEU E 141 -42.87 -22.86 18.37
N SER E 142 -41.71 -22.48 17.86
CA SER E 142 -40.96 -21.36 18.41
C SER E 142 -41.13 -20.10 17.56
N MET E 143 -40.76 -18.97 18.13
CA MET E 143 -40.80 -17.67 17.45
C MET E 143 -39.41 -17.17 17.13
N THR E 144 -39.26 -16.56 15.96
CA THR E 144 -37.97 -16.05 15.51
C THR E 144 -38.00 -14.54 15.41
N PHE E 145 -36.97 -13.88 15.96
CA PHE E 145 -36.88 -12.43 15.93
C PHE E 145 -35.52 -12.01 15.40
N ASP E 146 -35.46 -10.78 14.90
CA ASP E 146 -34.23 -10.24 14.33
C ASP E 146 -33.51 -9.41 15.39
N GLY E 147 -32.50 -8.65 14.98
CA GLY E 147 -31.66 -7.91 15.91
C GLY E 147 -32.36 -6.77 16.61
N ARG E 148 -33.59 -6.44 16.19
CA ARG E 148 -34.25 -5.28 16.78
C ARG E 148 -34.76 -5.62 18.17
N LEU E 149 -34.88 -6.90 18.49
CA LEU E 149 -35.35 -7.33 19.80
C LEU E 149 -34.22 -7.36 20.82
N VAL E 150 -32.97 -7.25 20.37
CA VAL E 150 -31.82 -7.40 21.26
C VAL E 150 -31.77 -6.24 22.25
N LYS E 151 -32.16 -5.04 21.82
CA LYS E 151 -32.11 -3.89 22.70
C LYS E 151 -33.17 -3.92 23.79
N LYS E 152 -34.12 -4.84 23.74
CA LYS E 152 -35.20 -4.90 24.70
C LYS E 152 -35.05 -6.03 25.71
N ILE E 153 -34.09 -6.94 25.50
CA ILE E 153 -33.87 -8.08 26.38
C ILE E 153 -32.41 -8.12 26.78
N TRP E 154 -32.10 -8.99 27.75
CA TRP E 154 -30.74 -9.18 28.24
C TRP E 154 -30.00 -10.19 27.38
N VAL E 155 -28.79 -9.83 26.95
CA VAL E 155 -27.92 -10.73 26.18
C VAL E 155 -26.51 -10.72 26.77
N PRO E 156 -25.77 -11.82 26.65
CA PRO E 156 -24.38 -11.84 27.14
C PRO E 156 -23.52 -10.84 26.40
N ASP E 157 -22.61 -10.19 27.13
CA ASP E 157 -21.69 -9.21 26.56
C ASP E 157 -20.32 -9.83 26.31
N MET E 158 -20.27 -10.73 25.32
CA MET E 158 -19.02 -11.36 24.92
C MET E 158 -18.16 -10.41 24.12
N PHE E 159 -16.84 -10.56 24.25
CA PHE E 159 -15.89 -9.77 23.49
C PHE E 159 -14.62 -10.60 23.29
N PHE E 160 -13.81 -10.19 22.31
CA PHE E 160 -12.58 -10.90 21.94
C PHE E 160 -11.38 -10.23 22.60
N VAL E 161 -10.57 -11.04 23.28
CA VAL E 161 -9.39 -10.53 23.97
C VAL E 161 -8.23 -10.41 22.98
N HIS E 162 -7.41 -9.38 23.16
CA HIS E 162 -6.23 -9.13 22.33
C HIS E 162 -6.61 -8.95 20.86
N SER E 163 -7.71 -8.26 20.61
CA SER E 163 -8.15 -7.97 19.26
C SER E 163 -7.84 -6.53 18.89
N LYS E 164 -7.68 -6.29 17.59
CA LYS E 164 -7.32 -4.99 17.05
C LYS E 164 -8.50 -4.24 16.43
N ARG E 165 -9.35 -4.96 15.71
CA ARG E 165 -10.53 -4.37 15.09
C ARG E 165 -11.51 -5.48 14.72
N SER E 166 -12.79 -5.15 14.74
CA SER E 166 -13.84 -6.12 14.44
C SER E 166 -15.13 -5.37 14.12
N PHE E 167 -16.02 -6.06 13.40
CA PHE E 167 -17.30 -5.47 13.03
C PHE E 167 -18.28 -6.60 12.72
N ILE E 168 -19.57 -6.26 12.68
CA ILE E 168 -20.64 -7.21 12.40
C ILE E 168 -21.23 -6.87 11.04
N HIS E 169 -21.36 -7.87 10.17
CA HIS E 169 -21.95 -7.70 8.85
C HIS E 169 -23.38 -7.15 8.92
N ASP E 170 -23.70 -6.16 8.07
CA ASP E 170 -25.07 -5.63 8.03
C ASP E 170 -25.61 -5.54 6.61
N THR E 171 -25.31 -6.53 5.77
CA THR E 171 -25.88 -6.61 4.42
C THR E 171 -26.67 -7.90 4.25
N THR E 172 -27.93 -7.77 3.85
CA THR E 172 -28.57 -6.48 3.58
C THR E 172 -29.14 -5.86 4.84
N THR E 173 -29.16 -6.66 5.92
CA THR E 173 -29.56 -6.21 7.24
C THR E 173 -28.61 -6.85 8.25
N ASP E 174 -28.77 -6.47 9.51
CA ASP E 174 -27.95 -7.01 10.59
C ASP E 174 -28.08 -8.52 10.65
N ASN E 175 -26.94 -9.20 10.66
CA ASN E 175 -26.86 -10.66 10.69
C ASN E 175 -27.01 -11.14 12.14
N VAL E 176 -28.18 -10.88 12.71
CA VAL E 176 -28.50 -11.25 14.08
C VAL E 176 -29.82 -12.00 14.09
N MET E 177 -29.85 -13.15 14.75
CA MET E 177 -31.03 -14.00 14.82
C MET E 177 -31.28 -14.42 16.24
N LEU E 178 -32.55 -14.42 16.64
CA LEU E 178 -32.96 -14.82 17.98
C LEU E 178 -34.13 -15.80 17.86
N ARG E 179 -34.03 -16.92 18.58
CA ARG E 179 -35.07 -17.93 18.62
C ARG E 179 -35.42 -18.21 20.07
N VAL E 180 -36.70 -18.18 20.39
CA VAL E 180 -37.18 -18.32 21.76
C VAL E 180 -38.07 -19.55 21.86
N GLN E 181 -37.77 -20.43 22.80
CA GLN E 181 -38.56 -21.64 22.90
C GLN E 181 -39.71 -21.38 23.85
N PRO E 182 -40.74 -22.22 23.86
CA PRO E 182 -41.87 -21.93 24.74
C PRO E 182 -41.55 -21.96 26.22
N ASP E 183 -40.60 -22.78 26.66
CA ASP E 183 -40.21 -22.83 28.08
C ASP E 183 -39.23 -21.72 28.48
N GLY E 184 -38.71 -21.00 27.50
CA GLY E 184 -37.74 -19.94 27.74
C GLY E 184 -36.30 -20.16 27.30
N LYS E 185 -36.02 -21.23 26.54
CA LYS E 185 -34.69 -21.43 25.98
C LYS E 185 -34.47 -20.50 24.79
N VAL E 186 -33.29 -19.87 24.76
CA VAL E 186 -32.97 -18.83 23.79
C VAL E 186 -31.72 -19.23 23.00
N LEU E 187 -31.77 -19.02 21.69
CA LEU E 187 -30.62 -19.18 20.81
C LEU E 187 -30.24 -17.83 20.22
N TYR E 188 -28.97 -17.44 20.38
CA TYR E 188 -28.50 -16.15 19.90
C TYR E 188 -27.31 -16.37 18.98
N SER E 189 -27.43 -15.95 17.72
CA SER E 189 -26.40 -16.19 16.72
C SER E 189 -26.09 -14.90 15.98
N LEU E 190 -24.81 -14.72 15.61
CA LEU E 190 -24.37 -13.57 14.83
C LEU E 190 -23.14 -13.95 14.03
N ARG E 191 -22.91 -13.20 12.95
CA ARG E 191 -21.75 -13.32 12.07
C ARG E 191 -20.82 -12.14 12.28
N VAL E 192 -19.55 -12.44 12.60
CA VAL E 192 -18.56 -11.41 12.93
C VAL E 192 -17.24 -11.71 12.25
N THR E 193 -16.49 -10.64 11.95
CA THR E 193 -15.11 -10.73 11.49
C THR E 193 -14.20 -10.03 12.48
N VAL E 194 -13.13 -10.71 12.89
CA VAL E 194 -12.26 -10.22 13.96
C VAL E 194 -10.80 -10.36 13.52
N THR E 195 -9.99 -9.36 13.88
CA THR E 195 -8.55 -9.38 13.70
C THR E 195 -7.86 -9.44 15.06
N ALA E 196 -6.95 -10.40 15.22
CA ALA E 196 -6.31 -10.66 16.51
C ALA E 196 -4.80 -10.72 16.35
N MET E 197 -4.08 -10.45 17.45
CA MET E 197 -2.62 -10.39 17.37
C MET E 197 -2.04 -11.77 17.55
N CYS E 198 -0.80 -11.93 17.10
CA CYS E 198 -0.15 -13.23 17.26
C CYS E 198 1.36 -13.01 17.19
N ASN E 199 2.03 -13.15 18.34
CA ASN E 199 3.48 -12.97 18.37
C ASN E 199 4.17 -14.08 17.60
N MET E 200 5.13 -13.71 16.75
CA MET E 200 5.84 -14.67 15.91
C MET E 200 7.34 -14.58 16.16
N ASP E 201 8.04 -15.69 15.91
CA ASP E 201 9.49 -15.76 16.03
C ASP E 201 10.05 -16.33 14.73
N PHE E 202 10.91 -15.56 14.08
CA PHE E 202 11.48 -15.92 12.79
C PHE E 202 12.95 -16.31 12.89
N SER E 203 13.36 -16.81 14.05
CA SER E 203 14.77 -17.18 14.24
C SER E 203 15.14 -18.36 13.37
N ARG E 204 14.21 -19.30 13.21
CA ARG E 204 14.45 -20.52 12.44
C ARG E 204 13.92 -20.44 11.01
N PHE E 205 13.64 -19.24 10.51
CA PHE E 205 13.15 -19.09 9.14
C PHE E 205 14.16 -19.69 8.17
N PRO E 206 13.72 -20.40 7.12
CA PRO E 206 12.30 -20.65 6.79
C PRO E 206 11.74 -21.93 7.38
N LEU E 207 12.46 -22.51 8.36
CA LEU E 207 12.05 -23.77 8.99
C LEU E 207 11.31 -23.53 10.30
N ASP E 208 10.65 -22.38 10.45
CA ASP E 208 10.01 -22.03 11.70
C ASP E 208 8.59 -22.58 11.77
N THR E 209 8.09 -22.70 12.98
CA THR E 209 6.72 -23.14 13.22
C THR E 209 6.06 -22.13 14.15
N GLN E 210 4.82 -21.75 13.82
CA GLN E 210 4.10 -20.71 14.55
C GLN E 210 2.78 -21.27 15.09
N THR E 211 2.41 -20.79 16.27
CA THR E 211 1.15 -21.15 16.91
C THR E 211 0.33 -19.88 17.18
N CYS E 212 -0.97 -19.97 16.93
CA CYS E 212 -1.88 -18.85 17.09
C CYS E 212 -3.06 -19.26 17.96
N SER E 213 -3.76 -18.27 18.50
CA SER E 213 -4.88 -18.48 19.40
C SER E 213 -5.88 -17.33 19.30
N LEU E 214 -7.16 -17.68 19.49
CA LEU E 214 -8.25 -16.72 19.55
C LEU E 214 -8.98 -16.91 20.87
N GLU E 215 -9.25 -15.80 21.56
CA GLU E 215 -9.72 -15.85 22.93
C GLU E 215 -11.08 -15.15 23.06
N ILE E 216 -11.97 -15.76 23.85
CA ILE E 216 -13.30 -15.23 24.09
C ILE E 216 -13.51 -15.12 25.60
N GLU E 217 -14.00 -13.97 26.05
CA GLU E 217 -14.19 -13.75 27.47
C GLU E 217 -15.32 -12.73 27.70
N SER E 218 -15.98 -12.86 28.85
CA SER E 218 -17.02 -11.92 29.25
C SER E 218 -16.38 -10.63 29.78
N TYR E 219 -16.99 -9.50 29.43
CA TYR E 219 -16.38 -8.20 29.71
C TYR E 219 -16.68 -7.74 31.14
N ALA E 220 -17.95 -7.79 31.57
CA ALA E 220 -18.34 -7.19 32.83
C ALA E 220 -18.78 -8.16 33.91
N TYR E 221 -18.93 -9.45 33.60
CA TYR E 221 -19.44 -10.43 34.55
C TYR E 221 -18.34 -11.42 34.92
N THR E 222 -18.11 -11.55 36.22
CA THR E 222 -17.14 -12.51 36.73
C THR E 222 -17.75 -13.90 36.75
N GLU E 223 -16.97 -14.85 37.27
CA GLU E 223 -17.37 -16.25 37.35
C GLU E 223 -18.45 -16.46 38.40
N ASP E 224 -18.63 -15.51 39.31
CA ASP E 224 -19.68 -15.62 40.31
C ASP E 224 -21.06 -15.33 39.75
N ASP E 225 -21.15 -14.61 38.62
CA ASP E 225 -22.44 -14.25 38.04
C ASP E 225 -22.68 -14.91 36.69
N LEU E 226 -21.63 -15.16 35.91
CA LEU E 226 -21.75 -15.78 34.59
C LEU E 226 -20.75 -16.92 34.50
N MET E 227 -21.22 -18.10 34.10
CA MET E 227 -20.38 -19.28 33.94
C MET E 227 -20.31 -19.62 32.46
N LEU E 228 -19.12 -19.46 31.87
CA LEU E 228 -18.91 -19.69 30.45
C LEU E 228 -18.20 -21.03 30.24
N TYR E 229 -18.68 -21.81 29.27
CA TYR E 229 -18.11 -23.12 28.98
C TYR E 229 -18.47 -23.52 27.55
N TRP E 230 -17.72 -24.48 27.02
CA TRP E 230 -18.03 -25.05 25.71
C TRP E 230 -19.22 -25.99 25.83
N LYS E 231 -20.23 -25.81 24.98
CA LYS E 231 -21.47 -26.57 25.14
C LYS E 231 -21.25 -28.08 24.96
N LYS E 232 -20.48 -28.48 23.96
CA LYS E 232 -20.25 -29.89 23.68
C LYS E 232 -18.77 -30.26 23.70
N GLY E 233 -17.99 -29.58 24.54
CA GLY E 233 -16.61 -30.00 24.70
C GLY E 233 -15.82 -29.70 23.45
N ASN E 234 -15.08 -30.71 22.98
CA ASN E 234 -14.28 -30.56 21.78
C ASN E 234 -15.11 -30.64 20.51
N ASP E 235 -16.40 -30.96 20.59
CA ASP E 235 -17.22 -31.05 19.40
C ASP E 235 -17.88 -29.73 19.04
N SER E 236 -17.63 -28.67 19.80
CA SER E 236 -18.28 -27.40 19.54
C SER E 236 -17.55 -26.56 18.51
N LEU E 237 -16.46 -27.05 17.93
CA LEU E 237 -15.68 -26.30 16.94
C LEU E 237 -15.79 -27.01 15.60
N LYS E 238 -16.22 -26.28 14.58
CA LYS E 238 -16.33 -26.82 13.23
C LYS E 238 -15.60 -25.91 12.28
N THR E 239 -14.88 -26.49 11.31
CA THR E 239 -14.18 -25.68 10.33
C THR E 239 -14.63 -26.04 8.91
N ASP E 240 -14.51 -25.07 8.01
CA ASP E 240 -14.85 -25.29 6.60
C ASP E 240 -13.87 -26.26 5.96
N GLU E 241 -14.38 -27.03 5.00
CA GLU E 241 -13.54 -28.00 4.30
C GLU E 241 -12.53 -27.34 3.37
N ARG E 242 -12.74 -26.08 3.00
CA ARG E 242 -11.88 -25.41 2.03
C ARG E 242 -11.12 -24.24 2.63
N ILE E 243 -10.83 -24.28 3.93
CA ILE E 243 -10.05 -23.24 4.56
C ILE E 243 -8.58 -23.41 4.18
N SER E 244 -7.96 -22.34 3.71
CA SER E 244 -6.58 -22.41 3.25
C SER E 244 -5.95 -21.03 3.25
N LEU E 245 -4.63 -21.02 3.20
CA LEU E 245 -3.84 -19.79 3.13
C LEU E 245 -2.87 -19.90 1.95
N SER E 246 -2.48 -18.74 1.42
CA SER E 246 -1.64 -18.72 0.23
C SER E 246 -0.25 -19.30 0.50
N GLN E 247 0.38 -18.89 1.61
CA GLN E 247 1.77 -19.27 1.87
C GLN E 247 1.93 -20.07 3.16
N PHE E 248 0.84 -20.56 3.75
CA PHE E 248 0.92 -21.32 4.98
C PHE E 248 0.06 -22.56 4.91
N LEU E 249 0.41 -23.57 5.71
CA LEU E 249 -0.38 -24.78 5.89
C LEU E 249 -1.01 -24.77 7.28
N ILE E 250 -2.30 -25.12 7.34
CA ILE E 250 -3.09 -25.01 8.55
C ILE E 250 -3.44 -26.40 9.05
N GLN E 251 -3.28 -26.65 10.35
CA GLN E 251 -3.52 -27.96 10.93
C GLN E 251 -3.78 -27.82 12.43
N GLU E 252 -4.32 -28.89 13.00
CA GLU E 252 -4.39 -29.09 14.45
C GLU E 252 -5.27 -28.05 15.13
N PHE E 253 -6.56 -28.08 14.79
CA PHE E 253 -7.53 -27.24 15.47
C PHE E 253 -8.01 -27.94 16.74
N HIS E 254 -7.99 -27.23 17.86
CA HIS E 254 -8.47 -27.76 19.13
C HIS E 254 -8.79 -26.61 20.06
N THR E 255 -9.57 -26.90 21.11
CA THR E 255 -10.02 -25.88 22.04
C THR E 255 -9.58 -26.21 23.46
N THR E 256 -9.32 -25.16 24.25
CA THR E 256 -8.93 -25.28 25.66
C THR E 256 -9.59 -24.17 26.46
N THR E 257 -9.54 -24.31 27.79
CA THR E 257 -10.12 -23.33 28.70
C THR E 257 -9.11 -23.01 29.80
N LYS E 258 -9.20 -21.79 30.32
CA LYS E 258 -8.31 -21.36 31.39
C LYS E 258 -8.92 -20.15 32.09
N LEU E 259 -8.66 -20.04 33.40
CA LEU E 259 -9.17 -18.96 34.23
C LEU E 259 -8.18 -17.81 34.23
N ALA E 260 -8.70 -16.58 34.15
CA ALA E 260 -7.87 -15.39 34.21
C ALA E 260 -8.28 -14.54 35.40
N PHE E 261 -7.29 -13.84 35.96
CA PHE E 261 -7.48 -13.03 37.17
C PHE E 261 -7.21 -11.56 36.86
N TYR E 262 -8.11 -10.70 37.31
CA TYR E 262 -7.94 -9.26 37.11
C TYR E 262 -8.00 -8.61 38.48
N SER E 263 -7.00 -7.82 38.83
CA SER E 263 -6.97 -7.24 40.18
C SER E 263 -8.10 -6.25 40.41
N SER E 264 -8.62 -5.62 39.35
CA SER E 264 -9.67 -4.62 39.53
C SER E 264 -11.00 -5.25 39.91
N THR E 265 -11.34 -6.40 39.31
CA THR E 265 -12.68 -6.94 39.50
C THR E 265 -12.71 -8.40 39.96
N GLY E 266 -11.72 -9.20 39.58
CA GLY E 266 -11.66 -10.58 40.02
C GLY E 266 -11.41 -11.59 38.90
N TRP E 267 -11.93 -12.80 39.05
CA TRP E 267 -11.64 -13.91 38.13
C TRP E 267 -12.64 -13.99 36.98
N TYR E 268 -12.17 -14.42 35.80
CA TYR E 268 -13.03 -14.52 34.62
C TYR E 268 -12.75 -15.85 33.92
N ASN E 269 -13.74 -16.39 33.22
CA ASN E 269 -13.49 -17.56 32.39
C ASN E 269 -13.09 -17.16 30.97
N ARG E 270 -12.13 -17.88 30.40
CA ARG E 270 -11.64 -17.61 29.05
C ARG E 270 -11.60 -18.90 28.21
N LEU E 271 -11.93 -18.75 26.93
CA LEU E 271 -11.89 -19.89 26.01
C LEU E 271 -10.80 -19.66 24.96
N TYR E 272 -10.25 -20.73 24.41
CA TYR E 272 -9.18 -20.65 23.42
C TYR E 272 -9.52 -21.53 22.22
N ILE E 273 -9.02 -21.10 21.05
CA ILE E 273 -9.10 -21.81 19.78
C ILE E 273 -7.71 -21.74 19.17
N ASN E 274 -7.08 -22.90 19.00
CA ASN E 274 -5.67 -23.03 18.67
C ASN E 274 -5.51 -23.66 17.30
N PHE E 275 -4.48 -23.23 16.57
CA PHE E 275 -4.11 -23.85 15.31
C PHE E 275 -2.64 -23.57 15.06
N THR E 276 -2.06 -24.32 14.11
CA THR E 276 -0.64 -24.24 13.81
C THR E 276 -0.41 -23.90 12.35
N LEU E 277 0.71 -23.23 12.06
CA LEU E 277 1.06 -22.78 10.72
C LEU E 277 2.40 -23.37 10.30
N ARG E 278 2.52 -23.75 9.03
CA ARG E 278 3.79 -24.27 8.52
C ARG E 278 4.01 -23.75 7.10
N ARG E 279 5.28 -23.74 6.68
CA ARG E 279 5.66 -23.24 5.37
C ARG E 279 5.97 -24.39 4.41
N HIS E 280 6.29 -24.03 3.17
CA HIS E 280 6.71 -24.96 2.12
C HIS E 280 8.24 -25.00 2.04
N ILE E 281 8.85 -26.09 2.51
CA ILE E 281 10.31 -26.08 2.65
C ILE E 281 10.98 -26.10 1.28
N PHE E 282 10.46 -26.89 0.35
CA PHE E 282 11.16 -27.12 -0.90
C PHE E 282 11.25 -25.88 -1.76
N PHE E 283 10.21 -25.04 -1.73
CA PHE E 283 10.24 -23.81 -2.52
C PHE E 283 11.38 -22.91 -2.07
N PHE E 284 11.51 -22.71 -0.75
CA PHE E 284 12.58 -21.88 -0.21
C PHE E 284 13.94 -22.50 -0.49
N LEU E 285 14.06 -23.82 -0.31
CA LEU E 285 15.31 -24.51 -0.64
C LEU E 285 15.73 -24.25 -2.08
N LEU E 286 14.81 -24.45 -3.03
CA LEU E 286 15.18 -24.31 -4.44
C LEU E 286 15.52 -22.86 -4.79
N GLN E 287 14.83 -21.91 -4.17
CA GLN E 287 14.98 -20.51 -4.48
C GLN E 287 16.24 -19.91 -3.84
N THR E 288 16.72 -20.49 -2.74
CA THR E 288 17.80 -19.85 -2.00
C THR E 288 19.06 -20.69 -1.91
N TYR E 289 18.97 -21.91 -1.37
CA TYR E 289 20.16 -22.71 -1.11
C TYR E 289 20.81 -23.23 -2.38
N PHE E 290 20.03 -23.55 -3.41
CA PHE E 290 20.60 -24.13 -4.62
C PHE E 290 21.53 -23.16 -5.33
N PRO E 291 21.17 -21.90 -5.56
CA PRO E 291 22.10 -21.00 -6.26
C PRO E 291 23.38 -20.75 -5.49
N ALA E 292 23.30 -20.67 -4.16
CA ALA E 292 24.50 -20.39 -3.37
C ALA E 292 25.46 -21.57 -3.44
N THR E 293 24.94 -22.81 -3.37
CA THR E 293 25.81 -23.97 -3.44
C THR E 293 26.41 -24.14 -4.84
N LEU E 294 25.62 -23.85 -5.88
CA LEU E 294 26.13 -23.87 -7.25
C LEU E 294 27.26 -22.86 -7.44
N MET E 295 27.07 -21.65 -6.93
CA MET E 295 28.11 -20.63 -7.06
C MET E 295 29.36 -21.01 -6.30
N VAL E 296 29.22 -21.59 -5.11
CA VAL E 296 30.37 -22.02 -4.33
C VAL E 296 31.15 -23.11 -5.06
N MET E 297 30.43 -24.06 -5.65
CA MET E 297 31.08 -25.12 -6.41
C MET E 297 31.75 -24.56 -7.66
N LEU E 298 31.11 -23.59 -8.31
CA LEU E 298 31.70 -23.00 -9.51
C LEU E 298 32.94 -22.19 -9.20
N SER E 299 33.02 -21.62 -7.99
CA SER E 299 34.21 -20.86 -7.60
C SER E 299 35.45 -21.75 -7.47
N TRP E 300 35.26 -23.05 -7.33
CA TRP E 300 36.34 -24.03 -7.19
C TRP E 300 36.96 -24.40 -8.54
N VAL E 301 36.43 -23.87 -9.64
CA VAL E 301 36.92 -24.26 -10.97
C VAL E 301 38.32 -23.73 -11.19
N SER E 302 38.63 -22.57 -10.62
CA SER E 302 39.91 -21.93 -10.87
C SER E 302 41.11 -22.73 -10.35
N PHE E 303 40.89 -23.70 -9.47
CA PHE E 303 41.99 -24.49 -8.92
C PHE E 303 42.58 -25.46 -9.95
N TRP E 304 41.87 -25.66 -11.05
CA TRP E 304 42.16 -26.65 -12.09
C TRP E 304 42.65 -25.98 -13.36
N ILE E 305 42.79 -24.66 -13.34
CA ILE E 305 43.29 -23.88 -14.47
C ILE E 305 44.77 -23.56 -14.25
N ASP E 306 45.52 -23.53 -15.36
CA ASP E 306 46.93 -23.22 -15.32
C ASP E 306 47.16 -21.86 -14.67
N ARG E 307 48.14 -21.81 -13.77
CA ARG E 307 48.42 -20.58 -13.05
C ARG E 307 49.01 -19.49 -13.92
N ARG E 308 49.39 -19.80 -15.17
CA ARG E 308 50.01 -18.84 -16.05
C ARG E 308 48.98 -17.95 -16.74
N ALA E 309 47.70 -18.31 -16.65
CA ALA E 309 46.65 -17.53 -17.28
C ALA E 309 45.97 -16.60 -16.27
N VAL E 310 46.67 -15.52 -15.94
CA VAL E 310 46.11 -14.55 -15.00
C VAL E 310 44.87 -13.86 -15.54
N PRO E 311 44.84 -13.39 -16.79
CA PRO E 311 43.63 -12.73 -17.30
C PRO E 311 42.44 -13.67 -17.41
N ALA E 312 42.62 -14.99 -17.24
CA ALA E 312 41.46 -15.86 -17.09
C ALA E 312 41.13 -16.18 -15.63
N ARG E 313 42.13 -16.16 -14.76
CA ARG E 313 41.91 -16.56 -13.37
C ARG E 313 41.24 -15.46 -12.57
N VAL E 314 41.64 -14.22 -12.80
CA VAL E 314 41.22 -13.09 -11.96
C VAL E 314 39.79 -12.71 -12.33
N PRO E 315 39.45 -12.50 -13.62
CA PRO E 315 38.08 -12.05 -13.90
C PRO E 315 37.03 -13.08 -13.51
N LEU E 316 37.39 -14.37 -13.51
CA LEU E 316 36.45 -15.41 -13.07
C LEU E 316 36.12 -15.22 -11.61
N GLY E 317 37.13 -14.98 -10.79
CA GLY E 317 36.90 -14.77 -9.38
C GLY E 317 36.09 -13.53 -9.08
N ILE E 318 36.43 -12.41 -9.74
CA ILE E 318 35.75 -11.15 -9.45
C ILE E 318 34.30 -11.21 -9.94
N THR E 319 34.06 -11.89 -11.06
CA THR E 319 32.69 -12.02 -11.55
C THR E 319 31.88 -12.98 -10.67
N THR E 320 32.53 -14.00 -10.11
CA THR E 320 31.85 -14.86 -9.15
C THR E 320 31.46 -14.07 -7.91
N VAL E 321 32.34 -13.19 -7.44
CA VAL E 321 32.00 -12.35 -6.29
C VAL E 321 30.83 -11.43 -6.62
N LEU E 322 30.84 -10.84 -7.82
CA LEU E 322 29.74 -9.97 -8.23
C LEU E 322 28.43 -10.74 -8.29
N THR E 323 28.48 -11.96 -8.83
CA THR E 323 27.25 -12.74 -8.96
C THR E 323 26.74 -13.16 -7.59
N MET E 324 27.65 -13.52 -6.67
CA MET E 324 27.21 -13.84 -5.32
C MET E 324 26.56 -12.64 -4.65
N SER E 325 27.15 -11.45 -4.80
CA SER E 325 26.57 -10.26 -4.20
C SER E 325 25.18 -9.97 -4.76
N THR E 326 25.02 -10.08 -6.08
CA THR E 326 23.73 -9.83 -6.70
C THR E 326 22.69 -10.84 -6.23
N ILE E 327 23.08 -12.11 -6.10
CA ILE E 327 22.16 -13.14 -5.62
C ILE E 327 21.73 -12.85 -4.20
N ILE E 328 22.67 -12.42 -3.35
CA ILE E 328 22.33 -12.14 -1.95
C ILE E 328 21.39 -10.96 -1.88
N THR E 329 21.63 -9.94 -2.70
CA THR E 329 20.76 -8.76 -2.69
C THR E 329 19.36 -9.13 -3.16
N GLY E 330 19.27 -9.98 -4.17
CA GLY E 330 17.99 -10.37 -4.72
C GLY E 330 17.22 -11.21 -3.73
N VAL E 331 17.92 -12.04 -2.98
CA VAL E 331 17.28 -12.90 -1.98
C VAL E 331 16.75 -12.05 -0.83
N ASN E 332 17.52 -11.04 -0.43
CA ASN E 332 17.13 -10.17 0.66
C ASN E 332 15.97 -9.28 0.25
N ALA E 333 15.86 -8.96 -1.04
CA ALA E 333 14.80 -8.08 -1.50
C ALA E 333 13.43 -8.75 -1.52
N SER E 334 13.37 -10.08 -1.43
CA SER E 334 12.12 -10.80 -1.57
C SER E 334 11.61 -11.40 -0.26
N MET E 335 12.31 -11.22 0.83
CA MET E 335 11.90 -11.69 2.15
C MET E 335 11.18 -10.61 2.92
N PRO E 336 10.35 -11.01 3.89
CA PRO E 336 9.65 -10.02 4.72
C PRO E 336 10.63 -9.21 5.54
N ARG E 337 10.30 -7.92 5.73
CA ARG E 337 11.23 -7.01 6.39
C ARG E 337 11.23 -7.24 7.90
N VAL E 338 12.00 -8.24 8.32
CA VAL E 338 12.20 -8.57 9.73
C VAL E 338 13.67 -8.31 10.05
N SER E 339 13.92 -7.43 11.01
CA SER E 339 15.26 -6.88 11.23
C SER E 339 15.96 -7.60 12.37
N TYR E 340 16.28 -8.88 12.12
CA TYR E 340 17.24 -9.60 12.95
C TYR E 340 17.77 -10.80 12.18
N ILE E 341 18.81 -11.42 12.75
CA ILE E 341 19.59 -12.43 12.04
C ILE E 341 18.79 -13.72 11.86
N LYS E 342 18.88 -14.31 10.68
CA LYS E 342 18.24 -15.58 10.36
C LYS E 342 19.29 -16.54 9.83
N ALA E 343 18.95 -17.84 9.84
CA ALA E 343 19.92 -18.85 9.45
C ALA E 343 20.29 -18.74 7.97
N VAL E 344 19.34 -18.35 7.12
CA VAL E 344 19.65 -18.23 5.71
C VAL E 344 20.74 -17.18 5.47
N ASP E 345 20.68 -16.07 6.21
CA ASP E 345 21.72 -15.06 6.14
C ASP E 345 23.07 -15.63 6.51
N ILE E 346 23.11 -16.48 7.53
CA ILE E 346 24.38 -17.05 7.98
C ILE E 346 24.96 -17.94 6.90
N TYR E 347 24.10 -18.71 6.23
CA TYR E 347 24.53 -19.60 5.15
C TYR E 347 25.09 -18.78 4.00
N LEU E 348 24.38 -17.70 3.63
CA LEU E 348 24.81 -16.91 2.49
C LEU E 348 26.13 -16.20 2.78
N TRP E 349 26.29 -15.67 4.00
CA TRP E 349 27.53 -14.96 4.33
C TRP E 349 28.71 -15.91 4.43
N VAL E 350 28.48 -17.14 4.91
CA VAL E 350 29.54 -18.13 4.92
C VAL E 350 29.97 -18.47 3.49
N SER E 351 29.01 -18.61 2.57
CA SER E 351 29.38 -18.81 1.17
C SER E 351 30.16 -17.62 0.62
N PHE E 352 29.76 -16.40 1.00
CA PHE E 352 30.50 -15.22 0.53
C PHE E 352 31.95 -15.23 1.02
N VAL E 353 32.16 -15.62 2.28
CA VAL E 353 33.51 -15.68 2.84
C VAL E 353 34.33 -16.73 2.10
N PHE E 354 33.74 -17.90 1.82
CA PHE E 354 34.42 -18.90 1.01
C PHE E 354 34.83 -18.34 -0.34
N VAL E 355 33.95 -17.56 -0.98
CA VAL E 355 34.26 -17.05 -2.31
C VAL E 355 35.41 -16.06 -2.24
N PHE E 356 35.45 -15.28 -1.17
CA PHE E 356 36.49 -14.28 -0.98
C PHE E 356 37.85 -14.96 -0.78
N LEU E 357 37.87 -16.03 0.02
CA LEU E 357 39.11 -16.76 0.24
C LEU E 357 39.60 -17.44 -1.04
N SER E 358 38.68 -17.84 -1.93
CA SER E 358 39.08 -18.49 -3.18
C SER E 358 39.89 -17.55 -4.05
N VAL E 359 39.71 -16.24 -3.87
CA VAL E 359 40.44 -15.23 -4.63
C VAL E 359 41.74 -14.86 -3.92
N LEU E 360 41.73 -14.77 -2.59
CA LEU E 360 42.96 -14.50 -1.86
C LEU E 360 44.00 -15.60 -2.11
N GLU E 361 43.55 -16.86 -2.20
CA GLU E 361 44.48 -17.96 -2.45
C GLU E 361 45.24 -17.76 -3.74
N TYR E 362 44.53 -17.48 -4.84
CA TYR E 362 45.23 -17.31 -6.12
C TYR E 362 46.11 -16.08 -6.12
N ALA E 363 45.70 -15.03 -5.39
CA ALA E 363 46.51 -13.83 -5.31
C ALA E 363 47.88 -14.13 -4.72
N ALA E 364 47.90 -14.94 -3.66
CA ALA E 364 49.17 -15.26 -3.01
C ALA E 364 49.99 -16.22 -3.86
N VAL E 365 49.30 -17.09 -4.61
CA VAL E 365 49.96 -18.03 -5.50
C VAL E 365 50.66 -17.29 -6.63
N ASN E 366 49.99 -16.29 -7.20
CA ASN E 366 50.59 -15.45 -8.22
C ASN E 366 51.78 -14.66 -7.69
N TYR E 367 51.65 -14.11 -6.47
CA TYR E 367 52.75 -13.33 -5.89
C TYR E 367 53.98 -14.21 -5.67
N LEU E 368 53.76 -15.41 -5.14
CA LEU E 368 54.87 -16.33 -4.91
C LEU E 368 55.54 -16.73 -6.21
N THR E 369 54.74 -17.01 -7.25
CA THR E 369 55.31 -17.41 -8.53
C THR E 369 56.16 -16.30 -9.12
N THR E 370 55.67 -15.05 -9.04
CA THR E 370 56.44 -13.92 -9.54
C THR E 370 57.75 -13.76 -8.78
N VAL E 371 57.72 -13.92 -7.45
CA VAL E 371 58.92 -13.77 -6.65
C VAL E 371 59.94 -14.85 -7.00
N GLN E 372 59.49 -16.09 -7.17
CA GLN E 372 60.40 -17.17 -7.54
C GLN E 372 61.01 -16.93 -8.91
N GLU E 373 60.21 -16.50 -9.88
CA GLU E 373 60.75 -16.24 -11.21
C GLU E 373 61.77 -15.11 -11.18
N ARG E 374 61.51 -14.07 -10.40
CA ARG E 374 62.42 -12.94 -10.32
C ARG E 374 63.74 -13.35 -9.67
N LYS E 375 63.67 -14.18 -8.62
CA LYS E 375 64.90 -14.63 -7.98
C LYS E 375 65.73 -15.50 -8.93
N GLU E 376 65.07 -16.42 -9.63
CA GLU E 376 65.73 -17.31 -10.57
C GLU E 376 66.42 -16.52 -11.68
N GLN E 377 65.74 -15.49 -12.21
CA GLN E 377 66.34 -14.65 -13.22
C GLN E 377 67.52 -13.86 -12.66
N LYS E 378 67.43 -13.41 -11.42
CA LYS E 378 68.51 -12.63 -10.83
C LYS E 378 69.74 -13.50 -10.60
N LEU E 379 69.53 -14.78 -10.29
CA LEU E 379 70.64 -15.67 -9.99
C LEU E 379 71.55 -15.85 -11.20
N ARG E 380 70.95 -16.01 -12.38
CA ARG E 380 71.74 -16.11 -13.61
C ARG E 380 72.28 -14.75 -14.03
N ASP E 451 54.47 -27.53 -13.99
CA ASP E 451 54.06 -28.19 -12.76
C ASP E 451 52.94 -27.43 -12.07
N THR E 452 52.41 -28.02 -11.01
CA THR E 452 51.32 -27.42 -10.24
C THR E 452 51.83 -26.98 -8.87
N HIS E 453 51.42 -25.78 -8.46
CA HIS E 453 51.87 -25.24 -7.18
C HIS E 453 51.19 -26.01 -6.06
N ALA E 454 51.93 -26.21 -4.96
CA ALA E 454 51.40 -27.02 -3.87
C ALA E 454 50.16 -26.39 -3.25
N ILE E 455 50.05 -25.07 -3.30
CA ILE E 455 48.87 -24.44 -2.71
C ILE E 455 47.60 -24.92 -3.42
N ASP E 456 47.67 -25.08 -4.75
CA ASP E 456 46.48 -25.49 -5.49
C ASP E 456 46.13 -26.93 -5.14
N LYS E 457 47.15 -27.78 -5.08
CA LYS E 457 47.00 -29.19 -4.72
C LYS E 457 46.33 -29.36 -3.37
N TYR E 458 46.72 -28.54 -2.38
CA TYR E 458 46.16 -28.70 -1.05
C TYR E 458 44.78 -28.07 -0.96
N SER E 459 44.57 -26.96 -1.67
CA SER E 459 43.27 -26.32 -1.64
C SER E 459 42.19 -27.18 -2.29
N ARG E 460 42.54 -27.92 -3.34
CA ARG E 460 41.57 -28.74 -4.04
C ARG E 460 40.93 -29.75 -3.09
N ILE E 461 41.67 -30.13 -2.06
CA ILE E 461 41.18 -31.06 -1.06
C ILE E 461 40.58 -30.33 0.13
N ILE E 462 41.17 -29.19 0.50
CA ILE E 462 40.78 -28.57 1.76
C ILE E 462 39.40 -27.92 1.62
N PHE E 463 39.19 -27.18 0.53
CA PHE E 463 37.96 -26.40 0.39
C PHE E 463 36.70 -27.26 0.40
N PRO E 464 36.59 -28.34 -0.39
CA PRO E 464 35.33 -29.11 -0.36
C PRO E 464 35.07 -29.79 0.98
N ALA E 465 36.11 -30.28 1.65
CA ALA E 465 35.96 -30.90 2.96
C ALA E 465 35.45 -29.92 3.99
N ALA E 466 35.99 -28.69 3.96
CA ALA E 466 35.55 -27.68 4.92
C ALA E 466 34.11 -27.30 4.68
N TYR E 467 33.72 -27.15 3.41
CA TYR E 467 32.34 -26.82 3.08
C TYR E 467 31.41 -27.95 3.49
N ILE E 468 31.83 -29.20 3.29
CA ILE E 468 30.99 -30.34 3.67
C ILE E 468 30.82 -30.37 5.18
N LEU E 469 31.90 -30.11 5.92
CA LEU E 469 31.86 -30.11 7.39
C LEU E 469 30.92 -29.02 7.89
N PHE E 470 30.99 -27.84 7.26
CA PHE E 470 30.12 -26.73 7.63
C PHE E 470 28.66 -27.08 7.37
N ASN E 471 28.38 -27.69 6.22
CA ASN E 471 27.01 -28.11 5.91
C ASN E 471 26.51 -29.15 6.90
N LEU E 472 27.36 -30.09 7.27
CA LEU E 472 26.97 -31.11 8.24
C LEU E 472 26.61 -30.48 9.58
N ILE E 473 27.47 -29.57 10.08
CA ILE E 473 27.19 -28.92 11.35
C ILE E 473 25.92 -28.08 11.26
N TYR E 474 25.75 -27.36 10.14
CA TYR E 474 24.62 -26.45 9.98
C TYR E 474 23.30 -27.21 9.96
N TRP E 475 23.26 -28.33 9.25
CA TRP E 475 22.07 -29.15 9.12
C TRP E 475 21.82 -30.04 10.34
N SER E 476 22.87 -30.26 11.14
CA SER E 476 22.71 -30.91 12.44
C SER E 476 22.12 -29.98 13.48
N ILE E 477 22.46 -28.69 13.44
CA ILE E 477 21.93 -27.75 14.42
C ILE E 477 20.48 -27.38 14.10
N PHE E 478 20.22 -27.00 12.85
CA PHE E 478 18.90 -26.53 12.43
C PHE E 478 18.01 -27.65 11.90
N SER E 479 18.42 -28.90 12.04
CA SER E 479 17.64 -30.05 11.59
C SER E 479 17.36 -30.04 10.09
C1 NAG F . -20.89 -4.70 55.82
C2 NAG F . -20.56 -3.34 56.45
C3 NAG F . -21.19 -3.09 57.83
C4 NAG F . -22.66 -3.46 57.82
C5 NAG F . -22.81 -4.91 57.33
C6 NAG F . -24.27 -5.31 57.24
C7 NAG F . -18.51 -2.33 55.58
C8 NAG F . -17.02 -2.18 55.76
N2 NAG F . -19.14 -3.10 56.49
O3 NAG F . -21.00 -1.73 58.11
O4 NAG F . -23.14 -3.29 59.13
O5 NAG F . -22.25 -5.06 56.03
O6 NAG F . -24.43 -6.66 57.60
O7 NAG F . -19.09 -1.78 54.66
C1 NAG G . 8.55 6.96 38.70
C2 NAG G . 9.09 8.29 39.23
C3 NAG G . 10.13 8.84 38.26
C4 NAG G . 11.20 7.80 37.98
C5 NAG G . 10.55 6.47 37.55
C6 NAG G . 11.53 5.35 37.33
C7 NAG G . 7.40 9.38 40.63
C8 NAG G . 6.30 10.42 40.64
N2 NAG G . 8.03 9.23 39.45
O3 NAG G . 10.67 10.01 38.80
O4 NAG G . 12.04 8.31 36.98
O5 NAG G . 9.60 6.06 38.52
O6 NAG G . 12.59 5.78 36.51
O7 NAG G . 7.67 8.73 41.63
C01 P9N H . 47.02 -7.05 3.29
O01 P9N H . 47.84 -4.01 1.23
C02 P9N H . 47.87 -5.90 2.74
O02 P9N H . 51.27 -13.54 -0.67
C03 P9N H . 47.06 -5.08 1.76
C04 P9N H . 46.52 -5.95 0.65
C05 P9N H . 45.70 -7.14 1.18
C06 P9N H . 45.17 -7.99 0.04
C07 P9N H . 46.31 -8.70 -0.69
C08 P9N H . 47.16 -9.55 0.26
C09 P9N H . 47.65 -8.71 1.46
C10 P9N H . 46.49 -7.99 2.20
C11 P9N H . 48.57 -9.53 2.37
C12 P9N H . 49.75 -10.15 1.61
C13 P9N H . 49.31 -11.00 0.41
C14 P9N H . 48.38 -10.13 -0.46
C15 P9N H . 48.21 -10.96 -1.75
C16 P9N H . 49.59 -11.63 -1.93
C17 P9N H . 50.40 -11.32 -0.65
C18 P9N H . 48.61 -12.29 0.89
C19 P9N H . 45.55 -9.01 2.87
C20 P9N H . 51.38 -12.41 -0.27
C21 P9N H . 52.52 -12.01 0.63
C1 OCT I . 53.40 -10.75 4.83
C2 OCT I . 53.82 -9.58 3.92
C3 OCT I . 55.25 -9.79 3.40
C4 OCT I . 55.63 -8.66 2.45
C5 OCT I . 57.05 -8.78 1.87
C6 OCT I . 57.37 -7.65 0.88
C7 OCT I . 58.75 -7.86 0.26
C8 OCT I . 59.05 -6.78 -0.79
C1 D12 J . 44.21 7.44 0.72
C2 D12 J . 45.11 7.95 -0.42
C3 D12 J . 46.42 7.18 -0.46
C4 D12 J . 47.35 7.69 -1.58
C5 D12 J . 48.71 6.95 -1.60
C6 D12 J . 49.70 7.53 -2.63
C7 D12 J . 51.10 6.90 -2.54
C8 D12 J . 52.13 7.56 -3.49
C9 D12 J . 53.57 7.06 -3.29
C10 D12 J . 54.59 7.84 -4.15
C11 D12 J . 56.02 7.37 -3.87
C12 D12 J . 57.02 8.16 -4.72
C1 D10 K . 34.78 11.20 9.24
C2 D10 K . 33.30 11.28 9.62
C3 D10 K . 32.97 12.67 10.21
C4 D10 K . 31.51 12.73 10.70
C5 D10 K . 31.21 14.03 11.47
C6 D10 K . 29.89 13.97 12.27
C7 D10 K . 29.73 15.16 13.24
C8 D10 K . 28.60 14.92 14.25
C9 D10 K . 28.58 16.03 15.31
C10 D10 K . 27.53 15.73 16.40
C1 OCT L . 27.69 -0.35 19.95
C2 OCT L . 29.18 -0.38 19.61
C3 OCT L . 29.43 -1.11 18.29
C4 OCT L . 30.92 -1.12 17.95
C5 OCT L . 31.21 -1.86 16.63
C6 OCT L . 32.71 -1.86 16.30
C7 OCT L . 32.99 -2.61 14.99
C8 OCT L . 34.48 -2.61 14.66
C1 OCT M . 35.24 3.36 21.30
C2 OCT M . 36.45 3.07 20.41
C3 OCT M . 36.12 2.04 19.32
C4 OCT M . 37.33 1.75 18.43
C5 OCT M . 36.99 0.76 17.32
C6 OCT M . 38.20 0.51 16.40
C7 OCT M . 37.84 -0.39 15.20
C8 OCT M . 39.04 -0.58 14.28
C1 D10 N . 54.82 -5.31 2.50
C2 D10 N . 54.89 -4.90 3.98
C3 D10 N . 53.63 -5.39 4.71
C4 D10 N . 52.39 -4.85 4.02
C5 D10 N . 51.26 -4.73 5.04
C6 D10 N . 51.55 -3.58 6.00
C7 D10 N . 50.27 -3.19 6.74
C8 D10 N . 50.56 -2.04 7.70
C9 D10 N . 49.28 -1.68 8.46
C10 D10 N . 49.50 -0.39 9.24
C1 HEX O . 32.00 11.28 0.81
C2 HEX O . 31.92 12.57 1.63
C3 HEX O . 30.78 12.47 2.64
C4 HEX O . 30.75 13.73 3.48
C5 HEX O . 29.60 13.65 4.50
C6 HEX O . 29.54 14.94 5.31
C1 HEX P . 45.94 7.80 -5.77
C2 HEX P . 47.18 8.70 -5.85
C3 HEX P . 47.97 8.41 -7.14
C4 HEX P . 49.21 9.29 -7.19
C5 HEX P . 49.98 9.10 -8.50
C6 HEX P . 51.29 9.88 -8.41
C01 P9N Q . 42.63 14.25 -15.54
O01 P9N Q . 41.74 13.70 -19.17
C02 P9N Q . 42.72 14.40 -17.07
O02 P9N Q . 49.97 9.70 -14.43
C03 P9N Q . 41.65 13.58 -17.75
C04 P9N Q . 41.75 12.13 -17.33
C05 P9N Q . 41.69 11.95 -15.81
C06 P9N Q . 41.79 10.48 -15.42
C07 P9N Q . 43.17 9.92 -15.76
C08 P9N Q . 44.29 10.71 -15.09
C09 P9N Q . 44.17 12.21 -15.41
C10 P9N Q . 42.76 12.80 -15.07
C11 P9N Q . 45.33 13.02 -14.83
C12 P9N Q . 46.70 12.47 -15.26
C13 P9N Q . 46.88 10.98 -14.95
C14 P9N Q . 45.67 10.23 -15.56
C15 P9N Q . 46.06 8.75 -15.44
C16 P9N Q . 47.59 8.74 -15.65
C17 P9N Q . 48.01 10.24 -15.69
C18 P9N Q . 46.98 10.75 -13.43
C19 P9N Q . 42.52 12.75 -13.56
C20 P9N Q . 49.41 10.49 -15.16
C21 P9N Q . 50.09 11.75 -15.60
C1 OCT R . 28.61 -9.93 12.89
C2 OCT R . 29.14 -9.06 11.74
C3 OCT R . 30.32 -8.19 12.21
C4 OCT R . 30.80 -7.25 11.09
C5 OCT R . 31.85 -6.25 11.58
C6 OCT R . 32.04 -5.05 10.63
C7 OCT R . 33.04 -4.05 11.23
C8 OCT R . 33.28 -2.89 10.25
C1 OCT S . 28.43 16.55 -0.40
C2 OCT S . 28.45 15.98 -1.82
C3 OCT S . 28.91 17.04 -2.83
C4 OCT S . 28.85 16.51 -4.26
C5 OCT S . 29.12 17.60 -5.30
C6 OCT S . 28.67 17.22 -6.72
C7 OCT S . 28.90 18.38 -7.70
C8 OCT S . 28.51 17.97 -9.12
C1 NAG T . -18.03 42.00 38.57
C2 NAG T . -18.54 43.13 37.65
C3 NAG T . -19.28 44.25 38.40
C4 NAG T . -20.30 43.68 39.37
C5 NAG T . -19.60 42.70 40.31
C6 NAG T . -20.58 42.06 41.27
C7 NAG T . -17.35 43.30 35.54
C8 NAG T . -16.21 43.95 34.79
N2 NAG T . -17.50 43.66 36.82
O3 NAG T . -19.89 45.03 37.41
O4 NAG T . -20.87 44.78 40.06
O5 NAG T . -18.97 41.66 39.57
O6 NAG T . -19.98 41.85 42.53
O7 NAG T . -18.09 42.50 34.98
C1 NAG U . 0.92 39.41 8.06
C2 NAG U . 0.60 40.50 7.05
C3 NAG U . 1.22 40.13 5.70
C4 NAG U . 2.70 39.83 5.85
C5 NAG U . 2.91 38.79 6.96
C6 NAG U . 4.37 38.51 7.25
C7 NAG U . -1.49 41.63 7.66
C8 NAG U . -2.97 41.68 7.39
N2 NAG U . -0.81 40.71 6.94
O3 NAG U . 0.98 41.17 4.80
O4 NAG U . 3.17 39.36 4.61
O5 NAG U . 2.30 39.25 8.16
O6 NAG U . 5.05 38.23 6.05
O7 NAG U . -0.96 42.37 8.46
C1 OCT V . 49.88 16.19 -15.08
C2 OCT V . 49.64 15.92 -16.56
C3 OCT V . 50.97 15.80 -17.32
C4 OCT V . 50.71 15.46 -18.79
C5 OCT V . 51.99 15.31 -19.63
C6 OCT V . 51.68 14.92 -21.08
C7 OCT V . 52.99 14.69 -21.87
C8 OCT V . 52.70 14.22 -23.29
C1 D12 W . 32.40 16.17 -26.33
C2 D12 W . 32.93 15.60 -27.66
C3 D12 W . 34.46 15.67 -27.72
C4 D12 W . 35.01 15.12 -29.05
C5 D12 W . 36.53 15.25 -29.14
C6 D12 W . 37.10 14.82 -30.51
C7 D12 W . 38.62 15.10 -30.66
C8 D12 W . 39.14 14.77 -32.08
C9 D12 W . 40.61 15.20 -32.29
C10 D12 W . 41.07 15.00 -33.74
C11 D12 W . 42.50 15.51 -33.95
C12 D12 W . 42.95 15.32 -35.40
C1 D10 X . 22.01 22.30 -20.86
C2 D10 X . 20.71 22.25 -20.05
C3 D10 X . 19.64 23.15 -20.67
C4 D10 X . 18.37 23.18 -19.81
C5 D10 X . 17.36 24.23 -20.31
C6 D10 X . 16.25 24.54 -19.28
C7 D10 X . 15.40 25.78 -19.65
C8 D10 X . 14.53 26.26 -18.49
C9 D10 X . 13.83 27.58 -18.83
C10 D10 X . 13.07 28.14 -17.63
C1 OCT Y . 21.92 25.76 -3.93
C2 OCT Y . 23.19 25.88 -4.77
C3 OCT Y . 23.88 24.52 -4.93
C4 OCT Y . 25.14 24.65 -5.79
C5 OCT Y . 25.87 23.31 -5.95
C6 OCT Y . 27.14 23.45 -6.81
C7 OCT Y . 27.85 22.11 -6.97
C8 OCT Y . 29.11 22.25 -7.84
C1 OCT Z . 26.06 30.45 -9.71
C2 OCT Z . 27.27 29.91 -10.47
C3 OCT Z . 27.63 28.49 -10.01
C4 OCT Z . 28.85 27.96 -10.78
C5 OCT Z . 29.18 26.51 -10.38
C6 OCT Z . 30.36 25.96 -11.18
C7 OCT Z . 30.64 24.49 -10.86
C8 OCT Z . 31.79 23.95 -11.71
C1 D10 AA . 48.18 16.44 -20.91
C2 D10 AA . 47.92 17.90 -20.60
C3 D10 AA . 47.12 18.03 -19.30
C4 D10 AA . 45.82 17.24 -19.43
C5 D10 AA . 44.76 17.84 -18.52
C6 D10 AA . 44.31 19.19 -19.10
C7 D10 AA . 42.99 19.60 -18.46
C8 D10 AA . 42.54 20.95 -19.02
C9 D10 AA . 41.23 21.37 -18.35
C10 D10 AA . 40.66 22.58 -19.07
C1 HEX BA . 20.13 14.01 -23.40
C2 HEX BA . 19.31 15.17 -23.97
C3 HEX BA . 18.36 15.70 -22.89
C4 HEX BA . 17.58 16.88 -23.46
C5 HEX BA . 16.62 17.42 -22.40
C6 HEX BA . 15.81 18.58 -22.99
C1 HEX CA . 34.01 11.02 -30.35
C2 HEX CA . 34.54 11.62 -31.65
C3 HEX CA . 35.43 10.61 -32.38
C4 HEX CA . 35.97 11.23 -33.68
C5 HEX CA . 36.78 10.22 -34.47
C6 HEX CA . 37.44 10.96 -35.64
C01 P9N DA . 28.25 3.58 -38.20
O01 P9N DA . 28.05 -0.11 -38.93
C02 P9N DA . 28.34 2.29 -39.03
O02 P9N DA . 36.78 5.24 -37.82
C03 P9N DA . 27.94 1.10 -38.18
C04 P9N DA . 28.82 1.01 -36.94
C05 P9N DA . 28.78 2.31 -36.12
C06 P9N DA . 29.66 2.20 -34.88
C07 P9N DA . 31.13 2.12 -35.28
C08 P9N DA . 31.57 3.31 -36.13
C09 P9N DA . 30.65 3.48 -37.35
C10 P9N DA . 29.14 3.56 -36.96
C11 P9N DA . 31.12 4.61 -38.26
C12 P9N DA . 32.57 4.45 -38.69
C13 P9N DA . 33.54 4.29 -37.51
C14 P9N DA . 33.01 3.14 -36.63
C15 P9N DA . 34.16 2.88 -35.64
C16 P9N DA . 35.43 3.14 -36.48
C17 P9N DA . 34.95 3.71 -37.83
C18 P9N DA . 33.67 5.61 -36.73
C19 P9N DA . 28.86 4.84 -36.14
C20 P9N DA . 35.93 4.68 -38.47
C21 P9N DA . 35.80 4.90 -39.94
C1 OCT EA . 14.31 13.73 -26.24
C2 OCT EA . 14.72 12.27 -26.46
C3 OCT EA . 14.57 11.88 -27.94
C4 OCT EA . 14.90 10.39 -28.15
C5 OCT EA . 14.58 9.92 -29.57
C6 OCT EA . 14.50 8.40 -29.72
C7 OCT EA . 14.10 7.99 -31.14
C8 OCT EA . 14.08 6.47 -31.28
C1 NAG FA . -40.82 43.36 -6.19
C2 NAG FA . -41.83 42.78 -7.21
C3 NAG FA . -43.12 43.58 -7.38
C4 NAG FA . -43.69 43.98 -6.02
C5 NAG FA . -42.62 44.70 -5.20
C6 NAG FA . -43.13 45.06 -3.83
C7 NAG FA . -40.80 41.27 -8.83
C8 NAG FA . -40.18 41.17 -10.21
N2 NAG FA . -41.21 42.52 -8.47
O3 NAG FA . -44.00 42.78 -8.11
O4 NAG FA . -44.82 44.78 -6.27
O5 NAG FA . -41.47 43.88 -5.05
O6 NAG FA . -42.61 46.29 -3.41
O7 NAG FA . -40.92 40.30 -8.11
C1 NAG GA . -21.81 20.74 -26.74
C2 NAG GA . -22.61 20.09 -27.87
C3 NAG GA . -21.81 18.94 -28.47
C4 NAG GA . -20.43 19.43 -28.90
C5 NAG GA . -19.75 20.14 -27.73
C6 NAG GA . -18.40 20.74 -28.10
C7 NAG GA . -25.02 20.40 -27.45
C8 NAG GA . -26.25 19.74 -26.88
N2 NAG GA . -23.89 19.66 -27.39
O3 NAG GA . -22.53 18.42 -29.55
O4 NAG GA . -19.70 18.30 -29.31
O5 NAG GA . -20.58 21.19 -27.26
O6 NAG GA . -17.60 19.77 -28.73
O7 NAG GA . -25.04 21.52 -27.92
C1 OCT HA . 33.09 6.77 -42.98
C2 OCT HA . 33.14 5.28 -43.30
C3 OCT HA . 34.35 4.95 -44.18
C4 OCT HA . 34.42 3.45 -44.45
C5 OCT HA . 35.62 3.03 -45.32
C6 OCT HA . 35.68 1.51 -45.51
C7 OCT HA . 36.93 1.11 -46.32
C8 OCT HA . 37.04 -0.41 -46.44
C1 D12 IA . 19.42 -8.48 -39.43
C2 D12 IA . 20.26 -9.70 -39.82
C3 D12 IA . 21.48 -9.28 -40.65
C4 D12 IA . 22.33 -10.50 -41.08
C5 D12 IA . 23.52 -10.08 -41.96
C6 D12 IA . 24.32 -11.28 -42.51
C7 D12 IA . 25.42 -10.89 -43.52
C8 D12 IA . 26.14 -12.10 -44.15
C9 D12 IA . 27.12 -11.72 -45.28
C10 D12 IA . 27.70 -12.95 -45.98
C11 D12 IA . 28.61 -12.54 -47.14
C12 D12 IA . 29.18 -13.78 -47.85
C1 D10 JA . 7.06 -4.62 -36.65
C2 D10 JA . 5.97 -4.29 -35.63
C3 D10 JA . 4.61 -4.86 -36.06
C4 D10 JA . 3.49 -4.46 -35.10
C5 D10 JA . 2.10 -4.86 -35.61
C6 D10 JA . 0.94 -4.15 -34.86
C7 D10 JA . -0.42 -4.34 -35.56
C8 D10 JA . -1.49 -3.39 -34.99
C9 D10 JA . -2.79 -3.46 -35.81
C10 D10 JA . -3.80 -2.42 -35.33
C1 OCT KA . 3.95 11.68 -31.82
C2 OCT KA . 4.99 11.34 -32.89
C3 OCT KA . 6.33 10.95 -32.27
C4 OCT KA . 7.35 10.60 -33.35
C5 OCT KA . 8.72 10.22 -32.76
C6 OCT KA . 9.74 9.87 -33.86
C7 OCT KA . 11.08 9.50 -33.25
C8 OCT KA . 12.10 9.14 -34.34
C1 OCT LA . 5.09 9.27 -39.91
C2 OCT LA . 6.45 8.76 -40.43
C3 OCT LA . 7.51 8.81 -39.31
C4 OCT LA . 8.85 8.31 -39.84
C5 OCT LA . 9.92 8.29 -38.72
C6 OCT LA . 11.26 7.74 -39.23
C7 OCT LA . 12.29 7.62 -38.10
C8 OCT LA . 13.60 7.02 -38.62
C1 D10 MA . 31.93 1.12 -44.89
C2 D10 MA . 30.87 1.81 -45.74
C3 D10 MA . 30.06 2.77 -44.88
C4 D10 MA . 29.44 2.02 -43.71
C5 D10 MA . 28.16 2.72 -43.26
C6 D10 MA . 27.07 2.51 -44.31
C7 D10 MA . 25.71 2.83 -43.70
C8 D10 MA . 24.61 2.65 -44.76
C9 D10 MA . 23.26 3.00 -44.15
C10 D10 MA . 22.15 2.58 -45.11
C1 HEX NA . 10.33 -10.19 -30.57
C2 HEX NA . 9.05 -10.54 -31.30
C3 HEX NA . 7.90 -9.69 -30.78
C4 HEX NA . 6.62 -10.04 -31.54
C5 HEX NA . 5.46 -9.19 -31.02
C6 HEX NA . 4.17 -9.58 -31.76
C1 HEX OA . 23.90 -13.31 -38.06
C2 HEX OA . 24.09 -14.12 -39.34
C3 HEX OA . 25.43 -14.84 -39.32
C4 HEX OA . 25.61 -15.63 -40.62
C5 HEX OA . 26.90 -16.46 -40.60
C6 HEX OA . 27.11 -17.06 -41.99
C01 P9N PA . 23.63 -24.49 -33.38
O01 P9N PA . 25.56 -26.50 -30.84
C02 P9N PA . 24.47 -25.65 -32.82
O02 P9N PA . 29.77 -21.05 -38.50
C03 P9N PA . 24.76 -25.43 -31.35
C04 P9N PA . 25.47 -24.11 -31.15
C05 P9N PA . 24.67 -22.94 -31.72
C06 P9N PA . 25.40 -21.61 -31.50
C07 P9N PA . 26.68 -21.55 -32.31
C08 P9N PA . 26.43 -21.76 -33.81
C09 P9N PA . 25.64 -23.06 -34.05
C10 P9N PA . 24.32 -23.12 -33.22
C11 P9N PA . 25.45 -23.33 -35.54
C12 P9N PA . 26.78 -23.35 -36.31
C13 P9N PA . 27.60 -22.06 -36.11
C14 P9N PA . 27.75 -21.85 -34.59
C15 P9N PA . 28.79 -20.72 -34.48
C16 P9N PA . 29.76 -21.00 -35.66
C17 P9N PA . 29.10 -22.13 -36.49
C18 P9N PA . 26.92 -20.86 -36.80
C19 P9N PA . 23.34 -22.03 -33.67
C20 P9N PA . 29.40 -22.07 -37.97
C21 P9N PA . 29.26 -23.34 -38.76
C1 OCT QA . 5.89 -14.54 -28.78
C2 OCT QA . 7.06 -15.09 -27.98
C3 OCT QA . 7.26 -16.58 -28.25
C4 OCT QA . 8.37 -17.18 -27.37
C5 OCT QA . 8.47 -18.71 -27.49
C6 OCT QA . 9.27 -19.36 -26.35
C7 OCT QA . 9.25 -20.88 -26.48
C8 OCT QA . 10.11 -21.52 -25.38
C1 NAG RA . -57.52 -2.37 -15.98
C2 NAG RA . -57.97 -3.77 -15.52
C3 NAG RA . -59.47 -4.02 -15.60
C4 NAG RA . -60.25 -2.85 -15.00
C5 NAG RA . -59.80 -1.55 -15.68
C6 NAG RA . -60.50 -0.36 -15.08
C7 NAG RA . -56.20 -5.45 -15.61
C8 NAG RA . -55.54 -6.52 -16.45
N2 NAG RA . -57.24 -4.81 -16.19
O3 NAG RA . -59.73 -5.21 -14.90
O4 NAG RA . -61.62 -3.12 -15.18
O5 NAG RA . -58.41 -1.37 -15.53
O6 NAG RA . -60.78 0.61 -16.06
O7 NAG RA . -55.79 -5.19 -14.49
C1 NAG SA . -28.05 -23.00 -17.34
C2 NAG SA . -28.30 -24.47 -16.99
C3 NAG SA . -26.97 -25.18 -16.77
C4 NAG SA . -26.07 -24.98 -17.98
C5 NAG SA . -25.95 -23.48 -18.32
C6 NAG SA . -25.15 -23.20 -19.56
C7 NAG SA . -30.48 -24.70 -15.88
C8 NAG SA . -31.18 -24.79 -14.54
N2 NAG SA . -29.14 -24.58 -15.83
O3 NAG SA . -27.21 -26.53 -16.53
O4 NAG SA . -24.81 -25.53 -17.67
O5 NAG SA . -27.26 -22.93 -18.49
O6 NAG SA . -23.91 -23.88 -19.51
O7 NAG SA . -31.11 -24.72 -16.93
C1 OCT TA . 26.15 -26.18 -40.27
C2 OCT TA . 27.03 -26.98 -39.30
C3 OCT TA . 28.26 -27.51 -40.04
C4 OCT TA . 29.18 -28.26 -39.06
C5 OCT TA . 30.45 -28.84 -39.71
C6 OCT TA . 31.36 -29.52 -38.67
C7 OCT TA . 32.65 -30.01 -39.34
C8 OCT TA . 33.60 -30.62 -38.31
C1 D12 UA . 23.08 -32.43 -20.68
C2 D12 UA . 24.47 -32.97 -20.34
C3 D12 UA . 25.30 -33.19 -21.61
C4 D12 UA . 26.70 -33.76 -21.29
C5 D12 UA . 27.51 -34.04 -22.58
C6 D12 UA . 28.87 -34.71 -22.29
C7 D12 UA . 29.62 -35.14 -23.58
C8 D12 UA . 30.92 -35.92 -23.28
C9 D12 UA . 31.58 -36.50 -24.55
C10 D12 UA . 32.79 -37.40 -24.22
C11 D12 UA . 33.38 -38.02 -25.49
C12 D12 UA . 34.58 -38.91 -25.15
C1 D10 VA . 10.52 -32.25 -16.45
C2 D10 VA . 9.39 -31.54 -15.71
C3 D10 VA . 8.60 -32.54 -14.85
C4 D10 VA . 7.39 -31.86 -14.18
C5 D10 VA . 6.48 -32.88 -13.45
C6 D10 VA . 5.10 -32.29 -13.09
C7 D10 VA . 4.11 -33.38 -12.62
C8 D10 VA . 2.66 -32.85 -12.57
C9 D10 VA . 1.67 -33.99 -12.27
C10 D10 VA . 0.22 -33.50 -12.36
C1 OCT WA . -1.37 -23.11 -25.05
C2 OCT WA . -0.27 -23.90 -25.77
C3 OCT WA . 1.03 -23.07 -25.83
C4 OCT WA . 2.13 -23.86 -26.54
C5 OCT WA . 3.44 -23.07 -26.63
C6 OCT WA . 4.54 -23.86 -27.36
C7 OCT WA . 5.84 -23.05 -27.44
C8 OCT WA . 6.94 -23.86 -28.15
C1 OCT XA . 1.36 -30.82 -27.47
C2 OCT XA . 2.79 -31.06 -27.96
C3 OCT XA . 3.59 -29.74 -28.00
C4 OCT XA . 5.01 -29.99 -28.50
C5 OCT XA . 5.84 -28.69 -28.48
C6 OCT XA . 7.29 -28.94 -28.93
C7 OCT XA . 8.15 -27.67 -28.81
C8 OCT XA . 9.60 -27.96 -29.22
C1 D10 YA . 28.42 -30.21 -36.33
C2 D10 YA . 27.20 -31.03 -36.74
C3 D10 YA . 25.94 -30.16 -36.68
C4 D10 YA . 25.79 -29.57 -35.28
C5 D10 YA . 24.32 -29.31 -35.00
C6 D10 YA . 23.58 -30.64 -34.81
C7 D10 YA . 22.24 -30.38 -34.12
C8 D10 YA . 21.50 -31.71 -33.95
C9 D10 YA . 20.15 -31.44 -33.30
C10 D10 YA . 19.50 -32.77 -32.89
C1 HEX ZA . 16.00 -27.85 -11.04
C2 HEX ZA . 15.18 -29.00 -10.49
C3 HEX ZA . 13.71 -28.57 -10.34
C4 HEX ZA . 12.89 -29.76 -9.83
C5 HEX ZA . 11.43 -29.33 -9.68
C6 HEX ZA . 10.63 -30.50 -9.12
C1 HEX AB . 29.40 -31.60 -18.54
C2 HEX AB . 30.08 -32.97 -18.60
C3 HEX AB . 31.60 -32.82 -18.69
C4 HEX AB . 32.26 -34.20 -18.77
C5 HEX AB . 33.78 -34.08 -18.76
C6 HEX AB . 34.36 -35.47 -19.03
C01 P9N BB . 35.24 -31.15 -7.67
O01 P9N BB . 37.81 -29.01 -5.93
C02 P9N BB . 36.54 -30.81 -6.94
O02 P9N BB . 38.72 -32.72 -15.49
C03 P9N BB . 36.57 -29.34 -6.60
C04 P9N BB . 36.41 -28.49 -7.84
C05 P9N BB . 35.13 -28.83 -8.60
C06 P9N BB . 34.98 -27.97 -9.85
C07 P9N BB . 36.06 -28.30 -10.87
C08 P9N BB . 36.06 -29.78 -11.26
C09 P9N BB . 36.14 -30.67 -10.01
C10 P9N BB . 35.04 -30.34 -8.96
C11 P9N BB . 36.23 -32.15 -10.39
C12 P9N BB . 37.38 -32.45 -11.35
C13 P9N BB . 37.33 -31.59 -12.62
C14 P9N BB . 37.25 -30.11 -12.17
C15 P9N BB . 37.48 -29.32 -13.48
C16 P9N BB . 38.50 -30.19 -14.25
C17 P9N BB . 38.65 -31.50 -13.45
C18 P9N BB . 36.15 -31.99 -13.52
C19 P9N BB . 33.64 -30.67 -9.52
C20 P9N BB . 38.95 -32.72 -14.31
C21 P9N BB . 39.58 -33.89 -13.63
C1 OCT CB . 14.63 -29.11 -4.83
C2 OCT CB . 15.87 -28.24 -4.61
C3 OCT CB . 16.88 -28.95 -3.70
C4 OCT CB . 18.09 -28.05 -3.39
C5 OCT CB . 19.02 -28.67 -2.33
C6 OCT CB . 19.98 -27.65 -1.71
C7 OCT CB . 20.83 -28.31 -0.61
C8 OCT CB . 21.84 -27.31 -0.03
C1 NAG DB . -45.35 -32.07 22.03
C2 NAG DB . -44.97 -32.26 23.51
C3 NAG DB . -46.08 -32.87 24.38
C4 NAG DB . -47.41 -32.16 24.13
C5 NAG DB . -47.72 -32.20 22.64
C6 NAG DB . -49.00 -31.46 22.33
C7 NAG DB . -42.56 -32.40 23.89
C8 NAG DB . -41.37 -33.33 24.02
N2 NAG DB . -43.74 -33.01 23.65
O3 NAG DB . -45.66 -32.72 25.72
O4 NAG DB . -48.38 -32.83 24.90
O5 NAG DB . -46.67 -31.59 21.89
O6 NAG DB . -49.70 -32.09 21.29
O7 NAG DB . -42.44 -31.20 24.00
C1 NAG EB . -9.36 -31.61 23.00
C2 NAG EB . -8.78 -31.88 24.39
C3 NAG EB . -7.30 -31.53 24.38
C4 NAG EB . -6.58 -32.28 23.26
C5 NAG EB . -7.31 -32.04 21.93
C6 NAG EB . -6.72 -32.81 20.76
C7 NAG EB . -10.53 -31.62 26.09
C8 NAG EB . -11.13 -30.66 27.09
N2 NAG EB . -9.49 -31.12 25.39
O3 NAG EB . -6.76 -31.85 25.63
O4 NAG EB . -5.25 -31.81 23.22
O5 NAG EB . -8.67 -32.39 22.06
O6 NAG EB . -5.32 -32.63 20.73
O7 NAG EB . -10.97 -32.74 25.94
C1 OCT FB . 38.68 -37.12 -10.67
C2 OCT FB . 39.80 -36.28 -10.06
C3 OCT FB . 41.17 -36.76 -10.57
C4 OCT FB . 42.28 -35.86 -9.99
C5 OCT FB . 43.69 -36.27 -10.46
C6 OCT FB . 44.77 -35.31 -9.91
C7 OCT FB . 46.15 -35.69 -10.46
C8 OCT FB . 47.21 -34.69 -9.99
C1 D12 GB . 38.43 -22.70 4.28
C2 D12 GB . 39.87 -22.16 4.19
C3 D12 GB . 40.75 -23.14 3.39
C4 D12 GB . 42.20 -22.62 3.29
C5 D12 GB . 43.11 -23.62 2.54
C6 D12 GB . 44.59 -23.20 2.53
C7 D12 GB . 45.53 -24.27 1.93
C8 D12 GB . 47.03 -23.90 2.03
C9 D12 GB . 47.98 -25.03 1.59
C10 D12 GB . 49.45 -24.68 1.83
C11 D12 GB . 50.36 -25.85 1.45
C12 D12 GB . 51.84 -25.50 1.71
C1 D10 HB . 27.67 -22.58 12.02
C2 D10 HB . 26.29 -22.01 12.36
C3 D10 HB . 26.14 -21.80 13.88
C4 D10 HB . 24.73 -21.34 14.24
C5 D10 HB . 24.49 -21.31 15.76
C6 D10 HB . 23.00 -21.20 16.15
C7 D10 HB . 22.75 -21.44 17.65
C8 D10 HB . 21.26 -21.65 17.96
C9 D10 HB . 21.06 -22.06 19.43
C10 D10 HB . 19.59 -22.40 19.71
C1 OCT IB . 13.26 -30.64 6.93
C2 OCT IB . 14.64 -31.23 6.66
C3 OCT IB . 15.27 -30.62 5.41
C4 OCT IB . 16.68 -31.20 5.15
C5 OCT IB . 17.32 -30.62 3.88
C6 OCT IB . 18.72 -31.21 3.64
C7 OCT IB . 19.35 -30.62 2.38
C8 OCT IB . 20.75 -31.21 2.14
C1 OCT JB . 19.96 -34.63 10.38
C2 OCT JB . 21.31 -34.72 9.65
C3 OCT JB . 21.23 -34.08 8.27
C4 OCT JB . 22.58 -34.18 7.54
C5 OCT JB . 22.55 -33.47 6.17
C6 OCT JB . 23.91 -33.53 5.47
C7 OCT JB . 23.92 -32.74 4.16
C8 OCT JB . 25.30 -32.78 3.50
C1 D10 KB . 42.58 -34.31 -6.94
C2 D10 KB . 42.05 -35.33 -5.92
C3 D10 KB . 40.52 -35.35 -5.95
C4 D10 KB . 39.98 -33.95 -5.70
C5 D10 KB . 38.59 -34.04 -5.07
C6 D10 KB . 38.71 -34.55 -3.64
C7 D10 KB . 37.42 -34.24 -2.88
C8 D10 KB . 37.53 -34.75 -1.45
C9 D10 KB . 36.22 -34.48 -0.71
C10 D10 KB . 36.40 -34.76 0.78
C1 HEX LB . 29.43 -14.62 8.50
C2 HEX LB . 29.35 -14.77 10.02
C3 HEX LB . 27.90 -14.93 10.45
C4 HEX LB . 27.84 -15.12 11.97
C5 HEX LB . 26.39 -15.27 12.41
C6 HEX LB . 26.33 -15.40 13.93
C1 HEX MB . 43.08 -18.63 1.60
C2 HEX MB . 44.40 -18.96 2.29
C3 HEX MB . 45.58 -18.53 1.41
C4 HEX MB . 46.90 -18.88 2.10
C5 HEX MB . 48.09 -18.38 1.30
C6 HEX MB . 49.36 -18.92 1.96
#